data_2KTD
#
_entry.id   2KTD
#
loop_
_entity.id
_entity.type
_entity.pdbx_description
1 polymer 'Prostaglandin-H2 D-isomerase'
2 non-polymer '(5Z)-7-{(1R,4S,5S,6R)-6-[(1E,3S)-3-hydroxyoct-1-en-1-yl]-2-oxabicyclo[2.2.1]hept-5-yl}hept-5-enoic acid'
#
_entity_poly.entity_id   1
_entity_poly.type   'polypeptide(L)'
_entity_poly.pdbx_seq_one_letter_code
;GSQGHDTVQPNFQQDKFLGRWYSAGLASNSSWFREKKAVLYMCKTVVAPSTEGGLNLTSTFLRKNQAETKIMVLQPAGAP
GHYTYSSPHSGSIHSVSVVEANYDEYALLFSRGTKGPGQDFRMATLYSRTQTLKDELKEKFTTFSKAQGLTEEDIVFLPQ
PDKAIQE
;
_entity_poly.pdbx_strand_id   A
#
# COMPACT_ATOMS: atom_id res chain seq x y z
N GLY A 1 20.37 -2.69 16.00
CA GLY A 1 20.11 -3.96 15.27
C GLY A 1 18.68 -4.44 15.43
N SER A 2 18.22 -5.22 14.46
CA SER A 2 16.86 -5.75 14.49
C SER A 2 16.70 -6.89 13.49
N GLN A 3 15.56 -7.58 13.56
CA GLN A 3 15.28 -8.68 12.66
C GLN A 3 13.77 -8.91 12.53
N GLY A 4 13.40 -9.92 11.75
CA GLY A 4 11.99 -10.22 11.55
C GLY A 4 11.65 -10.48 10.10
N HIS A 5 10.93 -11.57 9.85
CA HIS A 5 10.54 -11.94 8.48
C HIS A 5 9.26 -11.22 8.08
N ASP A 6 8.20 -11.45 8.84
CA ASP A 6 6.90 -10.83 8.56
C ASP A 6 5.83 -11.41 9.46
N THR A 7 4.71 -10.70 9.61
CA THR A 7 3.62 -11.16 10.46
C THR A 7 2.34 -10.37 10.20
N VAL A 8 1.21 -11.06 10.21
CA VAL A 8 -0.08 -10.44 9.99
C VAL A 8 -0.99 -10.62 11.20
N GLN A 9 -1.74 -9.59 11.55
CA GLN A 9 -2.64 -9.65 12.70
C GLN A 9 -4.10 -9.89 12.26
N PRO A 10 -4.63 -11.10 12.48
CA PRO A 10 -6.00 -11.45 12.12
C PRO A 10 -7.02 -10.59 12.85
N ASN A 11 -8.25 -10.56 12.31
CA ASN A 11 -9.35 -9.79 12.88
C ASN A 11 -9.48 -8.43 12.18
N PHE A 12 -9.41 -8.46 10.85
CA PHE A 12 -9.51 -7.25 10.06
C PHE A 12 -10.98 -6.86 9.86
N GLN A 13 -11.25 -5.57 9.86
CA GLN A 13 -12.61 -5.08 9.71
C GLN A 13 -12.70 -4.04 8.58
N GLN A 14 -13.13 -4.51 7.42
CA GLN A 14 -13.27 -3.63 6.25
C GLN A 14 -14.38 -2.60 6.46
N ASP A 15 -15.27 -2.88 7.41
CA ASP A 15 -16.39 -1.99 7.69
C ASP A 15 -15.91 -0.58 8.03
N LYS A 16 -14.87 -0.49 8.84
CA LYS A 16 -14.32 0.81 9.23
C LYS A 16 -12.96 1.05 8.58
N PHE A 17 -12.75 0.45 7.42
CA PHE A 17 -11.49 0.60 6.69
C PHE A 17 -11.75 0.97 5.24
N LEU A 18 -12.71 0.30 4.61
CA LEU A 18 -13.06 0.56 3.22
C LEU A 18 -13.52 2.01 3.04
N GLY A 19 -13.19 2.59 1.89
CA GLY A 19 -13.58 3.96 1.60
C GLY A 19 -12.43 4.80 1.09
N ARG A 20 -12.61 6.12 1.11
CA ARG A 20 -11.59 7.03 0.63
C ARG A 20 -10.46 7.17 1.67
N TRP A 21 -9.24 7.41 1.18
CA TRP A 21 -8.10 7.56 2.07
C TRP A 21 -7.12 8.61 1.56
N TYR A 22 -6.24 9.07 2.44
CA TYR A 22 -5.24 10.07 2.07
C TYR A 22 -3.84 9.49 2.18
N SER A 23 -2.99 9.81 1.20
CA SER A 23 -1.62 9.31 1.18
C SER A 23 -0.84 9.86 2.37
N ALA A 24 -0.15 8.97 3.09
CA ALA A 24 0.64 9.37 4.24
C ALA A 24 1.97 8.62 4.28
N GLY A 25 1.93 7.31 4.04
CA GLY A 25 3.14 6.53 4.05
C GLY A 25 3.09 5.38 3.06
N LEU A 26 4.24 5.05 2.47
CA LEU A 26 4.34 3.97 1.51
C LEU A 26 5.74 3.38 1.49
N ALA A 27 5.87 2.15 1.00
CA ALA A 27 7.16 1.49 0.92
C ALA A 27 7.17 0.44 -0.20
N SER A 28 8.33 -0.13 -0.46
CA SER A 28 8.48 -1.15 -1.51
C SER A 28 9.75 -1.97 -1.31
N ASN A 29 9.64 -3.26 -1.54
CA ASN A 29 10.79 -4.16 -1.40
C ASN A 29 11.29 -4.62 -2.76
N SER A 30 11.11 -3.79 -3.77
CA SER A 30 11.54 -4.12 -5.12
C SER A 30 12.77 -3.31 -5.51
N SER A 31 13.55 -3.84 -6.46
CA SER A 31 14.76 -3.17 -6.92
C SER A 31 14.51 -2.37 -8.19
N TRP A 32 13.56 -2.86 -8.99
CA TRP A 32 13.22 -2.19 -10.24
C TRP A 32 12.09 -1.18 -10.03
N PHE A 33 11.22 -1.48 -9.07
CA PHE A 33 10.08 -0.61 -8.77
C PHE A 33 10.55 0.65 -8.04
N ARG A 34 11.57 0.51 -7.21
CA ARG A 34 12.10 1.64 -6.45
C ARG A 34 12.52 2.77 -7.38
N GLU A 35 13.00 2.41 -8.57
CA GLU A 35 13.43 3.41 -9.54
C GLU A 35 12.26 4.29 -9.97
N LYS A 36 11.04 3.79 -9.81
CA LYS A 36 9.84 4.55 -10.16
C LYS A 36 9.13 5.09 -8.93
N LYS A 37 9.43 4.51 -7.78
CA LYS A 37 8.80 4.95 -6.53
C LYS A 37 9.22 6.38 -6.18
N ALA A 38 10.39 6.76 -6.62
CA ALA A 38 10.92 8.10 -6.34
C ALA A 38 10.19 9.17 -7.17
N VAL A 39 9.28 8.76 -8.03
CA VAL A 39 8.54 9.71 -8.86
C VAL A 39 7.04 9.71 -8.55
N LEU A 40 6.64 9.05 -7.47
CA LEU A 40 5.23 9.03 -7.09
C LEU A 40 5.01 9.77 -5.78
N TYR A 41 4.51 10.99 -5.89
CA TYR A 41 4.27 11.84 -4.73
C TYR A 41 2.83 11.70 -4.24
N MET A 42 2.43 12.60 -3.34
CA MET A 42 1.09 12.58 -2.77
C MET A 42 0.01 12.51 -3.85
N CYS A 43 -1.17 12.03 -3.46
CA CYS A 43 -2.29 11.91 -4.38
C CYS A 43 -3.55 11.47 -3.62
N LYS A 44 -4.53 10.93 -4.34
CA LYS A 44 -5.77 10.47 -3.73
C LYS A 44 -5.95 8.97 -3.93
N THR A 45 -6.37 8.27 -2.89
CA THR A 45 -6.58 6.83 -2.97
C THR A 45 -7.84 6.43 -2.23
N VAL A 46 -8.75 5.75 -2.94
CA VAL A 46 -10.00 5.30 -2.35
C VAL A 46 -10.28 3.84 -2.68
N VAL A 47 -10.74 3.09 -1.67
CA VAL A 47 -11.05 1.68 -1.85
C VAL A 47 -12.53 1.41 -1.60
N ALA A 48 -13.24 1.01 -2.65
CA ALA A 48 -14.67 0.73 -2.54
C ALA A 48 -14.96 -0.74 -2.88
N PRO A 49 -16.16 -1.22 -2.55
CA PRO A 49 -16.55 -2.60 -2.84
C PRO A 49 -16.58 -2.90 -4.33
N SER A 50 -15.85 -3.93 -4.74
CA SER A 50 -15.79 -4.32 -6.14
C SER A 50 -17.13 -4.86 -6.62
N THR A 51 -17.46 -4.60 -7.88
CA THR A 51 -18.71 -5.06 -8.46
C THR A 51 -18.83 -6.58 -8.40
N GLU A 52 -17.69 -7.26 -8.25
CA GLU A 52 -17.67 -8.72 -8.17
C GLU A 52 -17.69 -9.19 -6.72
N GLY A 53 -18.16 -8.35 -5.82
CA GLY A 53 -18.22 -8.71 -4.42
C GLY A 53 -16.85 -8.83 -3.79
N GLY A 54 -16.11 -7.72 -3.78
CA GLY A 54 -14.79 -7.73 -3.19
C GLY A 54 -14.32 -6.34 -2.81
N LEU A 55 -13.17 -5.94 -3.34
CA LEU A 55 -12.62 -4.62 -3.06
C LEU A 55 -11.97 -4.02 -4.31
N ASN A 56 -12.07 -2.71 -4.45
CA ASN A 56 -11.50 -2.01 -5.59
C ASN A 56 -10.85 -0.71 -5.16
N LEU A 57 -9.51 -0.67 -5.20
CA LEU A 57 -8.78 0.52 -4.82
C LEU A 57 -8.40 1.35 -6.04
N THR A 58 -9.03 2.52 -6.17
CA THR A 58 -8.77 3.39 -7.30
C THR A 58 -7.79 4.51 -6.92
N SER A 59 -6.70 4.61 -7.68
CA SER A 59 -5.69 5.64 -7.43
C SER A 59 -5.84 6.76 -8.45
N THR A 60 -5.46 7.97 -8.05
CA THR A 60 -5.57 9.12 -8.94
C THR A 60 -4.68 10.26 -8.49
N PHE A 61 -3.86 10.75 -9.43
CA PHE A 61 -2.96 11.86 -9.15
C PHE A 61 -2.89 12.79 -10.36
N LEU A 62 -3.29 14.04 -10.17
CA LEU A 62 -3.29 15.01 -11.26
C LEU A 62 -2.19 16.06 -11.11
N ARG A 63 -1.45 16.29 -12.19
CA ARG A 63 -0.39 17.29 -12.20
C ARG A 63 0.64 17.01 -11.10
N LYS A 64 1.77 17.70 -11.19
CA LYS A 64 2.86 17.56 -10.22
C LYS A 64 3.75 16.35 -10.53
N ASN A 65 4.82 16.60 -11.30
CA ASN A 65 5.77 15.56 -11.66
C ASN A 65 5.13 14.54 -12.61
N GLN A 66 4.10 13.88 -12.13
CA GLN A 66 3.41 12.87 -12.93
C GLN A 66 1.95 12.73 -12.54
N ALA A 67 1.10 12.53 -13.54
CA ALA A 67 -0.33 12.35 -13.32
C ALA A 67 -0.71 10.88 -13.45
N GLU A 68 -1.31 10.32 -12.40
CA GLU A 68 -1.69 8.91 -12.40
C GLU A 68 -3.21 8.74 -12.30
N THR A 69 -3.70 7.60 -12.77
CA THR A 69 -5.13 7.28 -12.73
C THR A 69 -5.36 5.80 -13.00
N LYS A 70 -5.33 4.99 -11.95
CA LYS A 70 -5.54 3.55 -12.08
C LYS A 70 -6.45 3.01 -11.00
N ILE A 71 -6.64 1.69 -10.98
CA ILE A 71 -7.49 1.04 -9.99
C ILE A 71 -7.25 -0.46 -9.95
N MET A 72 -7.13 -1.00 -8.74
CA MET A 72 -6.90 -2.44 -8.56
C MET A 72 -8.06 -3.08 -7.79
N VAL A 73 -8.25 -4.38 -8.01
CA VAL A 73 -9.31 -5.12 -7.33
C VAL A 73 -8.74 -6.13 -6.33
N LEU A 74 -8.98 -5.90 -5.05
CA LEU A 74 -8.49 -6.78 -4.00
C LEU A 74 -9.56 -7.77 -3.57
N GLN A 75 -9.19 -9.04 -3.53
CA GLN A 75 -10.12 -10.10 -3.12
C GLN A 75 -9.54 -10.92 -1.98
N PRO A 76 -10.23 -10.97 -0.82
CA PRO A 76 -9.77 -11.72 0.34
C PRO A 76 -9.45 -13.17 0.00
N ALA A 77 -8.52 -13.75 0.75
CA ALA A 77 -8.12 -15.14 0.53
C ALA A 77 -7.86 -15.86 1.84
N GLY A 78 -8.83 -16.65 2.28
CA GLY A 78 -8.70 -17.38 3.53
C GLY A 78 -8.70 -16.47 4.74
N ALA A 79 -7.51 -16.29 5.33
CA ALA A 79 -7.38 -15.44 6.50
C ALA A 79 -7.83 -14.00 6.19
N PRO A 80 -8.22 -13.25 7.23
CA PRO A 80 -8.67 -11.86 7.08
C PRO A 80 -7.56 -10.95 6.58
N GLY A 81 -6.37 -11.11 7.14
CA GLY A 81 -5.24 -10.31 6.74
C GLY A 81 -4.53 -10.88 5.54
N HIS A 82 -5.29 -11.40 4.57
CA HIS A 82 -4.71 -11.98 3.37
C HIS A 82 -5.65 -11.87 2.18
N TYR A 83 -5.20 -11.17 1.14
CA TYR A 83 -5.98 -11.01 -0.07
C TYR A 83 -5.06 -10.89 -1.28
N THR A 84 -5.67 -10.75 -2.46
CA THR A 84 -4.91 -10.63 -3.70
C THR A 84 -5.60 -9.66 -4.64
N TYR A 85 -4.84 -9.03 -5.53
CA TYR A 85 -5.41 -8.08 -6.47
C TYR A 85 -4.62 -8.05 -7.76
N SER A 86 -5.30 -8.34 -8.87
CA SER A 86 -4.63 -8.33 -10.16
C SER A 86 -3.91 -7.02 -10.39
N SER A 87 -2.59 -7.08 -10.35
CA SER A 87 -1.76 -5.88 -10.54
C SER A 87 -1.13 -5.92 -11.94
N PRO A 88 -0.18 -5.03 -12.26
CA PRO A 88 0.45 -5.05 -13.57
C PRO A 88 1.52 -6.11 -13.67
N HIS A 89 1.44 -6.95 -14.71
CA HIS A 89 2.40 -8.03 -14.93
C HIS A 89 1.82 -9.10 -15.85
N SER A 90 1.02 -8.67 -16.83
CA SER A 90 0.40 -9.60 -17.79
C SER A 90 -0.75 -10.37 -17.16
N GLY A 91 -0.43 -11.30 -16.27
CA GLY A 91 -1.46 -12.10 -15.63
C GLY A 91 -2.03 -11.42 -14.40
N SER A 92 -1.56 -10.20 -14.13
CA SER A 92 -1.99 -9.42 -12.98
C SER A 92 -2.22 -10.27 -11.76
N ILE A 93 -1.16 -10.43 -10.99
CA ILE A 93 -1.19 -11.19 -9.76
C ILE A 93 -0.57 -10.40 -8.61
N HIS A 94 -1.29 -10.32 -7.49
CA HIS A 94 -0.79 -9.59 -6.33
C HIS A 94 -1.36 -10.16 -5.04
N SER A 95 -0.63 -9.98 -3.95
CA SER A 95 -1.07 -10.45 -2.65
C SER A 95 -0.84 -9.39 -1.58
N VAL A 96 -1.77 -9.24 -0.66
CA VAL A 96 -1.65 -8.24 0.39
C VAL A 96 -2.05 -8.80 1.75
N SER A 97 -1.39 -8.32 2.81
CA SER A 97 -1.67 -8.76 4.16
C SER A 97 -1.69 -7.58 5.14
N VAL A 98 -2.61 -7.62 6.09
CA VAL A 98 -2.73 -6.56 7.08
C VAL A 98 -1.82 -6.83 8.29
N VAL A 99 -0.71 -6.11 8.37
CA VAL A 99 0.24 -6.29 9.45
C VAL A 99 -0.26 -5.67 10.77
N GLU A 100 -1.31 -4.87 10.69
CA GLU A 100 -1.85 -4.23 11.91
C GLU A 100 -3.18 -3.53 11.63
N ALA A 101 -3.12 -2.28 11.19
CA ALA A 101 -4.34 -1.50 10.91
C ALA A 101 -5.15 -1.29 12.18
N ASN A 102 -5.55 -0.04 12.42
CA ASN A 102 -6.34 0.30 13.61
C ASN A 102 -7.70 0.88 13.22
N TYR A 103 -8.65 0.82 14.14
CA TYR A 103 -10.01 1.32 13.90
C TYR A 103 -10.07 2.85 14.03
N ASP A 104 -10.67 3.48 13.03
CA ASP A 104 -10.84 4.93 13.02
C ASP A 104 -9.54 5.70 13.22
N GLU A 105 -8.41 4.99 13.21
CA GLU A 105 -7.12 5.63 13.41
C GLU A 105 -6.32 5.71 12.11
N TYR A 106 -6.04 4.56 11.52
CA TYR A 106 -5.25 4.51 10.29
C TYR A 106 -5.28 3.11 9.70
N ALA A 107 -4.98 2.99 8.41
CA ALA A 107 -4.96 1.70 7.75
C ALA A 107 -3.59 1.41 7.13
N LEU A 108 -3.06 0.23 7.43
CA LEU A 108 -1.75 -0.17 6.91
C LEU A 108 -1.85 -1.55 6.26
N LEU A 109 -1.24 -1.69 5.09
CA LEU A 109 -1.27 -2.95 4.37
C LEU A 109 0.05 -3.21 3.63
N PHE A 110 0.42 -4.48 3.53
CA PHE A 110 1.64 -4.88 2.84
C PHE A 110 1.29 -5.74 1.63
N SER A 111 1.70 -5.29 0.45
CA SER A 111 1.41 -6.02 -0.78
C SER A 111 2.66 -6.66 -1.38
N ARG A 112 2.68 -7.98 -1.39
CA ARG A 112 3.81 -8.74 -1.95
C ARG A 112 3.34 -9.62 -3.09
N GLY A 113 4.19 -9.75 -4.11
CA GLY A 113 3.85 -10.58 -5.26
C GLY A 113 4.84 -11.70 -5.47
N THR A 114 4.33 -12.93 -5.49
CA THR A 114 5.17 -14.11 -5.70
C THR A 114 4.69 -14.91 -6.90
N LYS A 115 5.40 -14.78 -8.01
CA LYS A 115 5.04 -15.49 -9.23
C LYS A 115 6.24 -16.27 -9.77
N GLY A 116 5.98 -17.21 -10.68
CA GLY A 116 7.03 -18.02 -11.27
C GLY A 116 8.30 -17.24 -11.54
N PRO A 117 8.22 -16.12 -12.29
CA PRO A 117 9.38 -15.29 -12.61
C PRO A 117 10.36 -15.15 -11.46
N GLY A 118 9.83 -15.17 -10.23
CA GLY A 118 10.67 -15.05 -9.05
C GLY A 118 10.81 -13.62 -8.58
N GLN A 119 9.90 -12.75 -9.01
CA GLN A 119 9.92 -11.35 -8.62
C GLN A 119 10.00 -11.20 -7.10
N ASP A 120 9.09 -11.86 -6.40
CA ASP A 120 9.06 -11.82 -4.94
C ASP A 120 9.17 -10.38 -4.43
N PHE A 121 8.42 -9.47 -5.04
CA PHE A 121 8.43 -8.07 -4.64
C PHE A 121 7.41 -7.81 -3.54
N ARG A 122 7.74 -6.91 -2.62
CA ARG A 122 6.85 -6.57 -1.52
C ARG A 122 6.59 -5.06 -1.50
N MET A 123 5.52 -4.67 -0.82
CA MET A 123 5.15 -3.26 -0.73
C MET A 123 4.41 -2.97 0.58
N ALA A 124 4.51 -1.73 1.04
CA ALA A 124 3.85 -1.31 2.26
C ALA A 124 3.08 -0.02 2.02
N THR A 125 1.77 -0.06 2.18
CA THR A 125 0.93 1.11 1.96
C THR A 125 0.32 1.62 3.26
N LEU A 126 0.40 2.93 3.47
CA LEU A 126 -0.15 3.55 4.66
C LEU A 126 -1.24 4.54 4.28
N TYR A 127 -2.46 4.30 4.74
CA TYR A 127 -3.59 5.16 4.44
C TYR A 127 -4.03 5.95 5.66
N SER A 128 -4.10 7.27 5.52
CA SER A 128 -4.54 8.13 6.61
C SER A 128 -5.97 8.59 6.38
N ARG A 129 -6.83 8.35 7.37
CA ARG A 129 -8.23 8.74 7.26
C ARG A 129 -8.50 9.98 8.11
N THR A 130 -7.44 10.74 8.38
CA THR A 130 -7.55 11.96 9.17
C THR A 130 -6.59 13.02 8.67
N GLN A 131 -5.46 12.58 8.09
CA GLN A 131 -4.43 13.48 7.57
C GLN A 131 -3.54 13.97 8.71
N THR A 132 -3.18 13.04 9.60
CA THR A 132 -2.32 13.37 10.73
C THR A 132 -1.23 12.32 10.92
N LEU A 133 -0.18 12.70 11.62
CA LEU A 133 0.93 11.80 11.89
C LEU A 133 0.69 11.00 13.16
N LYS A 134 0.57 9.68 13.02
CA LYS A 134 0.34 8.81 14.16
C LYS A 134 1.63 8.13 14.61
N ASP A 135 1.95 8.25 15.89
CA ASP A 135 3.15 7.65 16.44
C ASP A 135 3.11 6.14 16.29
N GLU A 136 1.99 5.54 16.63
CA GLU A 136 1.83 4.10 16.53
C GLU A 136 1.97 3.66 15.08
N LEU A 137 1.22 4.30 14.19
CA LEU A 137 1.28 3.97 12.77
C LEU A 137 2.68 4.23 12.22
N LYS A 138 3.24 5.38 12.60
CA LYS A 138 4.57 5.76 12.16
C LYS A 138 5.61 4.77 12.67
N GLU A 139 5.50 4.41 13.95
CA GLU A 139 6.44 3.49 14.58
C GLU A 139 6.19 2.04 14.14
N LYS A 140 4.93 1.66 14.02
CA LYS A 140 4.59 0.29 13.62
C LYS A 140 5.02 0.00 12.18
N PHE A 141 4.75 0.95 11.29
CA PHE A 141 5.09 0.78 9.89
C PHE A 141 6.60 0.91 9.67
N THR A 142 7.19 1.96 10.24
CA THR A 142 8.62 2.19 10.10
C THR A 142 9.43 1.00 10.60
N THR A 143 9.05 0.49 11.77
CA THR A 143 9.74 -0.65 12.36
C THR A 143 9.44 -1.92 11.58
N PHE A 144 8.17 -2.15 11.28
CA PHE A 144 7.76 -3.34 10.52
C PHE A 144 8.53 -3.40 9.20
N SER A 145 8.94 -2.22 8.73
CA SER A 145 9.70 -2.12 7.49
C SER A 145 11.00 -2.92 7.58
N LYS A 146 11.66 -2.83 8.73
CA LYS A 146 12.90 -3.55 8.96
C LYS A 146 12.70 -5.04 8.76
N ALA A 147 11.59 -5.56 9.29
CA ALA A 147 11.28 -6.96 9.16
C ALA A 147 10.98 -7.31 7.71
N GLN A 148 10.41 -6.34 6.98
CA GLN A 148 10.09 -6.53 5.58
C GLN A 148 11.28 -6.14 4.69
N GLY A 149 12.34 -5.65 5.32
CA GLY A 149 13.52 -5.25 4.57
C GLY A 149 13.21 -4.15 3.57
N LEU A 150 12.47 -3.14 4.01
CA LEU A 150 12.10 -2.03 3.14
C LEU A 150 13.32 -1.42 2.46
N THR A 151 13.08 -0.40 1.66
CA THR A 151 14.15 0.29 0.94
C THR A 151 14.04 1.80 1.15
N GLU A 152 15.13 2.41 1.61
CA GLU A 152 15.16 3.85 1.85
C GLU A 152 14.66 4.63 0.64
N GLU A 153 14.89 4.09 -0.55
CA GLU A 153 14.47 4.75 -1.78
C GLU A 153 13.05 4.35 -2.18
N ASP A 154 12.48 3.36 -1.48
CA ASP A 154 11.14 2.90 -1.78
C ASP A 154 10.11 3.55 -0.86
N ILE A 155 10.56 4.03 0.30
CA ILE A 155 9.67 4.68 1.26
C ILE A 155 9.15 6.01 0.73
N VAL A 156 7.84 6.21 0.82
CA VAL A 156 7.20 7.44 0.36
C VAL A 156 6.19 7.94 1.39
N PHE A 157 6.55 9.00 2.11
CA PHE A 157 5.68 9.56 3.13
C PHE A 157 5.12 10.92 2.71
N LEU A 158 3.87 10.90 2.25
CA LEU A 158 3.18 12.12 1.81
C LEU A 158 4.13 13.16 1.22
N PRO A 159 4.87 12.81 0.15
CA PRO A 159 5.80 13.73 -0.50
C PRO A 159 5.16 15.07 -0.80
N GLN A 160 5.98 16.11 -0.95
CA GLN A 160 5.48 17.46 -1.22
C GLN A 160 5.24 17.67 -2.72
N PRO A 161 3.99 17.92 -3.12
CA PRO A 161 3.63 18.14 -4.52
C PRO A 161 3.90 19.57 -4.96
N ASP A 162 5.16 19.99 -4.86
CA ASP A 162 5.55 21.34 -5.26
C ASP A 162 6.03 21.32 -6.71
N LYS A 163 5.51 20.37 -7.47
CA LYS A 163 5.87 20.22 -8.87
C LYS A 163 5.08 21.17 -9.76
N ALA A 164 5.70 22.30 -10.10
CA ALA A 164 5.06 23.30 -10.93
C ALA A 164 5.44 23.12 -12.40
N ILE A 165 4.56 23.58 -13.30
CA ILE A 165 4.80 23.48 -14.74
C ILE A 165 4.65 22.04 -15.23
N GLN A 166 4.17 21.15 -14.37
CA GLN A 166 3.99 19.75 -14.74
C GLN A 166 2.51 19.44 -14.97
N GLU A 167 1.84 20.30 -15.74
CA GLU A 167 0.43 20.12 -16.03
C GLU A 167 0.23 19.09 -17.13
N GLY A 1 13.77 -24.77 12.52
CA GLY A 1 13.20 -24.64 11.15
C GLY A 1 12.83 -23.20 10.81
N SER A 2 11.66 -23.01 10.21
CA SER A 2 11.21 -21.68 9.84
C SER A 2 10.57 -20.97 11.02
N GLN A 3 10.69 -19.65 11.05
CA GLN A 3 10.12 -18.85 12.13
C GLN A 3 10.06 -17.37 11.75
N GLY A 4 9.21 -16.63 12.43
CA GLY A 4 9.07 -15.20 12.15
C GLY A 4 8.84 -14.39 13.40
N HIS A 5 9.24 -13.11 13.36
CA HIS A 5 9.08 -12.22 14.50
C HIS A 5 7.69 -11.60 14.52
N ASP A 6 7.24 -11.13 13.36
CA ASP A 6 5.93 -10.51 13.23
C ASP A 6 5.64 -10.11 11.79
N THR A 7 4.38 -10.18 11.40
CA THR A 7 3.97 -9.83 10.04
C THR A 7 2.57 -9.24 10.02
N VAL A 8 1.55 -10.11 10.07
CA VAL A 8 0.16 -9.66 10.05
C VAL A 8 -0.47 -9.77 11.43
N GLN A 9 -1.48 -8.93 11.69
CA GLN A 9 -2.18 -8.95 12.96
C GLN A 9 -3.66 -9.32 12.78
N PRO A 10 -4.03 -10.56 13.13
CA PRO A 10 -5.41 -11.03 13.01
C PRO A 10 -6.41 -10.10 13.68
N ASN A 11 -7.68 -10.22 13.28
CA ASN A 11 -8.76 -9.38 13.82
C ASN A 11 -8.85 -8.06 13.07
N PHE A 12 -9.08 -8.15 11.76
CA PHE A 12 -9.20 -6.95 10.93
C PHE A 12 -10.65 -6.68 10.56
N GLN A 13 -11.02 -5.40 10.51
CA GLN A 13 -12.38 -5.01 10.17
C GLN A 13 -12.41 -4.02 9.02
N GLN A 14 -12.72 -4.52 7.82
CA GLN A 14 -12.78 -3.69 6.62
C GLN A 14 -13.96 -2.73 6.68
N ASP A 15 -14.93 -3.02 7.54
CA ASP A 15 -16.13 -2.19 7.68
C ASP A 15 -15.76 -0.74 8.00
N LYS A 16 -14.76 -0.55 8.84
CA LYS A 16 -14.33 0.78 9.23
C LYS A 16 -13.01 1.17 8.54
N PHE A 17 -12.71 0.50 7.44
CA PHE A 17 -11.50 0.78 6.70
C PHE A 17 -11.80 1.09 5.23
N LEU A 18 -12.68 0.29 4.63
CA LEU A 18 -13.05 0.49 3.24
C LEU A 18 -13.58 1.90 3.01
N GLY A 19 -13.07 2.55 1.97
CA GLY A 19 -13.50 3.91 1.67
C GLY A 19 -12.37 4.77 1.14
N ARG A 20 -12.59 6.08 1.12
CA ARG A 20 -11.57 7.01 0.64
C ARG A 20 -10.46 7.19 1.67
N TRP A 21 -9.25 7.45 1.20
CA TRP A 21 -8.11 7.63 2.08
C TRP A 21 -7.11 8.63 1.49
N TYR A 22 -6.13 9.02 2.29
CA TYR A 22 -5.12 9.97 1.85
C TYR A 22 -3.71 9.40 2.06
N SER A 23 -2.87 9.54 1.04
CA SER A 23 -1.51 9.03 1.11
C SER A 23 -0.72 9.77 2.18
N ALA A 24 0.26 9.08 2.76
CA ALA A 24 1.09 9.68 3.80
C ALA A 24 2.41 8.93 3.94
N GLY A 25 2.35 7.60 3.91
CA GLY A 25 3.55 6.79 4.04
C GLY A 25 3.56 5.61 3.10
N LEU A 26 4.68 5.41 2.41
CA LEU A 26 4.80 4.29 1.47
C LEU A 26 6.23 3.76 1.44
N ALA A 27 6.36 2.45 1.31
CA ALA A 27 7.68 1.81 1.26
C ALA A 27 7.61 0.48 0.50
N SER A 28 8.22 0.45 -0.68
CA SER A 28 8.21 -0.76 -1.50
C SER A 28 9.57 -1.45 -1.48
N ASN A 29 9.56 -2.77 -1.66
CA ASN A 29 10.79 -3.54 -1.66
C ASN A 29 11.05 -4.13 -3.05
N SER A 30 10.60 -3.41 -4.07
CA SER A 30 10.78 -3.86 -5.45
C SER A 30 12.19 -3.57 -5.94
N SER A 31 12.50 -4.02 -7.16
CA SER A 31 13.81 -3.81 -7.74
C SER A 31 13.74 -2.85 -8.91
N TRP A 32 12.61 -2.84 -9.61
CA TRP A 32 12.41 -1.95 -10.75
C TRP A 32 11.32 -0.93 -10.47
N PHE A 33 10.27 -1.37 -9.78
CA PHE A 33 9.15 -0.50 -9.45
C PHE A 33 9.62 0.69 -8.60
N ARG A 34 10.60 0.45 -7.74
CA ARG A 34 11.12 1.51 -6.88
C ARG A 34 11.58 2.71 -7.70
N GLU A 35 12.13 2.44 -8.88
CA GLU A 35 12.61 3.49 -9.76
C GLU A 35 11.47 4.44 -10.15
N LYS A 36 10.24 3.96 -10.01
CA LYS A 36 9.06 4.76 -10.35
C LYS A 36 8.47 5.43 -9.11
N LYS A 37 8.88 4.98 -7.93
CA LYS A 37 8.37 5.54 -6.69
C LYS A 37 8.76 7.00 -6.56
N ALA A 38 9.92 7.34 -7.11
CA ALA A 38 10.43 8.71 -7.05
C ALA A 38 9.58 9.67 -7.90
N VAL A 39 8.66 9.13 -8.69
CA VAL A 39 7.82 9.96 -9.53
C VAL A 39 6.35 9.93 -9.10
N LEU A 40 6.08 9.43 -7.89
CA LEU A 40 4.71 9.38 -7.39
C LEU A 40 4.59 10.16 -6.10
N TYR A 41 4.08 11.38 -6.20
CA TYR A 41 3.89 12.26 -5.05
C TYR A 41 2.45 12.20 -4.56
N MET A 42 2.05 13.23 -3.80
CA MET A 42 0.69 13.30 -3.26
C MET A 42 -0.36 12.92 -4.30
N CYS A 43 -1.46 12.33 -3.83
CA CYS A 43 -2.54 11.92 -4.71
C CYS A 43 -3.76 11.48 -3.90
N LYS A 44 -4.67 10.76 -4.54
CA LYS A 44 -5.88 10.28 -3.88
C LYS A 44 -5.98 8.76 -3.96
N THR A 45 -6.36 8.14 -2.84
CA THR A 45 -6.50 6.68 -2.78
C THR A 45 -7.83 6.30 -2.14
N VAL A 46 -8.62 5.51 -2.84
CA VAL A 46 -9.93 5.09 -2.33
C VAL A 46 -10.18 3.61 -2.59
N VAL A 47 -10.45 2.87 -1.53
CA VAL A 47 -10.73 1.44 -1.63
C VAL A 47 -12.18 1.13 -1.27
N ALA A 48 -12.98 0.88 -2.30
CA ALA A 48 -14.40 0.58 -2.09
C ALA A 48 -14.72 -0.85 -2.51
N PRO A 49 -15.91 -1.35 -2.13
CA PRO A 49 -16.33 -2.71 -2.47
C PRO A 49 -16.53 -2.90 -3.96
N SER A 50 -15.83 -3.88 -4.54
CA SER A 50 -15.94 -4.16 -5.96
C SER A 50 -17.31 -4.72 -6.32
N THR A 51 -17.79 -4.36 -7.50
CA THR A 51 -19.09 -4.81 -7.97
C THR A 51 -19.16 -6.34 -8.01
N GLU A 52 -18.01 -6.99 -8.05
CA GLU A 52 -17.95 -8.45 -8.10
C GLU A 52 -17.80 -9.05 -6.70
N GLY A 53 -18.17 -8.29 -5.68
CA GLY A 53 -18.07 -8.77 -4.31
C GLY A 53 -16.64 -8.87 -3.84
N GLY A 54 -15.94 -7.75 -3.82
CA GLY A 54 -14.55 -7.73 -3.39
C GLY A 54 -14.09 -6.35 -3.00
N LEU A 55 -12.86 -6.01 -3.41
CA LEU A 55 -12.29 -4.70 -3.10
C LEU A 55 -11.67 -4.07 -4.35
N ASN A 56 -11.81 -2.76 -4.48
CA ASN A 56 -11.26 -2.05 -5.63
C ASN A 56 -10.62 -0.72 -5.18
N LEU A 57 -9.30 -0.68 -5.23
CA LEU A 57 -8.58 0.53 -4.84
C LEU A 57 -8.19 1.33 -6.08
N THR A 58 -8.82 2.49 -6.25
CA THR A 58 -8.56 3.34 -7.39
C THR A 58 -7.64 4.52 -7.04
N SER A 59 -6.60 4.71 -7.84
CA SER A 59 -5.66 5.79 -7.63
C SER A 59 -5.75 6.78 -8.78
N THR A 60 -5.55 8.07 -8.48
CA THR A 60 -5.62 9.10 -9.50
C THR A 60 -5.05 10.42 -9.00
N PHE A 61 -4.15 11.00 -9.79
CA PHE A 61 -3.52 12.27 -9.44
C PHE A 61 -3.46 13.19 -10.66
N LEU A 62 -3.86 14.45 -10.47
CA LEU A 62 -3.85 15.42 -11.56
C LEU A 62 -4.13 16.82 -11.03
N ARG A 63 -3.08 17.63 -10.95
CA ARG A 63 -3.21 19.00 -10.46
C ARG A 63 -1.85 19.71 -10.46
N LYS A 64 -0.80 18.97 -10.13
CA LYS A 64 0.56 19.53 -10.10
C LYS A 64 1.24 19.38 -11.45
N ASN A 65 1.50 18.13 -11.84
CA ASN A 65 2.17 17.86 -13.12
C ASN A 65 2.23 16.36 -13.39
N GLN A 66 2.41 15.56 -12.35
CA GLN A 66 2.49 14.11 -12.49
C GLN A 66 1.09 13.49 -12.53
N ALA A 67 0.62 13.20 -13.73
CA ALA A 67 -0.70 12.61 -13.91
C ALA A 67 -0.71 11.13 -13.51
N GLU A 68 -1.47 10.80 -12.48
CA GLU A 68 -1.57 9.43 -11.99
C GLU A 68 -2.99 8.89 -12.16
N THR A 69 -3.10 7.59 -12.39
CA THR A 69 -4.40 6.96 -12.55
C THR A 69 -4.26 5.44 -12.59
N LYS A 70 -4.83 4.77 -11.59
CA LYS A 70 -4.76 3.31 -11.51
C LYS A 70 -5.96 2.75 -10.76
N ILE A 71 -6.08 1.42 -10.74
CA ILE A 71 -7.18 0.76 -10.06
C ILE A 71 -6.92 -0.75 -9.92
N MET A 72 -6.75 -1.20 -8.69
CA MET A 72 -6.50 -2.61 -8.41
C MET A 72 -7.69 -3.25 -7.72
N VAL A 73 -7.92 -4.54 -8.00
CA VAL A 73 -9.05 -5.25 -7.40
C VAL A 73 -8.55 -6.34 -6.45
N LEU A 74 -8.82 -6.17 -5.16
CA LEU A 74 -8.41 -7.12 -4.15
C LEU A 74 -9.56 -8.01 -3.71
N GLN A 75 -9.33 -9.32 -3.72
CA GLN A 75 -10.36 -10.28 -3.33
C GLN A 75 -9.98 -10.95 -2.01
N PRO A 76 -10.92 -11.02 -1.04
CA PRO A 76 -10.66 -11.63 0.25
C PRO A 76 -10.15 -13.06 0.13
N ALA A 77 -9.27 -13.44 1.06
CA ALA A 77 -8.69 -14.78 1.06
C ALA A 77 -9.07 -15.54 2.33
N GLY A 78 -10.17 -15.14 2.97
CA GLY A 78 -10.61 -15.80 4.17
C GLY A 78 -10.08 -15.13 5.43
N ALA A 79 -8.80 -15.35 5.71
CA ALA A 79 -8.18 -14.77 6.89
C ALA A 79 -8.34 -13.25 6.93
N PRO A 80 -8.27 -12.65 8.12
CA PRO A 80 -8.41 -11.20 8.28
C PRO A 80 -7.25 -10.43 7.65
N GLY A 81 -7.57 -9.28 7.06
CA GLY A 81 -6.54 -8.47 6.44
C GLY A 81 -5.75 -9.23 5.40
N HIS A 82 -6.38 -10.22 4.78
CA HIS A 82 -5.73 -11.04 3.76
C HIS A 82 -6.55 -11.09 2.49
N TYR A 83 -5.95 -10.64 1.39
CA TYR A 83 -6.62 -10.63 0.10
C TYR A 83 -5.62 -10.60 -1.05
N THR A 84 -6.06 -11.02 -2.23
CA THR A 84 -5.21 -11.04 -3.41
C THR A 84 -5.77 -10.09 -4.47
N TYR A 85 -4.89 -9.42 -5.21
CA TYR A 85 -5.33 -8.49 -6.22
C TYR A 85 -4.49 -8.61 -7.49
N SER A 86 -5.16 -8.81 -8.61
CA SER A 86 -4.47 -8.93 -9.89
C SER A 86 -3.67 -7.65 -10.16
N SER A 87 -2.36 -7.72 -9.94
CA SER A 87 -1.48 -6.59 -10.14
C SER A 87 -0.87 -6.64 -11.56
N PRO A 88 0.20 -5.88 -11.85
CA PRO A 88 0.80 -5.92 -13.19
C PRO A 88 1.68 -7.15 -13.38
N HIS A 89 2.27 -7.28 -14.57
CA HIS A 89 3.14 -8.41 -14.93
C HIS A 89 2.43 -9.40 -15.85
N SER A 90 1.30 -8.97 -16.44
CA SER A 90 0.53 -9.80 -17.36
C SER A 90 -0.33 -10.83 -16.64
N GLY A 91 0.26 -11.61 -15.75
CA GLY A 91 -0.50 -12.62 -15.04
C GLY A 91 -1.33 -12.03 -13.92
N SER A 92 -1.03 -10.77 -13.59
CA SER A 92 -1.72 -10.06 -12.53
C SER A 92 -2.09 -10.95 -11.36
N ILE A 93 -1.10 -11.19 -10.56
CA ILE A 93 -1.24 -12.00 -9.36
C ILE A 93 -0.61 -11.31 -8.16
N HIS A 94 -1.38 -11.12 -7.09
CA HIS A 94 -0.84 -10.47 -5.89
C HIS A 94 -1.54 -10.94 -4.62
N SER A 95 -0.92 -10.65 -3.48
CA SER A 95 -1.46 -11.03 -2.19
C SER A 95 -1.05 -10.02 -1.12
N VAL A 96 -2.00 -9.25 -0.62
CA VAL A 96 -1.74 -8.24 0.40
C VAL A 96 -2.15 -8.73 1.78
N SER A 97 -1.39 -8.32 2.81
CA SER A 97 -1.68 -8.71 4.17
C SER A 97 -1.56 -7.53 5.13
N VAL A 98 -2.60 -7.34 5.95
CA VAL A 98 -2.61 -6.25 6.92
C VAL A 98 -1.64 -6.51 8.06
N VAL A 99 -0.89 -5.49 8.45
CA VAL A 99 0.08 -5.64 9.53
C VAL A 99 -0.29 -4.80 10.76
N GLU A 100 -1.38 -4.06 10.69
CA GLU A 100 -1.81 -3.25 11.82
C GLU A 100 -3.21 -2.64 11.58
N ALA A 101 -3.26 -1.40 11.12
CA ALA A 101 -4.53 -0.72 10.87
C ALA A 101 -5.28 -0.46 12.17
N ASN A 102 -5.84 0.74 12.31
CA ASN A 102 -6.58 1.11 13.51
C ASN A 102 -7.92 1.75 13.15
N TYR A 103 -8.84 1.76 14.11
CA TYR A 103 -10.17 2.34 13.90
C TYR A 103 -10.14 3.86 13.97
N ASP A 104 -10.55 4.51 12.89
CA ASP A 104 -10.61 5.96 12.84
C ASP A 104 -9.24 6.61 13.05
N GLU A 105 -8.20 5.79 13.11
CA GLU A 105 -6.86 6.29 13.33
C GLU A 105 -6.03 6.29 12.05
N TYR A 106 -5.85 5.12 11.45
CA TYR A 106 -5.06 5.00 10.24
C TYR A 106 -5.19 3.61 9.63
N ALA A 107 -4.83 3.48 8.36
CA ALA A 107 -4.89 2.20 7.67
C ALA A 107 -3.56 1.87 7.01
N LEU A 108 -3.06 0.67 7.25
CA LEU A 108 -1.79 0.24 6.68
C LEU A 108 -1.93 -1.15 6.07
N LEU A 109 -1.36 -1.32 4.87
CA LEU A 109 -1.44 -2.60 4.17
C LEU A 109 -0.14 -2.88 3.41
N PHE A 110 0.20 -4.15 3.30
CA PHE A 110 1.40 -4.58 2.59
C PHE A 110 1.02 -5.45 1.39
N SER A 111 1.76 -5.30 0.29
CA SER A 111 1.48 -6.07 -0.91
C SER A 111 2.72 -6.83 -1.38
N ARG A 112 2.64 -8.15 -1.32
CA ARG A 112 3.75 -9.01 -1.74
C ARG A 112 3.38 -9.80 -2.99
N GLY A 113 4.25 -9.73 -4.00
CA GLY A 113 3.99 -10.44 -5.24
C GLY A 113 4.95 -11.59 -5.44
N THR A 114 4.44 -12.81 -5.31
CA THR A 114 5.26 -14.01 -5.48
C THR A 114 4.70 -14.89 -6.60
N LYS A 115 5.33 -14.82 -7.77
CA LYS A 115 4.91 -15.62 -8.91
C LYS A 115 6.09 -16.38 -9.51
N GLY A 116 5.78 -17.38 -10.34
CA GLY A 116 6.82 -18.19 -10.97
C GLY A 116 8.12 -17.43 -11.24
N PRO A 117 8.05 -16.34 -12.05
CA PRO A 117 9.22 -15.53 -12.37
C PRO A 117 10.18 -15.37 -11.19
N GLY A 118 9.63 -15.32 -9.99
CA GLY A 118 10.46 -15.17 -8.81
C GLY A 118 10.59 -13.72 -8.38
N GLN A 119 9.66 -12.88 -8.83
CA GLN A 119 9.69 -11.46 -8.50
C GLN A 119 9.82 -11.25 -6.99
N ASP A 120 8.95 -11.90 -6.22
CA ASP A 120 8.96 -11.80 -4.76
C ASP A 120 9.13 -10.36 -4.29
N PHE A 121 8.35 -9.44 -4.87
CA PHE A 121 8.42 -8.04 -4.52
C PHE A 121 7.31 -7.67 -3.55
N ARG A 122 7.67 -6.96 -2.47
CA ARG A 122 6.69 -6.56 -1.47
C ARG A 122 6.45 -5.05 -1.51
N MET A 123 5.40 -4.61 -0.84
CA MET A 123 5.07 -3.19 -0.80
C MET A 123 4.51 -2.79 0.56
N ALA A 124 4.69 -1.53 0.91
CA ALA A 124 4.20 -0.99 2.17
C ALA A 124 3.45 0.30 1.93
N THR A 125 2.16 0.31 2.26
CA THR A 125 1.34 1.50 2.05
C THR A 125 0.74 2.00 3.36
N LEU A 126 0.68 3.31 3.50
CA LEU A 126 0.12 3.94 4.69
C LEU A 126 -0.98 4.92 4.29
N TYR A 127 -2.20 4.66 4.75
CA TYR A 127 -3.34 5.50 4.45
C TYR A 127 -3.83 6.26 5.68
N SER A 128 -3.96 7.58 5.53
CA SER A 128 -4.44 8.42 6.61
C SER A 128 -5.85 8.90 6.31
N ARG A 129 -6.77 8.65 7.24
CA ARG A 129 -8.15 9.06 7.08
C ARG A 129 -8.40 10.34 7.88
N THR A 130 -7.35 11.12 8.06
CA THR A 130 -7.45 12.37 8.80
C THR A 130 -6.26 13.28 8.49
N GLN A 131 -5.09 12.67 8.24
CA GLN A 131 -3.88 13.41 7.93
C GLN A 131 -3.22 13.91 9.21
N THR A 132 -3.11 13.00 10.17
CA THR A 132 -2.49 13.33 11.46
C THR A 132 -1.33 12.40 11.77
N LEU A 133 -0.37 12.91 12.55
CA LEU A 133 0.80 12.12 12.93
C LEU A 133 0.39 10.95 13.83
N LYS A 134 0.59 9.73 13.33
CA LYS A 134 0.24 8.54 14.08
C LYS A 134 1.49 7.82 14.58
N ASP A 135 1.65 7.76 15.90
CA ASP A 135 2.80 7.09 16.50
C ASP A 135 2.74 5.59 16.24
N GLU A 136 1.58 4.99 16.48
CA GLU A 136 1.40 3.57 16.28
C GLU A 136 1.70 3.20 14.83
N LEU A 137 1.06 3.91 13.91
CA LEU A 137 1.27 3.66 12.48
C LEU A 137 2.73 3.92 12.11
N LYS A 138 3.23 5.07 12.55
CA LYS A 138 4.62 5.44 12.28
C LYS A 138 5.57 4.40 12.82
N GLU A 139 5.31 3.94 14.05
CA GLU A 139 6.16 2.95 14.69
C GLU A 139 5.94 1.54 14.11
N LYS A 140 4.69 1.23 13.78
CA LYS A 140 4.37 -0.08 13.22
C LYS A 140 4.93 -0.27 11.81
N PHE A 141 4.78 0.75 10.97
CA PHE A 141 5.28 0.67 9.60
C PHE A 141 6.80 0.76 9.56
N THR A 142 7.37 1.67 10.34
CA THR A 142 8.81 1.86 10.37
C THR A 142 9.51 0.61 10.91
N THR A 143 9.01 0.07 12.01
CA THR A 143 9.60 -1.12 12.62
C THR A 143 9.34 -2.37 11.79
N PHE A 144 8.09 -2.62 11.44
CA PHE A 144 7.74 -3.79 10.64
C PHE A 144 8.56 -3.79 9.36
N SER A 145 8.96 -2.60 8.93
CA SER A 145 9.77 -2.44 7.73
C SER A 145 11.03 -3.28 7.79
N LYS A 146 11.62 -3.37 8.98
CA LYS A 146 12.83 -4.14 9.19
C LYS A 146 12.59 -5.61 8.85
N ALA A 147 11.51 -6.17 9.38
CA ALA A 147 11.16 -7.56 9.12
C ALA A 147 10.95 -7.79 7.64
N GLN A 148 10.47 -6.77 6.95
CA GLN A 148 10.22 -6.85 5.51
C GLN A 148 11.43 -6.37 4.72
N GLY A 149 12.45 -5.89 5.41
CA GLY A 149 13.65 -5.40 4.74
C GLY A 149 13.33 -4.28 3.77
N LEU A 150 12.54 -3.31 4.24
CA LEU A 150 12.16 -2.16 3.41
C LEU A 150 13.36 -1.53 2.72
N THR A 151 13.08 -0.50 1.92
CA THR A 151 14.14 0.21 1.21
C THR A 151 14.00 1.72 1.43
N GLU A 152 14.96 2.29 2.15
CA GLU A 152 14.95 3.72 2.43
C GLU A 152 14.77 4.54 1.16
N GLU A 153 15.24 3.99 0.04
CA GLU A 153 15.13 4.66 -1.25
C GLU A 153 13.72 4.52 -1.83
N ASP A 154 13.03 3.45 -1.45
CA ASP A 154 11.68 3.20 -1.95
C ASP A 154 10.61 3.85 -1.06
N ILE A 155 11.05 4.65 -0.09
CA ILE A 155 10.13 5.32 0.82
C ILE A 155 9.46 6.51 0.12
N VAL A 156 8.14 6.62 0.26
CA VAL A 156 7.40 7.72 -0.36
C VAL A 156 6.36 8.28 0.59
N PHE A 157 6.68 9.40 1.23
CA PHE A 157 5.77 10.05 2.15
C PHE A 157 5.04 11.19 1.45
N LEU A 158 3.70 11.20 1.58
CA LEU A 158 2.87 12.24 0.96
C LEU A 158 3.56 13.60 0.95
N PRO A 159 4.25 13.94 -0.15
CA PRO A 159 4.96 15.20 -0.30
C PRO A 159 4.11 16.26 -0.99
N GLN A 160 4.45 17.53 -0.74
CA GLN A 160 3.73 18.64 -1.33
C GLN A 160 4.06 18.78 -2.81
N PRO A 161 3.38 19.69 -3.54
CA PRO A 161 3.61 19.89 -4.98
C PRO A 161 4.98 20.49 -5.27
N ASP A 162 6.02 19.75 -4.90
CA ASP A 162 7.39 20.18 -5.14
C ASP A 162 7.90 19.64 -6.48
N LYS A 163 6.96 19.14 -7.29
CA LYS A 163 7.27 18.59 -8.60
C LYS A 163 8.25 19.47 -9.37
N ALA A 164 7.75 20.54 -9.98
CA ALA A 164 8.58 21.46 -10.74
C ALA A 164 9.25 20.76 -11.91
N ILE A 165 9.29 21.44 -13.06
CA ILE A 165 9.90 20.90 -14.27
C ILE A 165 9.45 19.46 -14.52
N GLN A 166 8.23 19.16 -14.09
CA GLN A 166 7.67 17.82 -14.27
C GLN A 166 6.79 17.75 -15.51
N GLU A 167 7.30 18.28 -16.62
CA GLU A 167 6.57 18.29 -17.88
C GLU A 167 6.84 17.02 -18.68
N GLY A 1 14.73 -19.91 0.70
CA GLY A 1 14.01 -19.46 1.92
C GLY A 1 13.16 -20.55 2.52
N SER A 2 12.52 -20.27 3.66
CA SER A 2 11.68 -21.24 4.33
C SER A 2 10.32 -20.63 4.67
N GLN A 3 10.31 -19.68 5.60
CA GLN A 3 9.07 -19.02 6.01
C GLN A 3 9.37 -17.66 6.64
N GLY A 4 8.33 -17.01 7.14
CA GLY A 4 8.49 -15.70 7.76
C GLY A 4 8.36 -15.76 9.27
N HIS A 5 9.14 -14.93 9.96
CA HIS A 5 9.10 -14.88 11.41
C HIS A 5 7.85 -14.18 11.90
N ASP A 6 7.60 -12.99 11.37
CA ASP A 6 6.42 -12.21 11.76
C ASP A 6 6.34 -10.92 10.95
N THR A 7 5.15 -10.58 10.49
CA THR A 7 4.95 -9.37 9.70
C THR A 7 3.48 -8.96 9.68
N VAL A 8 2.59 -9.94 9.49
CA VAL A 8 1.16 -9.67 9.44
C VAL A 8 0.47 -10.16 10.71
N GLN A 9 -0.63 -9.51 11.07
CA GLN A 9 -1.39 -9.86 12.27
C GLN A 9 -2.89 -9.91 11.98
N PRO A 10 -3.50 -11.11 12.01
CA PRO A 10 -4.93 -11.26 11.76
C PRO A 10 -5.77 -10.36 12.65
N ASN A 11 -7.03 -10.12 12.24
CA ASN A 11 -7.98 -9.28 12.96
C ASN A 11 -8.22 -7.97 12.22
N PHE A 12 -8.72 -8.09 10.99
CA PHE A 12 -9.00 -6.92 10.16
C PHE A 12 -10.49 -6.64 10.11
N GLN A 13 -10.85 -5.36 10.10
CA GLN A 13 -12.25 -4.95 10.06
C GLN A 13 -12.49 -3.94 8.94
N GLN A 14 -12.99 -4.43 7.80
CA GLN A 14 -13.27 -3.57 6.66
C GLN A 14 -14.44 -2.62 6.95
N ASP A 15 -15.24 -2.96 7.95
CA ASP A 15 -16.39 -2.15 8.32
C ASP A 15 -15.98 -0.72 8.63
N LYS A 16 -14.72 -0.52 9.04
CA LYS A 16 -14.23 0.81 9.36
C LYS A 16 -12.95 1.13 8.59
N PHE A 17 -12.87 0.62 7.36
CA PHE A 17 -11.71 0.87 6.52
C PHE A 17 -12.13 1.29 5.11
N LEU A 18 -13.07 0.55 4.52
CA LEU A 18 -13.55 0.85 3.18
C LEU A 18 -13.93 2.33 3.05
N GLY A 19 -13.50 2.96 1.96
CA GLY A 19 -13.81 4.36 1.74
C GLY A 19 -12.60 5.15 1.26
N ARG A 20 -12.73 6.46 1.23
CA ARG A 20 -11.64 7.34 0.80
C ARG A 20 -10.58 7.46 1.89
N TRP A 21 -9.33 7.64 1.47
CA TRP A 21 -8.23 7.79 2.42
C TRP A 21 -7.18 8.76 1.91
N TYR A 22 -6.51 9.45 2.84
CA TYR A 22 -5.48 10.41 2.49
C TYR A 22 -4.11 9.75 2.45
N SER A 23 -3.22 10.26 1.62
CA SER A 23 -1.88 9.71 1.49
C SER A 23 -1.11 9.87 2.80
N ALA A 24 -0.74 8.75 3.40
CA ALA A 24 -0.01 8.76 4.66
C ALA A 24 1.46 8.39 4.46
N GLY A 25 1.69 7.22 3.87
CA GLY A 25 3.05 6.77 3.65
C GLY A 25 3.13 5.46 2.89
N LEU A 26 3.80 5.46 1.75
CA LEU A 26 3.94 4.25 0.95
C LEU A 26 5.41 3.91 0.74
N ALA A 27 5.70 2.63 0.56
CA ALA A 27 7.07 2.18 0.35
C ALA A 27 7.11 0.94 -0.53
N SER A 28 8.31 0.53 -0.93
CA SER A 28 8.48 -0.64 -1.78
C SER A 28 9.71 -1.45 -1.39
N ASN A 29 9.60 -2.76 -1.48
CA ASN A 29 10.72 -3.65 -1.15
C ASN A 29 11.31 -4.28 -2.41
N SER A 30 11.14 -3.60 -3.54
CA SER A 30 11.65 -4.10 -4.81
C SER A 30 13.11 -3.66 -5.02
N SER A 31 13.65 -3.98 -6.19
CA SER A 31 15.02 -3.62 -6.51
C SER A 31 15.07 -2.67 -7.71
N TRP A 32 14.26 -2.97 -8.72
CA TRP A 32 14.22 -2.15 -9.92
C TRP A 32 12.96 -1.28 -9.93
N PHE A 33 11.86 -1.83 -9.43
CA PHE A 33 10.60 -1.11 -9.38
C PHE A 33 10.68 0.07 -8.41
N ARG A 34 11.44 -0.10 -7.34
CA ARG A 34 11.60 0.95 -6.35
C ARG A 34 12.17 2.22 -6.98
N GLU A 35 13.01 2.04 -8.00
CA GLU A 35 13.64 3.18 -8.67
C GLU A 35 12.58 4.14 -9.20
N LYS A 36 11.40 3.62 -9.50
CA LYS A 36 10.30 4.44 -10.01
C LYS A 36 9.48 5.04 -8.87
N LYS A 37 9.42 4.33 -7.74
CA LYS A 37 8.68 4.78 -6.58
C LYS A 37 9.07 6.22 -6.21
N ALA A 38 10.30 6.59 -6.53
CA ALA A 38 10.79 7.93 -6.23
C ALA A 38 10.10 9.00 -7.08
N VAL A 39 9.27 8.57 -8.02
CA VAL A 39 8.57 9.53 -8.89
C VAL A 39 7.10 9.70 -8.49
N LEU A 40 6.53 8.69 -7.84
CA LEU A 40 5.14 8.76 -7.42
C LEU A 40 5.01 9.45 -6.06
N TYR A 41 4.62 10.72 -6.08
CA TYR A 41 4.46 11.50 -4.86
C TYR A 41 3.05 11.37 -4.33
N MET A 42 2.59 12.34 -3.54
CA MET A 42 1.26 12.32 -2.96
C MET A 42 0.19 12.08 -4.02
N CYS A 43 -0.84 11.32 -3.64
CA CYS A 43 -1.96 11.00 -4.53
C CYS A 43 -3.23 10.80 -3.73
N LYS A 44 -4.24 10.20 -4.35
CA LYS A 44 -5.52 9.94 -3.69
C LYS A 44 -5.80 8.45 -3.63
N THR A 45 -6.29 7.97 -2.49
CA THR A 45 -6.60 6.55 -2.31
C THR A 45 -8.02 6.38 -1.82
N VAL A 46 -8.77 5.50 -2.48
CA VAL A 46 -10.15 5.22 -2.11
C VAL A 46 -10.51 3.77 -2.39
N VAL A 47 -10.60 2.98 -1.32
CA VAL A 47 -10.93 1.56 -1.44
C VAL A 47 -12.44 1.34 -1.23
N ALA A 48 -13.11 0.94 -2.29
CA ALA A 48 -14.55 0.70 -2.23
C ALA A 48 -14.88 -0.75 -2.59
N PRO A 49 -16.12 -1.20 -2.31
CA PRO A 49 -16.54 -2.57 -2.61
C PRO A 49 -16.42 -2.89 -4.10
N SER A 50 -15.70 -3.97 -4.40
CA SER A 50 -15.51 -4.39 -5.78
C SER A 50 -16.81 -4.89 -6.40
N THR A 51 -16.96 -4.67 -7.70
CA THR A 51 -18.15 -5.09 -8.42
C THR A 51 -18.39 -6.58 -8.26
N GLU A 52 -17.33 -7.33 -8.01
CA GLU A 52 -17.42 -8.78 -7.83
C GLU A 52 -17.55 -9.15 -6.37
N GLY A 53 -18.00 -8.20 -5.54
CA GLY A 53 -18.15 -8.46 -4.12
C GLY A 53 -16.82 -8.65 -3.42
N GLY A 54 -16.01 -7.59 -3.40
CA GLY A 54 -14.71 -7.67 -2.75
C GLY A 54 -14.16 -6.30 -2.40
N LEU A 55 -12.95 -6.02 -2.84
CA LEU A 55 -12.31 -4.74 -2.56
C LEU A 55 -11.78 -4.11 -3.85
N ASN A 56 -11.98 -2.80 -3.99
CA ASN A 56 -11.51 -2.08 -5.17
C ASN A 56 -10.86 -0.76 -4.78
N LEU A 57 -9.56 -0.67 -5.03
CA LEU A 57 -8.81 0.54 -4.71
C LEU A 57 -8.51 1.34 -5.97
N THR A 58 -8.91 2.60 -5.99
CA THR A 58 -8.68 3.46 -7.15
C THR A 58 -7.78 4.64 -6.79
N SER A 59 -6.61 4.69 -7.42
CA SER A 59 -5.66 5.76 -7.19
C SER A 59 -5.65 6.73 -8.37
N THR A 60 -5.34 7.99 -8.09
CA THR A 60 -5.31 9.00 -9.14
C THR A 60 -4.66 10.29 -8.63
N PHE A 61 -3.70 10.80 -9.39
CA PHE A 61 -3.01 12.03 -9.03
C PHE A 61 -2.70 12.87 -10.26
N LEU A 62 -2.38 14.13 -10.05
CA LEU A 62 -2.06 15.04 -11.14
C LEU A 62 -1.66 16.41 -10.61
N ARG A 63 -0.38 16.55 -10.27
CA ARG A 63 0.15 17.81 -9.75
C ARG A 63 1.62 17.96 -10.05
N LYS A 64 2.06 19.20 -10.24
CA LYS A 64 3.46 19.49 -10.55
C LYS A 64 3.85 18.94 -11.91
N ASN A 65 3.94 17.62 -12.03
CA ASN A 65 4.30 16.98 -13.28
C ASN A 65 4.34 15.46 -13.14
N GLN A 66 3.40 14.92 -12.37
CA GLN A 66 3.32 13.49 -12.15
C GLN A 66 1.96 12.95 -12.58
N ALA A 67 1.99 11.88 -13.38
CA ALA A 67 0.76 11.26 -13.87
C ALA A 67 0.47 9.95 -13.15
N GLU A 68 -0.68 9.89 -12.49
CA GLU A 68 -1.09 8.68 -11.77
C GLU A 68 -2.59 8.48 -11.84
N THR A 69 -3.01 7.26 -12.13
CA THR A 69 -4.42 6.94 -12.24
C THR A 69 -4.62 5.45 -12.53
N LYS A 70 -5.13 4.71 -11.54
CA LYS A 70 -5.36 3.29 -11.71
C LYS A 70 -6.42 2.77 -10.73
N ILE A 71 -6.83 1.52 -10.92
CA ILE A 71 -7.84 0.91 -10.06
C ILE A 71 -7.59 -0.59 -9.91
N MET A 72 -7.25 -1.01 -8.70
CA MET A 72 -6.97 -2.42 -8.43
C MET A 72 -8.13 -3.06 -7.66
N VAL A 73 -8.27 -4.38 -7.81
CA VAL A 73 -9.34 -5.11 -7.13
C VAL A 73 -8.75 -6.19 -6.22
N LEU A 74 -8.92 -6.04 -4.92
CA LEU A 74 -8.41 -6.99 -3.95
C LEU A 74 -9.49 -7.97 -3.50
N GLN A 75 -9.18 -9.26 -3.58
CA GLN A 75 -10.12 -10.30 -3.17
C GLN A 75 -9.57 -11.08 -1.98
N PRO A 76 -10.40 -11.29 -0.94
CA PRO A 76 -10.00 -12.02 0.25
C PRO A 76 -9.42 -13.41 -0.07
N ALA A 77 -8.42 -13.81 0.69
CA ALA A 77 -7.79 -15.10 0.49
C ALA A 77 -7.60 -15.85 1.81
N GLY A 78 -8.71 -16.38 2.33
CA GLY A 78 -8.65 -17.11 3.59
C GLY A 78 -8.64 -16.18 4.79
N ALA A 79 -7.46 -16.01 5.39
CA ALA A 79 -7.31 -15.15 6.56
C ALA A 79 -7.77 -13.73 6.26
N PRO A 80 -8.00 -12.92 7.31
CA PRO A 80 -8.44 -11.53 7.16
C PRO A 80 -7.37 -10.65 6.55
N GLY A 81 -6.14 -10.83 7.00
CA GLY A 81 -5.04 -10.04 6.48
C GLY A 81 -4.44 -10.67 5.24
N HIS A 82 -5.29 -11.18 4.36
CA HIS A 82 -4.82 -11.82 3.13
C HIS A 82 -5.81 -11.61 1.99
N TYR A 83 -5.33 -10.95 0.93
CA TYR A 83 -6.16 -10.70 -0.25
C TYR A 83 -5.27 -10.47 -1.48
N THR A 84 -5.71 -10.99 -2.62
CA THR A 84 -4.96 -10.85 -3.86
C THR A 84 -5.65 -9.83 -4.77
N TYR A 85 -4.87 -9.19 -5.65
CA TYR A 85 -5.44 -8.21 -6.56
C TYR A 85 -4.63 -8.15 -7.84
N SER A 86 -5.31 -8.36 -8.97
CA SER A 86 -4.64 -8.32 -10.26
C SER A 86 -3.90 -6.99 -10.42
N SER A 87 -2.58 -7.05 -10.37
CA SER A 87 -1.75 -5.86 -10.51
C SER A 87 -1.09 -5.84 -11.89
N PRO A 88 -0.14 -4.93 -12.17
CA PRO A 88 0.51 -4.90 -13.47
C PRO A 88 1.58 -5.99 -13.58
N HIS A 89 1.52 -6.77 -14.66
CA HIS A 89 2.47 -7.86 -14.90
C HIS A 89 1.90 -8.89 -15.87
N SER A 90 1.13 -8.41 -16.85
CA SER A 90 0.53 -9.30 -17.86
C SER A 90 -0.64 -10.09 -17.28
N GLY A 91 -0.35 -11.06 -16.44
CA GLY A 91 -1.41 -11.87 -15.84
C GLY A 91 -1.99 -11.24 -14.60
N SER A 92 -1.51 -10.03 -14.27
CA SER A 92 -1.96 -9.30 -13.11
C SER A 92 -2.20 -10.20 -11.91
N ILE A 93 -1.16 -10.39 -11.15
CA ILE A 93 -1.20 -11.20 -9.96
C ILE A 93 -0.58 -10.47 -8.77
N HIS A 94 -1.30 -10.41 -7.65
CA HIS A 94 -0.79 -9.73 -6.46
C HIS A 94 -1.37 -10.35 -5.19
N SER A 95 -0.67 -10.16 -4.08
CA SER A 95 -1.12 -10.69 -2.80
C SER A 95 -0.78 -9.72 -1.66
N VAL A 96 -1.79 -9.01 -1.19
CA VAL A 96 -1.62 -8.05 -0.10
C VAL A 96 -2.09 -8.64 1.22
N SER A 97 -1.41 -8.25 2.30
CA SER A 97 -1.77 -8.75 3.63
C SER A 97 -1.77 -7.63 4.66
N VAL A 98 -2.65 -7.74 5.65
CA VAL A 98 -2.76 -6.74 6.70
C VAL A 98 -1.80 -7.07 7.85
N VAL A 99 -1.11 -6.05 8.36
CA VAL A 99 -0.17 -6.25 9.44
C VAL A 99 -0.61 -5.55 10.71
N GLU A 100 -1.22 -4.39 10.55
CA GLU A 100 -1.69 -3.62 11.69
C GLU A 100 -3.16 -3.20 11.52
N ALA A 101 -3.39 -2.07 10.87
CA ALA A 101 -4.75 -1.58 10.66
C ALA A 101 -5.48 -1.38 11.99
N ASN A 102 -5.65 -0.13 12.38
CA ASN A 102 -6.33 0.19 13.63
C ASN A 102 -7.58 1.03 13.38
N TYR A 103 -8.71 0.35 13.14
CA TYR A 103 -9.98 1.02 12.91
C TYR A 103 -9.83 2.24 12.00
N ASP A 104 -10.83 3.11 11.99
CA ASP A 104 -10.82 4.31 11.17
C ASP A 104 -9.54 5.13 11.40
N GLU A 105 -9.04 5.06 12.63
CA GLU A 105 -7.83 5.80 13.01
C GLU A 105 -6.76 5.73 11.92
N TYR A 106 -6.48 4.52 11.44
CA TYR A 106 -5.47 4.33 10.40
C TYR A 106 -5.50 2.90 9.87
N ALA A 107 -5.07 2.72 8.62
CA ALA A 107 -5.04 1.41 8.00
C ALA A 107 -3.64 1.07 7.50
N LEU A 108 -3.16 -0.11 7.87
CA LEU A 108 -1.83 -0.55 7.45
C LEU A 108 -1.93 -1.84 6.66
N LEU A 109 -1.47 -1.80 5.40
CA LEU A 109 -1.52 -2.96 4.53
C LEU A 109 -0.25 -3.08 3.70
N PHE A 110 0.15 -4.31 3.42
CA PHE A 110 1.34 -4.58 2.63
C PHE A 110 0.98 -5.37 1.37
N SER A 111 1.67 -5.08 0.28
CA SER A 111 1.42 -5.77 -0.98
C SER A 111 2.64 -6.55 -1.45
N ARG A 112 2.51 -7.87 -1.46
CA ARG A 112 3.61 -8.74 -1.87
C ARG A 112 3.22 -9.57 -3.09
N GLY A 113 4.10 -9.61 -4.09
CA GLY A 113 3.82 -10.37 -5.29
C GLY A 113 4.78 -11.53 -5.48
N THR A 114 4.26 -12.74 -5.44
CA THR A 114 5.09 -13.94 -5.60
C THR A 114 4.61 -14.75 -6.79
N LYS A 115 5.34 -14.64 -7.89
CA LYS A 115 5.01 -15.38 -9.12
C LYS A 115 6.13 -16.31 -9.52
N GLY A 116 5.84 -17.26 -10.41
CA GLY A 116 6.83 -18.23 -10.86
C GLY A 116 8.23 -17.65 -10.95
N PRO A 117 8.44 -16.60 -11.77
CA PRO A 117 9.75 -15.96 -11.92
C PRO A 117 10.53 -15.85 -10.62
N GLY A 118 9.80 -15.70 -9.51
CA GLY A 118 10.44 -15.59 -8.21
C GLY A 118 10.77 -14.16 -7.84
N GLN A 119 10.09 -13.21 -8.47
CA GLN A 119 10.32 -11.79 -8.20
C GLN A 119 10.30 -11.50 -6.70
N ASP A 120 9.23 -11.93 -6.03
CA ASP A 120 9.09 -11.73 -4.60
C ASP A 120 9.20 -10.24 -4.24
N PHE A 121 8.35 -9.43 -4.85
CA PHE A 121 8.35 -7.99 -4.61
C PHE A 121 7.26 -7.61 -3.61
N ARG A 122 7.60 -6.78 -2.63
CA ARG A 122 6.65 -6.35 -1.62
C ARG A 122 6.49 -4.83 -1.61
N MET A 123 5.45 -4.35 -0.93
CA MET A 123 5.17 -2.93 -0.84
C MET A 123 4.48 -2.59 0.47
N ALA A 124 4.66 -1.36 0.93
CA ALA A 124 4.05 -0.90 2.16
C ALA A 124 3.18 0.33 1.91
N THR A 125 1.92 0.27 2.37
CA THR A 125 1.00 1.37 2.17
C THR A 125 0.47 1.90 3.50
N LEU A 126 0.42 3.22 3.62
CA LEU A 126 -0.08 3.87 4.83
C LEU A 126 -1.17 4.87 4.48
N TYR A 127 -2.37 4.64 5.00
CA TYR A 127 -3.50 5.52 4.72
C TYR A 127 -3.81 6.45 5.89
N SER A 128 -4.27 7.66 5.56
CA SER A 128 -4.62 8.66 6.56
C SER A 128 -6.10 9.00 6.51
N ARG A 129 -6.77 8.87 7.66
CA ARG A 129 -8.19 9.16 7.74
C ARG A 129 -8.44 10.24 8.79
N THR A 130 -7.43 11.08 9.00
CA THR A 130 -7.53 12.16 9.98
C THR A 130 -6.96 13.45 9.41
N GLN A 131 -5.68 13.40 9.04
CA GLN A 131 -5.01 14.57 8.47
C GLN A 131 -3.82 14.12 7.63
N THR A 132 -3.00 13.23 8.20
CA THR A 132 -1.81 12.67 7.54
C THR A 132 -0.68 12.44 8.55
N LEU A 133 -1.05 12.12 9.79
CA LEU A 133 -0.05 11.86 10.82
C LEU A 133 -0.56 10.80 11.80
N LYS A 134 0.11 9.66 11.83
CA LYS A 134 -0.26 8.57 12.72
C LYS A 134 0.97 8.00 13.41
N ASP A 135 1.04 8.13 14.73
CA ASP A 135 2.17 7.61 15.50
C ASP A 135 2.24 6.10 15.42
N GLU A 136 1.13 5.44 15.73
CA GLU A 136 1.09 3.98 15.68
C GLU A 136 1.46 3.47 14.30
N LEU A 137 0.78 4.00 13.29
CA LEU A 137 1.05 3.61 11.90
C LEU A 137 2.47 3.97 11.51
N LYS A 138 2.88 5.19 11.84
CA LYS A 138 4.23 5.65 11.53
C LYS A 138 5.27 4.76 12.20
N GLU A 139 5.01 4.42 13.46
CA GLU A 139 5.92 3.56 14.23
C GLU A 139 5.82 2.10 13.79
N LYS A 140 4.62 1.65 13.46
CA LYS A 140 4.41 0.27 13.04
C LYS A 140 5.04 -0.01 11.68
N PHE A 141 4.85 0.89 10.73
CA PHE A 141 5.40 0.73 9.39
C PHE A 141 6.92 0.89 9.40
N THR A 142 7.40 1.92 10.09
CA THR A 142 8.82 2.17 10.17
C THR A 142 9.56 0.99 10.80
N THR A 143 9.09 0.57 11.97
CA THR A 143 9.70 -0.54 12.68
C THR A 143 9.59 -1.83 11.87
N PHE A 144 8.44 -2.04 11.26
CA PHE A 144 8.20 -3.25 10.46
C PHE A 144 9.09 -3.27 9.24
N SER A 145 9.61 -2.11 8.84
CA SER A 145 10.48 -2.01 7.67
C SER A 145 11.59 -3.06 7.72
N LYS A 146 12.27 -3.13 8.87
CA LYS A 146 13.35 -4.09 9.05
C LYS A 146 12.84 -5.52 8.90
N ALA A 147 11.60 -5.74 9.34
CA ALA A 147 10.99 -7.06 9.26
C ALA A 147 10.67 -7.43 7.81
N GLN A 148 10.10 -6.48 7.08
CA GLN A 148 9.75 -6.70 5.69
C GLN A 148 10.90 -6.32 4.75
N GLY A 149 12.07 -6.08 5.32
CA GLY A 149 13.22 -5.71 4.51
C GLY A 149 12.95 -4.51 3.63
N LEU A 150 12.10 -3.61 4.10
CA LEU A 150 11.75 -2.41 3.36
C LEU A 150 12.81 -1.33 3.54
N THR A 151 12.81 -0.35 2.65
CA THR A 151 13.78 0.74 2.70
C THR A 151 13.07 2.08 2.88
N GLU A 152 13.47 2.81 3.94
CA GLU A 152 12.87 4.11 4.23
C GLU A 152 13.12 5.08 3.07
N GLU A 153 14.23 4.89 2.37
CA GLU A 153 14.59 5.75 1.24
C GLU A 153 13.58 5.60 0.10
N ASP A 154 12.90 4.46 0.07
CA ASP A 154 11.91 4.20 -0.98
C ASP A 154 10.50 4.43 -0.47
N ILE A 155 10.37 5.36 0.49
CA ILE A 155 9.06 5.68 1.07
C ILE A 155 8.55 7.02 0.55
N VAL A 156 7.27 7.05 0.14
CA VAL A 156 6.67 8.28 -0.36
C VAL A 156 5.50 8.71 0.51
N PHE A 157 5.78 9.49 1.54
CA PHE A 157 4.74 9.96 2.45
C PHE A 157 4.28 11.36 2.08
N LEU A 158 3.13 11.44 1.42
CA LEU A 158 2.53 12.70 0.99
C LEU A 158 3.57 13.80 0.79
N PRO A 159 4.56 13.57 -0.11
CA PRO A 159 5.60 14.55 -0.39
C PRO A 159 5.11 15.70 -1.26
N GLN A 160 5.49 16.93 -0.89
CA GLN A 160 5.08 18.12 -1.63
C GLN A 160 5.43 17.99 -3.11
N PRO A 161 4.87 18.88 -3.96
CA PRO A 161 5.12 18.86 -5.41
C PRO A 161 6.57 19.20 -5.75
N ASP A 162 7.50 18.38 -5.27
CA ASP A 162 8.91 18.57 -5.56
C ASP A 162 9.29 17.80 -6.82
N LYS A 163 8.28 17.28 -7.51
CA LYS A 163 8.46 16.51 -8.74
C LYS A 163 9.46 17.21 -9.68
N ALA A 164 8.96 18.14 -10.49
CA ALA A 164 9.81 18.88 -11.42
C ALA A 164 10.55 17.92 -12.37
N ILE A 165 11.04 18.48 -13.46
CA ILE A 165 11.77 17.70 -14.47
C ILE A 165 11.03 16.42 -14.86
N GLN A 166 9.72 16.40 -14.61
CA GLN A 166 8.90 15.23 -14.94
C GLN A 166 7.83 15.60 -15.95
N GLU A 167 8.22 16.34 -16.98
CA GLU A 167 7.29 16.75 -18.03
C GLU A 167 6.63 15.54 -18.69
N GLY A 1 9.91 -15.02 5.92
CA GLY A 1 10.91 -15.16 4.83
C GLY A 1 12.32 -15.33 5.37
N SER A 2 12.78 -14.35 6.15
CA SER A 2 14.12 -14.40 6.73
C SER A 2 14.07 -14.83 8.19
N GLN A 3 13.40 -14.03 9.02
CA GLN A 3 13.27 -14.33 10.43
C GLN A 3 11.92 -14.95 10.74
N GLY A 4 10.88 -14.12 10.75
CA GLY A 4 9.54 -14.62 11.03
C GLY A 4 9.10 -14.31 12.45
N HIS A 5 9.49 -13.14 12.94
CA HIS A 5 9.13 -12.73 14.29
C HIS A 5 7.76 -12.06 14.30
N ASP A 6 7.42 -11.40 13.20
CA ASP A 6 6.13 -10.72 13.07
C ASP A 6 5.86 -10.34 11.62
N THR A 7 4.58 -10.25 11.27
CA THR A 7 4.19 -9.89 9.92
C THR A 7 2.78 -9.30 9.89
N VAL A 8 1.77 -10.16 9.99
CA VAL A 8 0.39 -9.71 9.97
C VAL A 8 -0.25 -9.77 11.36
N GLN A 9 -1.24 -8.93 11.59
CA GLN A 9 -1.92 -8.89 12.88
C GLN A 9 -3.42 -9.12 12.73
N PRO A 10 -3.90 -10.33 13.06
CA PRO A 10 -5.32 -10.68 12.96
C PRO A 10 -6.22 -9.65 13.64
N ASN A 11 -7.50 -9.67 13.25
CA ASN A 11 -8.51 -8.74 13.81
C ASN A 11 -8.57 -7.45 13.00
N PHE A 12 -8.87 -7.59 11.72
CA PHE A 12 -8.98 -6.44 10.83
C PHE A 12 -10.44 -6.13 10.53
N GLN A 13 -10.85 -4.89 10.79
CA GLN A 13 -12.23 -4.47 10.57
C GLN A 13 -12.35 -3.56 9.35
N GLN A 14 -12.73 -4.16 8.22
CA GLN A 14 -12.91 -3.41 6.98
C GLN A 14 -14.12 -2.47 7.06
N ASP A 15 -15.00 -2.74 8.00
CA ASP A 15 -16.21 -1.92 8.17
C ASP A 15 -15.86 -0.44 8.36
N LYS A 16 -14.69 -0.16 8.89
CA LYS A 16 -14.26 1.22 9.11
C LYS A 16 -13.12 1.60 8.17
N PHE A 17 -12.33 0.61 7.77
CA PHE A 17 -11.21 0.84 6.87
C PHE A 17 -11.68 1.12 5.45
N LEU A 18 -12.67 0.36 4.98
CA LEU A 18 -13.20 0.53 3.64
C LEU A 18 -13.65 1.97 3.40
N GLY A 19 -13.11 2.59 2.35
CA GLY A 19 -13.45 3.96 2.03
C GLY A 19 -12.26 4.76 1.55
N ARG A 20 -12.49 6.04 1.26
CA ARG A 20 -11.42 6.91 0.78
C ARG A 20 -10.26 6.95 1.78
N TRP A 21 -9.05 7.15 1.26
CA TRP A 21 -7.86 7.21 2.10
C TRP A 21 -6.89 8.28 1.61
N TYR A 22 -6.19 8.91 2.54
CA TYR A 22 -5.22 9.95 2.20
C TYR A 22 -3.80 9.40 2.28
N SER A 23 -2.99 9.74 1.29
CA SER A 23 -1.60 9.27 1.24
C SER A 23 -0.81 9.86 2.41
N ALA A 24 0.10 9.06 2.95
CA ALA A 24 0.93 9.50 4.07
C ALA A 24 2.27 8.79 4.09
N GLY A 25 2.26 7.48 3.84
CA GLY A 25 3.49 6.72 3.84
C GLY A 25 3.46 5.53 2.91
N LEU A 26 4.61 5.22 2.30
CA LEU A 26 4.71 4.09 1.38
C LEU A 26 6.14 3.53 1.36
N ALA A 27 6.26 2.29 0.90
CA ALA A 27 7.57 1.64 0.83
C ALA A 27 7.57 0.56 -0.25
N SER A 28 8.75 0.23 -0.76
CA SER A 28 8.87 -0.80 -1.79
C SER A 28 10.16 -1.59 -1.64
N ASN A 29 10.05 -2.91 -1.61
CA ASN A 29 11.21 -3.77 -1.46
C ASN A 29 11.62 -4.37 -2.80
N SER A 30 11.78 -3.51 -3.81
CA SER A 30 12.17 -3.94 -5.14
C SER A 30 13.40 -3.19 -5.62
N SER A 31 13.89 -3.55 -6.80
CA SER A 31 15.06 -2.91 -7.38
C SER A 31 14.69 -2.01 -8.55
N TRP A 32 13.92 -2.56 -9.48
CA TRP A 32 13.49 -1.81 -10.65
C TRP A 32 12.25 -0.97 -10.33
N PHE A 33 11.44 -1.45 -9.40
CA PHE A 33 10.23 -0.76 -9.01
C PHE A 33 10.56 0.47 -8.16
N ARG A 34 11.56 0.32 -7.29
CA ARG A 34 11.98 1.41 -6.42
C ARG A 34 12.43 2.62 -7.23
N GLU A 35 13.01 2.36 -8.40
CA GLU A 35 13.49 3.44 -9.26
C GLU A 35 12.37 4.42 -9.60
N LYS A 36 11.14 3.90 -9.68
CA LYS A 36 9.98 4.72 -9.98
C LYS A 36 9.28 5.19 -8.71
N LYS A 37 9.61 4.58 -7.59
CA LYS A 37 9.02 4.95 -6.31
C LYS A 37 9.40 6.36 -5.91
N ALA A 38 10.65 6.73 -6.22
CA ALA A 38 11.16 8.07 -5.90
C ALA A 38 10.26 9.17 -6.46
N VAL A 39 9.47 8.85 -7.47
CA VAL A 39 8.58 9.83 -8.08
C VAL A 39 7.15 9.68 -7.58
N LEU A 40 7.00 9.11 -6.38
CA LEU A 40 5.69 8.92 -5.78
C LEU A 40 5.32 10.11 -4.90
N TYR A 41 4.47 10.98 -5.43
CA TYR A 41 4.05 12.17 -4.69
C TYR A 41 2.59 12.06 -4.23
N MET A 42 2.05 13.17 -3.74
CA MET A 42 0.67 13.21 -3.26
C MET A 42 -0.32 12.74 -4.33
N CYS A 43 -1.49 12.29 -3.88
CA CYS A 43 -2.53 11.81 -4.77
C CYS A 43 -3.78 11.40 -3.96
N LYS A 44 -4.67 10.65 -4.60
CA LYS A 44 -5.89 10.20 -3.93
C LYS A 44 -6.03 8.69 -4.03
N THR A 45 -6.40 8.05 -2.91
CA THR A 45 -6.57 6.61 -2.88
C THR A 45 -7.91 6.24 -2.25
N VAL A 46 -8.72 5.48 -2.98
CA VAL A 46 -10.03 5.08 -2.50
C VAL A 46 -10.23 3.57 -2.64
N VAL A 47 -10.45 2.91 -1.50
CA VAL A 47 -10.67 1.47 -1.48
C VAL A 47 -12.11 1.15 -1.11
N ALA A 48 -12.93 0.91 -2.13
CA ALA A 48 -14.35 0.60 -1.91
C ALA A 48 -14.66 -0.84 -2.33
N PRO A 49 -15.85 -1.35 -1.94
CA PRO A 49 -16.26 -2.71 -2.28
C PRO A 49 -16.42 -2.91 -3.78
N SER A 50 -15.72 -3.92 -4.31
CA SER A 50 -15.78 -4.21 -5.74
C SER A 50 -17.16 -4.73 -6.14
N THR A 51 -17.54 -4.47 -7.39
CA THR A 51 -18.83 -4.91 -7.91
C THR A 51 -18.94 -6.43 -7.89
N GLU A 52 -17.80 -7.11 -7.80
CA GLU A 52 -17.79 -8.56 -7.79
C GLU A 52 -17.76 -9.11 -6.35
N GLY A 53 -18.15 -8.27 -5.40
CA GLY A 53 -18.15 -8.68 -4.01
C GLY A 53 -16.76 -8.84 -3.45
N GLY A 54 -16.01 -7.74 -3.44
CA GLY A 54 -14.65 -7.77 -2.92
C GLY A 54 -14.14 -6.39 -2.53
N LEU A 55 -13.10 -5.94 -3.22
CA LEU A 55 -12.53 -4.63 -2.94
C LEU A 55 -11.95 -4.02 -4.22
N ASN A 56 -11.98 -2.70 -4.29
CA ASN A 56 -11.46 -1.98 -5.46
C ASN A 56 -10.76 -0.70 -5.03
N LEU A 57 -9.46 -0.63 -5.29
CA LEU A 57 -8.67 0.53 -4.93
C LEU A 57 -8.42 1.42 -6.14
N THR A 58 -8.76 2.71 -6.02
CA THR A 58 -8.59 3.66 -7.11
C THR A 58 -7.52 4.70 -6.76
N SER A 59 -6.62 4.93 -7.71
CA SER A 59 -5.55 5.91 -7.52
C SER A 59 -5.50 6.87 -8.70
N THR A 60 -5.83 8.14 -8.44
CA THR A 60 -5.84 9.15 -9.50
C THR A 60 -5.21 10.46 -9.02
N PHE A 61 -4.28 10.99 -9.81
CA PHE A 61 -3.61 12.24 -9.48
C PHE A 61 -3.45 13.10 -10.73
N LEU A 62 -4.49 13.88 -11.05
CA LEU A 62 -4.46 14.74 -12.22
C LEU A 62 -4.16 16.18 -11.82
N ARG A 63 -2.89 16.47 -11.54
CA ARG A 63 -2.48 17.80 -11.14
C ARG A 63 -1.01 17.82 -10.72
N LYS A 64 -0.53 18.99 -10.30
CA LYS A 64 0.86 19.13 -9.87
C LYS A 64 1.82 18.91 -11.02
N ASN A 65 2.03 17.65 -11.39
CA ASN A 65 2.93 17.31 -12.49
C ASN A 65 2.98 15.79 -12.72
N GLN A 66 2.74 15.03 -11.65
CA GLN A 66 2.78 13.57 -11.74
C GLN A 66 1.44 13.04 -12.24
N ALA A 67 1.49 12.11 -13.18
CA ALA A 67 0.28 11.53 -13.76
C ALA A 67 -0.05 10.17 -13.12
N GLU A 68 -1.22 10.10 -12.49
CA GLU A 68 -1.68 8.89 -11.86
C GLU A 68 -3.17 8.68 -12.11
N THR A 69 -3.55 7.46 -12.46
CA THR A 69 -4.95 7.15 -12.72
C THR A 69 -5.14 5.67 -13.04
N LYS A 70 -5.63 4.91 -12.06
CA LYS A 70 -5.84 3.48 -12.25
C LYS A 70 -6.78 2.92 -11.18
N ILE A 71 -7.20 1.67 -11.36
CA ILE A 71 -8.10 1.02 -10.41
C ILE A 71 -7.84 -0.48 -10.34
N MET A 72 -7.37 -0.93 -9.19
CA MET A 72 -7.08 -2.35 -8.98
C MET A 72 -8.16 -2.99 -8.10
N VAL A 73 -8.33 -4.30 -8.23
CA VAL A 73 -9.33 -5.02 -7.46
C VAL A 73 -8.71 -6.00 -6.48
N LEU A 74 -9.04 -5.85 -5.19
CA LEU A 74 -8.51 -6.71 -4.15
C LEU A 74 -9.54 -7.74 -3.72
N GLN A 75 -9.14 -9.01 -3.69
CA GLN A 75 -10.02 -10.09 -3.29
C GLN A 75 -9.56 -10.72 -1.97
N PRO A 76 -10.47 -10.86 -0.99
CA PRO A 76 -10.14 -11.44 0.32
C PRO A 76 -9.65 -12.88 0.21
N ALA A 77 -8.80 -13.28 1.15
CA ALA A 77 -8.25 -14.64 1.16
C ALA A 77 -8.62 -15.36 2.45
N GLY A 78 -9.78 -15.02 3.01
CA GLY A 78 -10.23 -15.65 4.24
C GLY A 78 -9.70 -14.95 5.48
N ALA A 79 -8.40 -15.08 5.72
CA ALA A 79 -7.77 -14.45 6.88
C ALA A 79 -8.00 -12.94 6.88
N PRO A 80 -8.04 -12.33 8.08
CA PRO A 80 -8.25 -10.88 8.22
C PRO A 80 -7.06 -10.07 7.75
N GLY A 81 -7.32 -9.03 6.97
CA GLY A 81 -6.25 -8.20 6.47
C GLY A 81 -5.45 -8.86 5.36
N HIS A 82 -5.89 -10.03 4.92
CA HIS A 82 -5.19 -10.76 3.86
C HIS A 82 -6.04 -10.86 2.61
N TYR A 83 -5.54 -10.30 1.52
CA TYR A 83 -6.24 -10.33 0.24
C TYR A 83 -5.26 -10.21 -0.92
N THR A 84 -5.72 -10.58 -2.11
CA THR A 84 -4.90 -10.52 -3.32
C THR A 84 -5.57 -9.64 -4.35
N TYR A 85 -4.80 -8.78 -5.00
CA TYR A 85 -5.36 -7.88 -6.01
C TYR A 85 -4.54 -7.92 -7.29
N SER A 86 -5.11 -8.53 -8.32
CA SER A 86 -4.45 -8.65 -9.61
C SER A 86 -3.85 -7.30 -10.03
N SER A 87 -2.53 -7.16 -9.82
CA SER A 87 -1.84 -5.91 -10.16
C SER A 87 -0.97 -6.11 -11.40
N PRO A 88 -1.09 -5.23 -12.40
CA PRO A 88 -0.31 -5.32 -13.64
C PRO A 88 1.17 -5.59 -13.40
N HIS A 89 1.91 -5.84 -14.48
CA HIS A 89 3.35 -6.12 -14.42
C HIS A 89 3.61 -7.60 -14.13
N SER A 90 2.62 -8.44 -14.42
CA SER A 90 2.76 -9.89 -14.20
C SER A 90 1.42 -10.60 -14.37
N GLY A 91 0.73 -10.28 -15.47
CA GLY A 91 -0.57 -10.89 -15.73
C GLY A 91 -1.56 -10.55 -14.63
N SER A 92 -1.21 -9.54 -13.85
CA SER A 92 -2.04 -9.09 -12.75
C SER A 92 -2.09 -10.13 -11.64
N ILE A 93 -0.99 -10.19 -10.95
CA ILE A 93 -0.82 -11.10 -9.82
C ILE A 93 -0.26 -10.38 -8.61
N HIS A 94 -1.04 -10.29 -7.54
CA HIS A 94 -0.57 -9.61 -6.33
C HIS A 94 -1.23 -10.19 -5.07
N SER A 95 -0.47 -10.18 -3.98
CA SER A 95 -0.96 -10.68 -2.69
C SER A 95 -0.58 -9.71 -1.58
N VAL A 96 -1.58 -9.10 -0.97
CA VAL A 96 -1.34 -8.13 0.09
C VAL A 96 -1.86 -8.61 1.44
N SER A 97 -1.14 -8.24 2.50
CA SER A 97 -1.51 -8.61 3.86
C SER A 97 -1.40 -7.42 4.80
N VAL A 98 -2.24 -7.39 5.82
CA VAL A 98 -2.25 -6.30 6.79
C VAL A 98 -1.28 -6.59 7.94
N VAL A 99 -0.51 -5.58 8.33
CA VAL A 99 0.44 -5.73 9.42
C VAL A 99 0.06 -4.88 10.63
N GLU A 100 -0.96 -4.04 10.47
CA GLU A 100 -1.42 -3.19 11.57
C GLU A 100 -2.91 -2.86 11.44
N ALA A 101 -3.23 -1.75 10.80
CA ALA A 101 -4.61 -1.33 10.62
C ALA A 101 -5.27 -1.05 11.98
N ASN A 102 -5.76 0.17 12.17
CA ASN A 102 -6.39 0.55 13.43
C ASN A 102 -7.51 1.56 13.21
N TYR A 103 -8.72 1.05 12.96
CA TYR A 103 -9.90 1.87 12.76
C TYR A 103 -9.59 3.18 12.01
N ASP A 104 -10.47 4.17 12.15
CA ASP A 104 -10.30 5.46 11.49
C ASP A 104 -8.90 6.03 11.69
N GLU A 105 -8.26 5.64 12.79
CA GLU A 105 -6.90 6.12 13.10
C GLU A 105 -6.00 6.09 11.86
N TYR A 106 -5.74 4.90 11.36
CA TYR A 106 -4.90 4.73 10.18
C TYR A 106 -4.93 3.29 9.67
N ALA A 107 -4.59 3.10 8.41
CA ALA A 107 -4.60 1.77 7.82
C ALA A 107 -3.34 1.53 7.00
N LEU A 108 -2.67 0.41 7.25
CA LEU A 108 -1.45 0.07 6.52
C LEU A 108 -1.57 -1.34 5.93
N LEU A 109 -0.98 -1.52 4.74
CA LEU A 109 -1.03 -2.80 4.07
C LEU A 109 0.28 -3.08 3.34
N PHE A 110 0.64 -4.36 3.26
CA PHE A 110 1.87 -4.76 2.59
C PHE A 110 1.54 -5.64 1.39
N SER A 111 1.98 -5.21 0.21
CA SER A 111 1.72 -5.95 -1.02
C SER A 111 2.97 -6.68 -1.50
N ARG A 112 2.91 -8.01 -1.47
CA ARG A 112 4.03 -8.84 -1.89
C ARG A 112 3.63 -9.76 -3.03
N GLY A 113 4.43 -9.77 -4.10
CA GLY A 113 4.14 -10.62 -5.24
C GLY A 113 5.18 -11.69 -5.44
N THR A 114 4.83 -12.93 -5.12
CA THR A 114 5.74 -14.05 -5.27
C THR A 114 5.19 -15.08 -6.25
N LYS A 115 5.71 -15.07 -7.46
CA LYS A 115 5.28 -15.99 -8.50
C LYS A 115 6.49 -16.72 -9.11
N GLY A 116 6.21 -17.81 -9.83
CA GLY A 116 7.28 -18.59 -10.46
C GLY A 116 8.42 -17.73 -10.96
N PRO A 117 8.14 -16.73 -11.82
CA PRO A 117 9.15 -15.82 -12.36
C PRO A 117 10.24 -15.46 -11.35
N GLY A 118 9.84 -15.38 -10.08
CA GLY A 118 10.78 -15.04 -9.04
C GLY A 118 10.79 -13.56 -8.74
N GLN A 119 9.71 -12.87 -9.09
CA GLN A 119 9.59 -11.44 -8.86
C GLN A 119 9.93 -11.08 -7.41
N ASP A 120 9.27 -11.76 -6.47
CA ASP A 120 9.50 -11.52 -5.04
C ASP A 120 9.55 -10.03 -4.71
N PHE A 121 8.59 -9.28 -5.26
CA PHE A 121 8.53 -7.84 -5.02
C PHE A 121 7.50 -7.51 -3.95
N ARG A 122 7.92 -6.72 -2.96
CA ARG A 122 7.03 -6.33 -1.87
C ARG A 122 6.87 -4.81 -1.82
N MET A 123 5.77 -4.35 -1.22
CA MET A 123 5.51 -2.93 -1.11
C MET A 123 4.68 -2.61 0.13
N ALA A 124 5.07 -1.56 0.84
CA ALA A 124 4.36 -1.14 2.04
C ALA A 124 3.54 0.11 1.77
N THR A 125 2.27 0.09 2.17
CA THR A 125 1.39 1.23 1.94
C THR A 125 0.76 1.73 3.23
N LEU A 126 0.83 3.04 3.43
CA LEU A 126 0.27 3.68 4.60
C LEU A 126 -0.87 4.61 4.19
N TYR A 127 -2.07 4.31 4.69
CA TYR A 127 -3.24 5.10 4.35
C TYR A 127 -3.73 5.90 5.55
N SER A 128 -3.81 7.22 5.38
CA SER A 128 -4.28 8.11 6.43
C SER A 128 -5.74 8.48 6.18
N ARG A 129 -6.58 8.23 7.17
CA ARG A 129 -8.00 8.55 7.06
C ARG A 129 -8.33 9.85 7.79
N THR A 130 -7.31 10.48 8.36
CA THR A 130 -7.49 11.74 9.08
C THR A 130 -6.65 12.84 8.45
N GLN A 131 -5.55 12.46 7.80
CA GLN A 131 -4.65 13.41 7.17
C GLN A 131 -3.70 14.02 8.19
N THR A 132 -3.24 13.19 9.12
CA THR A 132 -2.34 13.65 10.15
C THR A 132 -1.30 12.58 10.49
N LEU A 133 -0.26 12.98 11.23
CA LEU A 133 0.80 12.06 11.62
C LEU A 133 0.35 11.19 12.79
N LYS A 134 0.77 9.94 12.78
CA LYS A 134 0.41 9.00 13.83
C LYS A 134 1.63 8.24 14.32
N ASP A 135 1.96 8.41 15.60
CA ASP A 135 3.10 7.73 16.21
C ASP A 135 2.93 6.22 16.12
N GLU A 136 1.73 5.75 16.45
CA GLU A 136 1.44 4.33 16.40
C GLU A 136 1.64 3.79 14.98
N LEU A 137 1.04 4.47 14.02
CA LEU A 137 1.16 4.07 12.61
C LEU A 137 2.63 4.15 12.17
N LYS A 138 3.27 5.27 12.47
CA LYS A 138 4.67 5.47 12.11
C LYS A 138 5.55 4.41 12.78
N GLU A 139 5.26 4.14 14.05
CA GLU A 139 6.02 3.15 14.81
C GLU A 139 5.73 1.73 14.33
N LYS A 140 4.46 1.43 14.08
CA LYS A 140 4.06 0.10 13.63
C LYS A 140 4.56 -0.20 12.23
N PHE A 141 4.42 0.78 11.33
CA PHE A 141 4.86 0.60 9.94
C PHE A 141 6.39 0.59 9.86
N THR A 142 7.02 1.56 10.51
CA THR A 142 8.48 1.66 10.49
C THR A 142 9.13 0.44 11.12
N THR A 143 8.61 0.01 12.26
CA THR A 143 9.17 -1.15 12.95
C THR A 143 8.84 -2.45 12.24
N PHE A 144 7.56 -2.67 11.94
CA PHE A 144 7.14 -3.88 11.25
C PHE A 144 7.88 -4.00 9.92
N SER A 145 8.34 -2.87 9.40
CA SER A 145 9.08 -2.83 8.16
C SER A 145 10.30 -3.75 8.23
N LYS A 146 10.89 -3.85 9.41
CA LYS A 146 12.07 -4.69 9.62
C LYS A 146 11.76 -6.14 9.23
N ALA A 147 10.64 -6.65 9.72
CA ALA A 147 10.24 -8.02 9.42
C ALA A 147 10.06 -8.21 7.92
N GLN A 148 9.69 -7.13 7.24
CA GLN A 148 9.49 -7.16 5.79
C GLN A 148 10.76 -6.73 5.06
N GLY A 149 11.80 -6.35 5.81
CA GLY A 149 13.04 -5.93 5.20
C GLY A 149 12.84 -4.75 4.26
N LEU A 150 12.09 -3.75 4.72
CA LEU A 150 11.81 -2.58 3.90
C LEU A 150 13.10 -1.96 3.37
N THR A 151 12.95 -0.87 2.62
CA THR A 151 14.10 -0.17 2.05
C THR A 151 14.01 1.33 2.36
N GLU A 152 14.87 1.80 3.25
CA GLU A 152 14.88 3.21 3.63
C GLU A 152 14.94 4.12 2.40
N GLU A 153 15.56 3.63 1.33
CA GLU A 153 15.67 4.41 0.10
C GLU A 153 14.47 4.21 -0.81
N ASP A 154 13.60 3.26 -0.46
CA ASP A 154 12.41 2.97 -1.25
C ASP A 154 11.14 3.41 -0.53
N ILE A 155 11.29 4.30 0.44
CA ILE A 155 10.14 4.80 1.20
C ILE A 155 9.62 6.10 0.59
N VAL A 156 8.29 6.24 0.55
CA VAL A 156 7.67 7.43 -0.01
C VAL A 156 6.85 8.17 1.03
N PHE A 157 7.40 9.28 1.52
CA PHE A 157 6.72 10.10 2.51
C PHE A 157 5.96 11.24 1.83
N LEU A 158 4.65 11.32 2.08
CA LEU A 158 3.80 12.36 1.51
C LEU A 158 4.56 13.66 1.25
N PRO A 159 5.12 13.83 0.04
CA PRO A 159 5.88 15.01 -0.34
C PRO A 159 5.02 16.13 -0.91
N GLN A 160 5.57 17.34 -0.95
CA GLN A 160 4.85 18.49 -1.49
C GLN A 160 5.12 18.63 -2.99
N PRO A 161 4.42 19.57 -3.66
CA PRO A 161 4.60 19.79 -5.10
C PRO A 161 5.99 20.31 -5.46
N ASP A 162 7.00 19.49 -5.17
CA ASP A 162 8.38 19.84 -5.49
C ASP A 162 8.77 19.27 -6.85
N LYS A 163 7.76 18.81 -7.60
CA LYS A 163 7.96 18.24 -8.91
C LYS A 163 8.93 19.09 -9.75
N ALA A 164 8.40 20.15 -10.36
CA ALA A 164 9.21 21.03 -11.19
C ALA A 164 9.85 20.28 -12.35
N ILE A 165 9.48 20.66 -13.57
CA ILE A 165 10.01 20.03 -14.77
C ILE A 165 9.58 18.57 -14.88
N GLN A 166 8.54 18.20 -14.12
CA GLN A 166 8.03 16.84 -14.15
C GLN A 166 6.75 16.76 -14.98
N GLU A 167 6.73 17.47 -16.09
CA GLU A 167 5.57 17.48 -16.99
C GLU A 167 5.66 16.34 -17.99
N GLY A 1 10.74 -14.89 16.72
CA GLY A 1 10.36 -13.66 17.45
C GLY A 1 8.92 -13.26 17.22
N SER A 2 8.68 -12.48 16.16
CA SER A 2 7.35 -12.04 15.82
C SER A 2 6.76 -11.18 16.94
N GLN A 3 5.46 -10.89 16.84
CA GLN A 3 4.78 -10.09 17.86
C GLN A 3 5.33 -8.67 17.88
N GLY A 4 6.49 -8.50 18.53
CA GLY A 4 7.11 -7.19 18.61
C GLY A 4 8.06 -6.91 17.46
N HIS A 5 8.59 -7.97 16.86
CA HIS A 5 9.50 -7.83 15.74
C HIS A 5 8.74 -7.54 14.44
N ASP A 6 7.80 -8.41 14.11
CA ASP A 6 7.01 -8.25 12.90
C ASP A 6 5.95 -9.35 12.78
N THR A 7 4.74 -8.96 12.39
CA THR A 7 3.65 -9.91 12.24
C THR A 7 2.39 -9.22 11.74
N VAL A 8 1.28 -9.97 11.66
CA VAL A 8 0.01 -9.42 11.20
C VAL A 8 -0.94 -9.22 12.36
N GLN A 9 -1.87 -8.28 12.22
CA GLN A 9 -2.84 -7.99 13.26
C GLN A 9 -4.24 -8.46 12.88
N PRO A 10 -4.70 -9.59 13.43
CA PRO A 10 -6.03 -10.13 13.13
C PRO A 10 -7.15 -9.26 13.70
N ASN A 11 -8.36 -9.45 13.16
CA ASN A 11 -9.54 -8.69 13.59
C ASN A 11 -9.65 -7.39 12.81
N PHE A 12 -9.41 -7.46 11.51
CA PHE A 12 -9.49 -6.28 10.65
C PHE A 12 -10.94 -5.98 10.30
N GLN A 13 -11.42 -4.79 10.71
CA GLN A 13 -12.79 -4.39 10.45
C GLN A 13 -12.90 -3.55 9.18
N GLN A 14 -13.35 -4.17 8.10
CA GLN A 14 -13.50 -3.48 6.83
C GLN A 14 -14.58 -2.41 6.91
N ASP A 15 -15.52 -2.60 7.85
CA ASP A 15 -16.61 -1.65 8.03
C ASP A 15 -16.08 -0.24 8.30
N LYS A 16 -15.08 -0.14 9.17
CA LYS A 16 -14.49 1.15 9.50
C LYS A 16 -13.15 1.32 8.80
N PHE A 17 -12.98 0.65 7.67
CA PHE A 17 -11.74 0.75 6.90
C PHE A 17 -12.02 1.06 5.44
N LEU A 18 -12.89 0.26 4.82
CA LEU A 18 -13.24 0.46 3.42
C LEU A 18 -13.75 1.89 3.18
N GLY A 19 -13.37 2.46 2.04
CA GLY A 19 -13.80 3.81 1.72
C GLY A 19 -12.68 4.66 1.15
N ARG A 20 -12.88 5.98 1.16
CA ARG A 20 -11.88 6.90 0.65
C ARG A 20 -10.74 7.07 1.66
N TRP A 21 -9.53 7.34 1.15
CA TRP A 21 -8.38 7.51 2.02
C TRP A 21 -7.41 8.54 1.45
N TYR A 22 -6.57 9.11 2.31
CA TYR A 22 -5.60 10.10 1.88
C TYR A 22 -4.19 9.54 1.94
N SER A 23 -3.38 9.85 0.93
CA SER A 23 -2.01 9.37 0.87
C SER A 23 -1.18 9.95 2.02
N ALA A 24 -0.59 9.07 2.83
CA ALA A 24 0.22 9.51 3.96
C ALA A 24 1.56 8.80 4.00
N GLY A 25 1.57 7.49 3.72
CA GLY A 25 2.80 6.74 3.75
C GLY A 25 2.79 5.52 2.86
N LEU A 26 3.94 5.17 2.30
CA LEU A 26 4.07 4.01 1.42
C LEU A 26 5.50 3.47 1.45
N ALA A 27 5.65 2.19 1.15
CA ALA A 27 6.96 1.54 1.13
C ALA A 27 7.06 0.51 0.02
N SER A 28 8.27 0.29 -0.49
CA SER A 28 8.47 -0.67 -1.57
C SER A 28 9.68 -1.57 -1.28
N ASN A 29 9.51 -2.86 -1.52
CA ASN A 29 10.57 -3.83 -1.30
C ASN A 29 11.12 -4.34 -2.63
N SER A 30 11.09 -3.48 -3.65
CA SER A 30 11.58 -3.86 -4.97
C SER A 30 12.86 -3.12 -5.33
N SER A 31 13.63 -3.70 -6.24
CA SER A 31 14.89 -3.09 -6.68
C SER A 31 14.70 -2.30 -7.97
N TRP A 32 13.86 -2.84 -8.86
CA TRP A 32 13.58 -2.18 -10.13
C TRP A 32 12.39 -1.23 -10.00
N PHE A 33 11.42 -1.64 -9.20
CA PHE A 33 10.22 -0.84 -8.98
C PHE A 33 10.55 0.40 -8.15
N ARG A 34 11.50 0.26 -7.25
CA ARG A 34 11.90 1.36 -6.38
C ARG A 34 12.30 2.59 -7.20
N GLU A 35 12.86 2.35 -8.38
CA GLU A 35 13.29 3.43 -9.26
C GLU A 35 12.12 4.36 -9.59
N LYS A 36 10.95 3.78 -9.83
CA LYS A 36 9.76 4.55 -10.16
C LYS A 36 9.05 5.03 -8.89
N LYS A 37 9.29 4.35 -7.78
CA LYS A 37 8.66 4.71 -6.51
C LYS A 37 9.15 6.08 -6.04
N ALA A 38 10.41 6.39 -6.34
CA ALA A 38 11.00 7.66 -5.94
C ALA A 38 10.18 8.84 -6.44
N VAL A 39 9.36 8.61 -7.47
CA VAL A 39 8.53 9.67 -8.02
C VAL A 39 7.08 9.56 -7.57
N LEU A 40 6.89 8.92 -6.42
CA LEU A 40 5.54 8.75 -5.87
C LEU A 40 5.20 9.88 -4.90
N TYR A 41 4.40 10.82 -5.37
CA TYR A 41 3.99 11.96 -4.56
C TYR A 41 2.54 11.80 -4.09
N MET A 42 1.98 12.88 -3.56
CA MET A 42 0.61 12.87 -3.07
C MET A 42 -0.37 12.41 -4.15
N CYS A 43 -1.54 11.93 -3.72
CA CYS A 43 -2.57 11.45 -4.63
C CYS A 43 -3.84 11.11 -3.88
N LYS A 44 -4.78 10.47 -4.56
CA LYS A 44 -6.04 10.08 -3.94
C LYS A 44 -6.21 8.57 -3.98
N THR A 45 -6.65 8.00 -2.87
CA THR A 45 -6.86 6.55 -2.78
C THR A 45 -8.24 6.23 -2.24
N VAL A 46 -9.00 5.45 -3.00
CA VAL A 46 -10.35 5.07 -2.60
C VAL A 46 -10.57 3.57 -2.77
N VAL A 47 -10.65 2.86 -1.64
CA VAL A 47 -10.86 1.42 -1.66
C VAL A 47 -12.31 1.07 -1.32
N ALA A 48 -13.09 0.77 -2.34
CA ALA A 48 -14.50 0.42 -2.14
C ALA A 48 -14.79 -0.99 -2.64
N PRO A 49 -15.89 -1.60 -2.19
CA PRO A 49 -16.28 -2.96 -2.58
C PRO A 49 -16.59 -3.04 -4.07
N SER A 50 -15.93 -3.96 -4.76
CA SER A 50 -16.13 -4.14 -6.19
C SER A 50 -17.52 -4.70 -6.48
N THR A 51 -17.99 -4.49 -7.71
CA THR A 51 -19.30 -4.97 -8.12
C THR A 51 -19.33 -6.50 -8.20
N GLU A 52 -18.16 -7.12 -8.22
CA GLU A 52 -18.07 -8.58 -8.28
C GLU A 52 -17.92 -9.18 -6.89
N GLY A 53 -18.24 -8.40 -5.86
CA GLY A 53 -18.14 -8.88 -4.50
C GLY A 53 -16.70 -8.96 -4.02
N GLY A 54 -16.00 -7.83 -4.07
CA GLY A 54 -14.61 -7.80 -3.63
C GLY A 54 -14.21 -6.42 -3.17
N LEU A 55 -13.10 -5.91 -3.70
CA LEU A 55 -12.60 -4.59 -3.34
C LEU A 55 -11.87 -3.96 -4.51
N ASN A 56 -12.02 -2.64 -4.66
CA ASN A 56 -11.36 -1.91 -5.74
C ASN A 56 -10.71 -0.65 -5.20
N LEU A 57 -9.40 -0.52 -5.44
CA LEU A 57 -8.67 0.64 -4.98
C LEU A 57 -8.13 1.43 -6.17
N THR A 58 -8.68 2.62 -6.39
CA THR A 58 -8.26 3.46 -7.50
C THR A 58 -7.35 4.59 -7.02
N SER A 59 -6.16 4.67 -7.59
CA SER A 59 -5.21 5.71 -7.23
C SER A 59 -4.90 6.60 -8.42
N THR A 60 -5.33 7.85 -8.34
CA THR A 60 -5.11 8.80 -9.43
C THR A 60 -4.91 10.22 -8.89
N PHE A 61 -3.98 10.95 -9.49
CA PHE A 61 -3.70 12.32 -9.07
C PHE A 61 -3.51 13.23 -10.28
N LEU A 62 -3.86 14.50 -10.12
CA LEU A 62 -3.74 15.47 -11.19
C LEU A 62 -3.11 16.76 -10.68
N ARG A 63 -1.78 16.78 -10.58
CA ARG A 63 -1.06 17.95 -10.11
C ARG A 63 0.28 18.09 -10.82
N LYS A 64 1.16 18.92 -10.27
CA LYS A 64 2.47 19.15 -10.85
C LYS A 64 3.46 18.08 -10.43
N ASN A 65 3.54 17.83 -9.11
CA ASN A 65 4.45 16.83 -8.55
C ASN A 65 4.62 15.63 -9.47
N GLN A 66 3.61 14.77 -9.50
CA GLN A 66 3.64 13.57 -10.33
C GLN A 66 2.24 13.13 -10.72
N ALA A 67 2.03 12.91 -12.02
CA ALA A 67 0.74 12.46 -12.51
C ALA A 67 0.52 10.98 -12.21
N GLU A 68 -0.46 10.68 -11.37
CA GLU A 68 -0.75 9.30 -10.99
C GLU A 68 -2.11 8.85 -11.53
N THR A 69 -2.28 7.53 -11.62
CA THR A 69 -3.53 6.96 -12.12
C THR A 69 -3.43 5.43 -12.17
N LYS A 70 -4.40 4.75 -11.57
CA LYS A 70 -4.42 3.29 -11.56
C LYS A 70 -5.64 2.76 -10.80
N ILE A 71 -5.76 1.44 -10.73
CA ILE A 71 -6.87 0.80 -10.03
C ILE A 71 -6.64 -0.70 -9.86
N MET A 72 -6.58 -1.13 -8.60
CA MET A 72 -6.36 -2.54 -8.28
C MET A 72 -7.59 -3.13 -7.60
N VAL A 73 -7.78 -4.43 -7.72
CA VAL A 73 -8.92 -5.10 -7.10
C VAL A 73 -8.47 -6.03 -5.98
N LEU A 74 -8.82 -5.69 -4.74
CA LEU A 74 -8.44 -6.49 -3.58
C LEU A 74 -9.54 -7.48 -3.20
N GLN A 75 -9.16 -8.74 -3.03
CA GLN A 75 -10.11 -9.78 -2.65
C GLN A 75 -9.60 -10.56 -1.44
N PRO A 76 -10.50 -10.87 -0.48
CA PRO A 76 -10.13 -11.61 0.73
C PRO A 76 -9.65 -13.02 0.41
N ALA A 77 -8.80 -13.56 1.28
CA ALA A 77 -8.25 -14.90 1.10
C ALA A 77 -8.40 -15.72 2.37
N GLY A 78 -9.50 -15.53 3.09
CA GLY A 78 -9.73 -16.27 4.32
C GLY A 78 -9.51 -15.42 5.54
N ALA A 79 -8.28 -15.37 6.03
CA ALA A 79 -7.94 -14.60 7.22
C ALA A 79 -8.28 -13.12 7.01
N PRO A 80 -8.34 -12.34 8.10
CA PRO A 80 -8.67 -10.91 8.05
C PRO A 80 -7.54 -10.10 7.41
N GLY A 81 -6.32 -10.36 7.84
CA GLY A 81 -5.19 -9.65 7.30
C GLY A 81 -4.62 -10.37 6.09
N HIS A 82 -5.49 -11.00 5.31
CA HIS A 82 -5.06 -11.74 4.13
C HIS A 82 -5.97 -11.49 2.94
N TYR A 83 -5.38 -11.05 1.83
CA TYR A 83 -6.13 -10.79 0.61
C TYR A 83 -5.19 -10.82 -0.60
N THR A 84 -5.76 -10.71 -1.79
CA THR A 84 -4.98 -10.72 -3.02
C THR A 84 -5.62 -9.81 -4.06
N TYR A 85 -4.81 -9.08 -4.81
CA TYR A 85 -5.32 -8.19 -5.84
C TYR A 85 -4.60 -8.39 -7.16
N SER A 86 -5.38 -8.59 -8.21
CA SER A 86 -4.83 -8.81 -9.55
C SER A 86 -3.92 -7.66 -9.95
N SER A 87 -2.61 -7.86 -9.82
CA SER A 87 -1.63 -6.84 -10.17
C SER A 87 -0.91 -7.23 -11.46
N PRO A 88 -0.95 -6.38 -12.49
CA PRO A 88 -0.30 -6.65 -13.78
C PRO A 88 1.13 -7.16 -13.63
N HIS A 89 1.69 -7.64 -14.74
CA HIS A 89 3.06 -8.18 -14.77
C HIS A 89 3.09 -9.65 -14.35
N SER A 90 1.96 -10.33 -14.49
CA SER A 90 1.86 -11.75 -14.13
C SER A 90 0.41 -12.21 -14.11
N GLY A 91 -0.28 -12.05 -15.24
CA GLY A 91 -1.68 -12.45 -15.32
C GLY A 91 -2.50 -11.81 -14.22
N SER A 92 -1.96 -10.70 -13.70
CA SER A 92 -2.59 -9.97 -12.63
C SER A 92 -2.83 -10.85 -11.41
N ILE A 93 -1.73 -11.16 -10.78
CA ILE A 93 -1.72 -11.99 -9.57
C ILE A 93 -0.88 -11.34 -8.47
N HIS A 94 -1.50 -11.07 -7.32
CA HIS A 94 -0.77 -10.46 -6.21
C HIS A 94 -1.38 -10.86 -4.86
N SER A 95 -0.59 -10.70 -3.80
CA SER A 95 -1.04 -11.03 -2.45
C SER A 95 -0.83 -9.85 -1.51
N VAL A 96 -1.76 -9.65 -0.59
CA VAL A 96 -1.66 -8.55 0.36
C VAL A 96 -2.03 -8.99 1.77
N SER A 97 -1.36 -8.41 2.77
CA SER A 97 -1.62 -8.74 4.15
C SER A 97 -1.61 -7.50 5.03
N VAL A 98 -2.22 -7.61 6.22
CA VAL A 98 -2.29 -6.49 7.14
C VAL A 98 -1.30 -6.67 8.30
N VAL A 99 -0.48 -5.66 8.55
CA VAL A 99 0.51 -5.72 9.61
C VAL A 99 0.17 -4.75 10.75
N GLU A 100 -0.73 -3.81 10.49
CA GLU A 100 -1.12 -2.84 11.50
C GLU A 100 -2.64 -2.62 11.51
N ALA A 101 -3.10 -1.66 10.72
CA ALA A 101 -4.54 -1.36 10.66
C ALA A 101 -5.03 -0.83 11.99
N ASN A 102 -5.42 0.45 12.02
CA ASN A 102 -5.91 1.07 13.24
C ASN A 102 -7.22 1.83 13.00
N TYR A 103 -8.31 1.07 12.89
CA TYR A 103 -9.64 1.64 12.67
C TYR A 103 -9.60 2.80 11.67
N ASP A 104 -10.65 3.61 11.66
CA ASP A 104 -10.75 4.75 10.75
C ASP A 104 -9.54 5.68 10.89
N GLU A 105 -9.02 5.78 12.11
CA GLU A 105 -7.86 6.63 12.39
C GLU A 105 -6.81 6.51 11.30
N TYR A 106 -6.53 5.28 10.89
CA TYR A 106 -5.54 5.02 9.85
C TYR A 106 -5.60 3.56 9.40
N ALA A 107 -5.31 3.33 8.13
CA ALA A 107 -5.34 1.98 7.58
C ALA A 107 -3.99 1.61 6.96
N LEU A 108 -3.48 0.43 7.32
CA LEU A 108 -2.21 -0.04 6.80
C LEU A 108 -2.36 -1.41 6.15
N LEU A 109 -1.77 -1.56 4.96
CA LEU A 109 -1.84 -2.81 4.24
C LEU A 109 -0.54 -3.10 3.50
N PHE A 110 -0.20 -4.37 3.39
CA PHE A 110 1.03 -4.78 2.70
C PHE A 110 0.70 -5.61 1.47
N SER A 111 1.53 -5.51 0.44
CA SER A 111 1.32 -6.25 -0.79
C SER A 111 2.61 -6.90 -1.26
N ARG A 112 2.60 -8.23 -1.32
CA ARG A 112 3.77 -8.99 -1.76
C ARG A 112 3.45 -9.82 -3.00
N GLY A 113 4.29 -9.69 -4.03
CA GLY A 113 4.06 -10.43 -5.26
C GLY A 113 5.07 -11.54 -5.44
N THR A 114 4.62 -12.79 -5.33
CA THR A 114 5.49 -13.94 -5.50
C THR A 114 5.00 -14.83 -6.62
N LYS A 115 5.66 -14.74 -7.77
CA LYS A 115 5.30 -15.54 -8.94
C LYS A 115 6.51 -16.29 -9.47
N GLY A 116 6.25 -17.29 -10.31
CA GLY A 116 7.33 -18.09 -10.89
C GLY A 116 8.56 -17.27 -11.24
N PRO A 117 8.40 -16.18 -12.00
CA PRO A 117 9.52 -15.31 -12.39
C PRO A 117 10.48 -15.04 -11.24
N GLY A 118 9.95 -15.04 -10.03
CA GLY A 118 10.76 -14.79 -8.86
C GLY A 118 10.87 -13.32 -8.52
N GLN A 119 9.95 -12.52 -9.04
CA GLN A 119 9.95 -11.08 -8.77
C GLN A 119 10.04 -10.79 -7.29
N ASP A 120 9.15 -11.40 -6.51
CA ASP A 120 9.13 -11.21 -5.06
C ASP A 120 9.13 -9.73 -4.70
N PHE A 121 8.20 -8.97 -5.29
CA PHE A 121 8.10 -7.55 -5.02
C PHE A 121 7.04 -7.26 -3.95
N ARG A 122 7.44 -6.58 -2.89
CA ARG A 122 6.53 -6.26 -1.80
C ARG A 122 6.36 -4.75 -1.67
N MET A 123 5.24 -4.33 -1.11
CA MET A 123 4.97 -2.91 -0.93
C MET A 123 4.10 -2.67 0.30
N ALA A 124 4.38 -1.60 1.01
CA ALA A 124 3.61 -1.23 2.20
C ALA A 124 2.84 0.05 1.95
N THR A 125 1.52 -0.01 2.12
CA THR A 125 0.68 1.16 1.89
C THR A 125 0.08 1.69 3.18
N LEU A 126 0.14 3.01 3.33
CA LEU A 126 -0.41 3.68 4.52
C LEU A 126 -1.54 4.60 4.12
N TYR A 127 -2.74 4.32 4.64
CA TYR A 127 -3.92 5.12 4.33
C TYR A 127 -4.30 6.03 5.48
N SER A 128 -4.35 7.33 5.21
CA SER A 128 -4.72 8.31 6.23
C SER A 128 -6.13 8.83 5.96
N ARG A 129 -7.01 8.71 6.95
CA ARG A 129 -8.39 9.16 6.80
C ARG A 129 -8.62 10.48 7.55
N THR A 130 -7.54 11.06 8.06
CA THR A 130 -7.64 12.32 8.81
C THR A 130 -6.73 13.39 8.19
N GLN A 131 -5.71 12.95 7.45
CA GLN A 131 -4.77 13.87 6.81
C GLN A 131 -3.74 14.34 7.83
N THR A 132 -3.34 13.44 8.72
CA THR A 132 -2.37 13.78 9.74
C THR A 132 -1.31 12.69 9.88
N LEU A 133 -0.41 12.86 10.83
CA LEU A 133 0.66 11.88 11.06
C LEU A 133 0.35 11.04 12.30
N LYS A 134 0.85 9.80 12.30
CA LYS A 134 0.62 8.90 13.42
C LYS A 134 1.94 8.25 13.85
N ASP A 135 2.32 8.48 15.10
CA ASP A 135 3.56 7.90 15.64
C ASP A 135 3.51 6.38 15.61
N GLU A 136 2.45 5.81 16.15
CA GLU A 136 2.29 4.37 16.20
C GLU A 136 2.28 3.79 14.79
N LEU A 137 1.47 4.37 13.91
CA LEU A 137 1.38 3.90 12.53
C LEU A 137 2.70 4.13 11.81
N LYS A 138 3.29 5.31 12.03
CA LYS A 138 4.56 5.65 11.40
C LYS A 138 5.65 4.71 11.89
N GLU A 139 5.68 4.48 13.20
CA GLU A 139 6.68 3.61 13.81
C GLU A 139 6.39 2.14 13.53
N LYS A 140 5.10 1.79 13.50
CA LYS A 140 4.70 0.40 13.25
C LYS A 140 4.99 -0.02 11.83
N PHE A 141 4.68 0.84 10.87
CA PHE A 141 4.91 0.53 9.46
C PHE A 141 6.39 0.58 9.11
N THR A 142 7.06 1.62 9.58
CA THR A 142 8.49 1.79 9.31
C THR A 142 9.31 0.63 9.88
N THR A 143 9.06 0.29 11.15
CA THR A 143 9.78 -0.79 11.80
C THR A 143 9.42 -2.14 11.21
N PHE A 144 8.11 -2.41 11.12
CA PHE A 144 7.63 -3.67 10.56
C PHE A 144 8.21 -3.88 9.17
N SER A 145 8.58 -2.79 8.52
CA SER A 145 9.15 -2.84 7.18
C SER A 145 10.51 -3.52 7.19
N LYS A 146 11.26 -3.36 8.27
CA LYS A 146 12.58 -3.96 8.39
C LYS A 146 12.48 -5.48 8.19
N ALA A 147 11.38 -6.05 8.69
CA ALA A 147 11.15 -7.47 8.54
C ALA A 147 10.82 -7.78 7.08
N GLN A 148 10.23 -6.80 6.40
CA GLN A 148 9.87 -6.94 5.00
C GLN A 148 11.10 -6.73 4.11
N GLY A 149 12.00 -5.89 4.58
CA GLY A 149 13.21 -5.61 3.82
C GLY A 149 13.15 -4.26 3.10
N LEU A 150 12.26 -3.39 3.56
CA LEU A 150 12.12 -2.07 2.94
C LEU A 150 13.40 -1.26 3.12
N THR A 151 13.50 -0.18 2.37
CA THR A 151 14.65 0.71 2.43
C THR A 151 14.20 2.16 2.59
N GLU A 152 15.00 2.95 3.30
CA GLU A 152 14.67 4.35 3.53
C GLU A 152 14.39 5.08 2.21
N GLU A 153 15.01 4.61 1.14
CA GLU A 153 14.82 5.21 -0.18
C GLU A 153 13.53 4.73 -0.84
N ASP A 154 12.99 3.61 -0.36
CA ASP A 154 11.77 3.06 -0.93
C ASP A 154 10.55 3.47 -0.10
N ILE A 155 10.66 4.61 0.58
CA ILE A 155 9.56 5.11 1.40
C ILE A 155 8.89 6.33 0.75
N VAL A 156 7.57 6.36 0.79
CA VAL A 156 6.83 7.48 0.21
C VAL A 156 6.05 8.25 1.27
N PHE A 157 6.65 9.31 1.78
CA PHE A 157 6.02 10.14 2.79
C PHE A 157 5.32 11.33 2.15
N LEU A 158 3.99 11.34 2.22
CA LEU A 158 3.16 12.42 1.63
C LEU A 158 3.96 13.70 1.39
N PRO A 159 4.62 13.79 0.23
CA PRO A 159 5.42 14.96 -0.13
C PRO A 159 4.60 16.08 -0.76
N GLN A 160 5.18 17.27 -0.81
CA GLN A 160 4.51 18.42 -1.39
C GLN A 160 4.83 18.54 -2.89
N PRO A 161 4.12 19.41 -3.61
CA PRO A 161 4.34 19.60 -5.05
C PRO A 161 5.75 20.12 -5.36
N ASP A 162 5.90 21.45 -5.42
CA ASP A 162 7.19 22.05 -5.72
C ASP A 162 7.67 21.71 -7.13
N LYS A 163 6.89 20.92 -7.87
CA LYS A 163 7.25 20.54 -9.21
C LYS A 163 7.28 21.75 -10.14
N ALA A 164 8.49 22.26 -10.38
CA ALA A 164 8.67 23.42 -11.26
C ALA A 164 8.78 22.98 -12.71
N ILE A 165 7.77 23.32 -13.50
CA ILE A 165 7.76 22.98 -14.92
C ILE A 165 7.51 21.48 -15.13
N GLN A 166 6.39 20.99 -14.59
CA GLN A 166 6.03 19.59 -14.73
C GLN A 166 4.68 19.45 -15.40
N GLU A 167 4.49 20.15 -16.52
CA GLU A 167 3.24 20.10 -17.26
C GLU A 167 2.99 18.70 -17.81
N GLY A 1 16.71 -15.74 0.41
CA GLY A 1 15.27 -16.08 0.31
C GLY A 1 14.38 -14.95 0.79
N SER A 2 13.20 -15.31 1.30
CA SER A 2 12.25 -14.32 1.80
C SER A 2 11.73 -14.71 3.17
N GLN A 3 10.99 -15.82 3.22
CA GLN A 3 10.42 -16.31 4.47
C GLN A 3 9.77 -15.19 5.27
N GLY A 4 9.42 -15.48 6.53
CA GLY A 4 8.79 -14.48 7.37
C GLY A 4 8.17 -15.10 8.61
N HIS A 5 8.74 -14.77 9.77
CA HIS A 5 8.24 -15.29 11.04
C HIS A 5 6.99 -14.54 11.47
N ASP A 6 7.11 -13.22 11.62
CA ASP A 6 5.99 -12.39 12.04
C ASP A 6 5.88 -11.15 11.15
N THR A 7 4.66 -10.69 10.94
CA THR A 7 4.42 -9.50 10.11
C THR A 7 2.94 -9.14 10.07
N VAL A 8 2.09 -10.16 9.97
CA VAL A 8 0.65 -9.94 9.93
C VAL A 8 -0.01 -10.32 11.24
N GLN A 9 -1.15 -9.69 11.53
CA GLN A 9 -1.88 -9.97 12.77
C GLN A 9 -3.36 -10.19 12.51
N PRO A 10 -3.86 -11.42 12.75
CA PRO A 10 -5.27 -11.76 12.55
C PRO A 10 -6.22 -10.84 13.32
N ASN A 11 -7.49 -10.82 12.89
CA ASN A 11 -8.53 -9.99 13.51
C ASN A 11 -8.67 -8.66 12.78
N PHE A 12 -8.91 -8.73 11.48
CA PHE A 12 -9.08 -7.54 10.66
C PHE A 12 -10.54 -7.32 10.32
N GLN A 13 -10.96 -6.06 10.29
CA GLN A 13 -12.35 -5.72 9.99
C GLN A 13 -12.43 -4.64 8.91
N GLN A 14 -12.76 -5.05 7.70
CA GLN A 14 -12.88 -4.13 6.57
C GLN A 14 -14.09 -3.20 6.73
N ASP A 15 -15.03 -3.60 7.58
CA ASP A 15 -16.23 -2.81 7.81
C ASP A 15 -15.92 -1.39 8.23
N LYS A 16 -14.79 -1.20 8.92
CA LYS A 16 -14.40 0.13 9.37
C LYS A 16 -13.10 0.58 8.69
N PHE A 17 -12.86 0.07 7.49
CA PHE A 17 -11.66 0.42 6.75
C PHE A 17 -11.99 0.84 5.32
N LEU A 18 -12.85 0.07 4.66
CA LEU A 18 -13.24 0.36 3.29
C LEU A 18 -13.70 1.81 3.13
N GLY A 19 -13.25 2.45 2.05
CA GLY A 19 -13.60 3.84 1.80
C GLY A 19 -12.44 4.66 1.29
N ARG A 20 -12.62 5.98 1.24
CA ARG A 20 -11.58 6.88 0.76
C ARG A 20 -10.48 7.03 1.81
N TRP A 21 -9.25 7.26 1.36
CA TRP A 21 -8.12 7.42 2.27
C TRP A 21 -7.09 8.39 1.71
N TYR A 22 -6.56 9.26 2.56
CA TYR A 22 -5.56 10.22 2.13
C TYR A 22 -4.17 9.60 2.19
N SER A 23 -3.36 9.84 1.16
CA SER A 23 -2.01 9.29 1.09
C SER A 23 -1.14 9.84 2.22
N ALA A 24 -0.48 8.94 2.93
CA ALA A 24 0.39 9.33 4.04
C ALA A 24 1.78 8.73 3.87
N GLY A 25 1.83 7.44 3.55
CA GLY A 25 3.10 6.78 3.39
C GLY A 25 3.01 5.50 2.58
N LEU A 26 4.13 5.08 2.02
CA LEU A 26 4.19 3.86 1.23
C LEU A 26 5.60 3.28 1.25
N ALA A 27 5.73 2.02 0.86
CA ALA A 27 7.03 1.36 0.85
C ALA A 27 7.12 0.31 -0.25
N SER A 28 8.33 0.08 -0.75
CA SER A 28 8.54 -0.90 -1.80
C SER A 28 9.77 -1.75 -1.51
N ASN A 29 9.60 -3.07 -1.63
CA ASN A 29 10.69 -4.00 -1.37
C ASN A 29 11.38 -4.41 -2.67
N SER A 30 11.51 -3.47 -3.59
CA SER A 30 12.16 -3.72 -4.87
C SER A 30 13.35 -2.80 -5.07
N SER A 31 14.30 -3.23 -5.89
CA SER A 31 15.50 -2.44 -6.16
C SER A 31 15.33 -1.60 -7.43
N TRP A 32 14.61 -2.14 -8.40
CA TRP A 32 14.39 -1.45 -9.67
C TRP A 32 13.11 -0.61 -9.61
N PHE A 33 12.13 -1.10 -8.86
CA PHE A 33 10.86 -0.40 -8.72
C PHE A 33 11.00 0.84 -7.84
N ARG A 34 11.86 0.75 -6.84
CA ARG A 34 12.09 1.85 -5.92
C ARG A 34 12.59 3.10 -6.66
N GLU A 35 13.36 2.87 -7.73
CA GLU A 35 13.89 3.96 -8.52
C GLU A 35 12.78 4.87 -9.04
N LYS A 36 11.56 4.35 -9.11
CA LYS A 36 10.43 5.11 -9.60
C LYS A 36 9.64 5.74 -8.45
N LYS A 37 9.83 5.21 -7.24
CA LYS A 37 9.13 5.73 -6.08
C LYS A 37 9.46 7.20 -5.84
N ALA A 38 10.66 7.60 -6.26
CA ALA A 38 11.12 8.97 -6.11
C ALA A 38 10.31 9.95 -6.96
N VAL A 39 9.44 9.43 -7.83
CA VAL A 39 8.63 10.29 -8.69
C VAL A 39 7.14 10.22 -8.36
N LEU A 40 6.82 9.70 -7.17
CA LEU A 40 5.42 9.60 -6.76
C LEU A 40 5.21 10.29 -5.43
N TYR A 41 4.70 11.50 -5.49
CA TYR A 41 4.44 12.31 -4.30
C TYR A 41 2.97 12.20 -3.87
N MET A 42 2.49 13.22 -3.16
CA MET A 42 1.11 13.25 -2.67
C MET A 42 0.11 12.74 -3.72
N CYS A 43 -0.86 11.95 -3.28
CA CYS A 43 -1.88 11.39 -4.17
C CYS A 43 -3.16 11.10 -3.39
N LYS A 44 -4.13 10.46 -4.06
CA LYS A 44 -5.39 10.12 -3.44
C LYS A 44 -5.74 8.65 -3.68
N THR A 45 -6.24 7.98 -2.64
CA THR A 45 -6.59 6.57 -2.75
C THR A 45 -7.96 6.30 -2.14
N VAL A 46 -8.73 5.43 -2.78
CA VAL A 46 -10.06 5.09 -2.29
C VAL A 46 -10.40 3.64 -2.60
N VAL A 47 -10.61 2.84 -1.55
CA VAL A 47 -10.94 1.43 -1.70
C VAL A 47 -12.44 1.20 -1.51
N ALA A 48 -13.12 0.86 -2.60
CA ALA A 48 -14.55 0.60 -2.55
C ALA A 48 -14.87 -0.84 -2.92
N PRO A 49 -16.08 -1.31 -2.61
CA PRO A 49 -16.50 -2.68 -2.92
C PRO A 49 -16.47 -2.98 -4.41
N SER A 50 -15.71 -4.00 -4.80
CA SER A 50 -15.58 -4.37 -6.20
C SER A 50 -16.90 -4.95 -6.72
N THR A 51 -17.16 -4.70 -8.00
CA THR A 51 -18.38 -5.18 -8.65
C THR A 51 -18.46 -6.71 -8.60
N GLU A 52 -17.31 -7.35 -8.40
CA GLU A 52 -17.27 -8.81 -8.35
C GLU A 52 -17.35 -9.30 -6.91
N GLY A 53 -17.87 -8.47 -6.02
CA GLY A 53 -18.00 -8.86 -4.62
C GLY A 53 -16.65 -8.95 -3.94
N GLY A 54 -15.93 -7.84 -3.87
CA GLY A 54 -14.64 -7.82 -3.23
C GLY A 54 -14.21 -6.43 -2.83
N LEU A 55 -13.08 -5.98 -3.39
CA LEU A 55 -12.56 -4.65 -3.11
C LEU A 55 -11.87 -4.05 -4.32
N ASN A 56 -11.94 -2.74 -4.46
CA ASN A 56 -11.33 -2.04 -5.58
C ASN A 56 -10.70 -0.73 -5.13
N LEU A 57 -9.37 -0.69 -5.14
CA LEU A 57 -8.65 0.51 -4.74
C LEU A 57 -8.21 1.32 -5.96
N THR A 58 -8.83 2.48 -6.15
CA THR A 58 -8.52 3.34 -7.27
C THR A 58 -7.65 4.53 -6.86
N SER A 59 -6.45 4.60 -7.43
CA SER A 59 -5.52 5.68 -7.13
C SER A 59 -5.50 6.68 -8.28
N THR A 60 -5.23 7.94 -7.97
CA THR A 60 -5.20 8.98 -9.00
C THR A 60 -4.49 10.24 -8.51
N PHE A 61 -3.69 10.83 -9.40
CA PHE A 61 -2.96 12.05 -9.08
C PHE A 61 -2.93 12.97 -10.29
N LEU A 62 -3.09 14.27 -10.06
CA LEU A 62 -3.08 15.23 -11.16
C LEU A 62 -2.87 16.65 -10.63
N ARG A 63 -1.62 17.10 -10.62
CA ARG A 63 -1.27 18.44 -10.16
C ARG A 63 0.23 18.66 -10.20
N LYS A 64 0.63 19.92 -10.39
CA LYS A 64 2.05 20.28 -10.45
C LYS A 64 2.70 19.76 -11.74
N ASN A 65 2.95 18.46 -11.79
CA ASN A 65 3.58 17.86 -12.97
C ASN A 65 3.33 16.35 -13.06
N GLN A 66 3.28 15.69 -11.91
CA GLN A 66 3.06 14.25 -11.88
C GLN A 66 1.57 13.92 -11.95
N ALA A 67 1.21 13.01 -12.85
CA ALA A 67 -0.17 12.60 -13.01
C ALA A 67 -0.32 11.08 -12.95
N GLU A 68 -1.10 10.60 -12.00
CA GLU A 68 -1.32 9.17 -11.83
C GLU A 68 -2.79 8.81 -11.96
N THR A 69 -3.08 7.53 -12.18
CA THR A 69 -4.45 7.06 -12.32
C THR A 69 -4.48 5.56 -12.59
N LYS A 70 -4.95 4.79 -11.61
CA LYS A 70 -5.04 3.35 -11.74
C LYS A 70 -6.17 2.79 -10.90
N ILE A 71 -6.29 1.46 -10.85
CA ILE A 71 -7.34 0.81 -10.08
C ILE A 71 -7.08 -0.69 -9.93
N MET A 72 -6.86 -1.11 -8.69
CA MET A 72 -6.61 -2.52 -8.39
C MET A 72 -7.82 -3.14 -7.71
N VAL A 73 -8.00 -4.45 -7.88
CA VAL A 73 -9.12 -5.15 -7.27
C VAL A 73 -8.64 -6.16 -6.22
N LEU A 74 -8.97 -5.90 -4.96
CA LEU A 74 -8.56 -6.77 -3.88
C LEU A 74 -9.67 -7.78 -3.54
N GLN A 75 -9.29 -9.06 -3.48
CA GLN A 75 -10.25 -10.11 -3.17
C GLN A 75 -9.76 -10.95 -1.98
N PRO A 76 -10.61 -11.15 -0.96
CA PRO A 76 -10.25 -11.93 0.22
C PRO A 76 -9.68 -13.31 -0.12
N ALA A 77 -8.82 -13.82 0.76
CA ALA A 77 -8.22 -15.13 0.53
C ALA A 77 -8.44 -16.06 1.72
N GLY A 78 -9.54 -15.83 2.44
CA GLY A 78 -9.85 -16.66 3.59
C GLY A 78 -9.61 -15.94 4.91
N ALA A 79 -8.42 -16.16 5.48
CA ALA A 79 -8.06 -15.55 6.75
C ALA A 79 -8.19 -14.03 6.69
N PRO A 80 -8.23 -13.36 7.86
CA PRO A 80 -8.35 -11.90 7.93
C PRO A 80 -7.11 -11.19 7.41
N GLY A 81 -7.26 -9.92 7.05
CA GLY A 81 -6.14 -9.14 6.54
C GLY A 81 -5.37 -9.88 5.47
N HIS A 82 -6.05 -10.76 4.75
CA HIS A 82 -5.42 -11.52 3.68
C HIS A 82 -6.26 -11.48 2.41
N TYR A 83 -5.67 -10.94 1.35
CA TYR A 83 -6.38 -10.84 0.07
C TYR A 83 -5.39 -10.84 -1.10
N THR A 84 -5.94 -10.79 -2.30
CA THR A 84 -5.13 -10.76 -3.51
C THR A 84 -5.64 -9.68 -4.46
N TYR A 85 -4.75 -9.09 -5.25
CA TYR A 85 -5.16 -8.04 -6.17
C TYR A 85 -4.52 -8.23 -7.54
N SER A 86 -5.38 -8.35 -8.55
CA SER A 86 -4.91 -8.52 -9.92
C SER A 86 -4.03 -7.35 -10.34
N SER A 87 -2.72 -7.56 -10.26
CA SER A 87 -1.75 -6.53 -10.62
C SER A 87 -1.34 -6.68 -12.10
N PRO A 88 -0.20 -6.08 -12.54
CA PRO A 88 0.24 -6.18 -13.92
C PRO A 88 1.10 -7.42 -14.16
N HIS A 89 1.55 -7.60 -15.41
CA HIS A 89 2.41 -8.73 -15.81
C HIS A 89 1.60 -9.83 -16.50
N SER A 90 0.75 -9.43 -17.43
CA SER A 90 -0.09 -10.36 -18.20
C SER A 90 -0.55 -11.57 -17.37
N GLY A 91 -1.54 -11.33 -16.51
CA GLY A 91 -2.08 -12.38 -15.67
C GLY A 91 -2.74 -11.79 -14.44
N SER A 92 -2.25 -10.62 -14.05
CA SER A 92 -2.75 -9.89 -12.91
C SER A 92 -3.02 -10.78 -11.72
N ILE A 93 -1.95 -11.14 -11.07
CA ILE A 93 -2.00 -11.95 -9.87
C ILE A 93 -1.14 -11.35 -8.76
N HIS A 94 -1.74 -11.13 -7.59
CA HIS A 94 -0.99 -10.57 -6.47
C HIS A 94 -1.57 -11.03 -5.13
N SER A 95 -0.82 -10.77 -4.06
CA SER A 95 -1.24 -11.13 -2.72
C SER A 95 -0.95 -9.99 -1.74
N VAL A 96 -1.84 -9.81 -0.77
CA VAL A 96 -1.67 -8.74 0.21
C VAL A 96 -1.96 -9.23 1.62
N SER A 97 -1.23 -8.68 2.59
CA SER A 97 -1.40 -9.06 3.99
C SER A 97 -1.38 -7.83 4.90
N VAL A 98 -2.22 -7.86 5.93
CA VAL A 98 -2.29 -6.74 6.87
C VAL A 98 -1.31 -6.93 8.02
N VAL A 99 -0.53 -5.88 8.30
CA VAL A 99 0.46 -5.93 9.37
C VAL A 99 -0.08 -5.33 10.67
N GLU A 100 -1.11 -4.49 10.56
CA GLU A 100 -1.69 -3.86 11.75
C GLU A 100 -3.06 -3.27 11.44
N ALA A 101 -3.07 -2.03 10.95
CA ALA A 101 -4.31 -1.35 10.62
C ALA A 101 -5.12 -1.06 11.89
N ASN A 102 -5.19 0.21 12.27
CA ASN A 102 -5.94 0.61 13.46
C ASN A 102 -7.37 1.02 13.09
N TYR A 103 -8.26 0.96 14.08
CA TYR A 103 -9.66 1.31 13.86
C TYR A 103 -9.90 2.80 14.09
N ASP A 104 -10.51 3.45 13.09
CA ASP A 104 -10.82 4.88 13.19
C ASP A 104 -9.56 5.75 13.21
N GLU A 105 -8.39 5.13 13.07
CA GLU A 105 -7.14 5.88 13.09
C GLU A 105 -6.42 5.81 11.75
N TYR A 106 -6.08 4.61 11.31
CA TYR A 106 -5.38 4.42 10.05
C TYR A 106 -5.46 2.97 9.58
N ALA A 107 -5.15 2.74 8.31
CA ALA A 107 -5.15 1.40 7.75
C ALA A 107 -3.80 1.04 7.19
N LEU A 108 -3.30 -0.13 7.59
CA LEU A 108 -1.99 -0.59 7.11
C LEU A 108 -2.14 -1.87 6.30
N LEU A 109 -1.73 -1.81 5.04
CA LEU A 109 -1.82 -2.96 4.15
C LEU A 109 -0.48 -3.23 3.48
N PHE A 110 -0.15 -4.51 3.33
CA PHE A 110 1.11 -4.90 2.70
C PHE A 110 0.86 -5.74 1.45
N SER A 111 1.42 -5.31 0.34
CA SER A 111 1.26 -6.01 -0.92
C SER A 111 2.53 -6.78 -1.28
N ARG A 112 2.38 -8.08 -1.50
CA ARG A 112 3.53 -8.93 -1.83
C ARG A 112 3.27 -9.74 -3.10
N GLY A 113 4.20 -9.67 -4.06
CA GLY A 113 4.04 -10.40 -5.30
C GLY A 113 5.02 -11.55 -5.41
N THR A 114 4.54 -12.76 -5.18
CA THR A 114 5.37 -13.96 -5.26
C THR A 114 4.91 -14.87 -6.38
N LYS A 115 5.64 -14.82 -7.49
CA LYS A 115 5.32 -15.64 -8.66
C LYS A 115 6.53 -16.46 -9.08
N GLY A 116 6.29 -17.48 -9.91
CA GLY A 116 7.37 -18.34 -10.38
C GLY A 116 8.62 -17.58 -10.76
N PRO A 117 8.49 -16.56 -11.64
CA PRO A 117 9.62 -15.74 -12.08
C PRO A 117 10.59 -15.41 -10.94
N GLY A 118 10.06 -15.29 -9.74
CA GLY A 118 10.89 -14.98 -8.58
C GLY A 118 10.89 -13.50 -8.24
N GLN A 119 9.94 -12.76 -8.81
CA GLN A 119 9.84 -11.32 -8.55
C GLN A 119 9.87 -11.02 -7.06
N ASP A 120 9.01 -11.69 -6.31
CA ASP A 120 8.94 -11.50 -4.86
C ASP A 120 8.96 -10.02 -4.49
N PHE A 121 8.21 -9.21 -5.23
CA PHE A 121 8.16 -7.78 -4.98
C PHE A 121 7.06 -7.44 -3.98
N ARG A 122 7.46 -6.85 -2.85
CA ARG A 122 6.51 -6.48 -1.81
C ARG A 122 6.47 -4.97 -1.62
N MET A 123 5.40 -4.46 -1.05
CA MET A 123 5.25 -3.03 -0.82
C MET A 123 4.37 -2.76 0.41
N ALA A 124 4.65 -1.65 1.07
CA ALA A 124 3.89 -1.27 2.26
C ALA A 124 3.05 -0.03 1.97
N THR A 125 1.80 -0.02 2.43
CA THR A 125 0.92 1.11 2.19
C THR A 125 0.44 1.74 3.49
N LEU A 126 0.40 3.07 3.50
CA LEU A 126 -0.06 3.83 4.66
C LEU A 126 -1.16 4.79 4.26
N TYR A 127 -2.35 4.61 4.85
CA TYR A 127 -3.50 5.44 4.52
C TYR A 127 -3.77 6.50 5.60
N SER A 128 -4.57 7.50 5.24
CA SER A 128 -4.92 8.58 6.15
C SER A 128 -6.41 8.87 6.09
N ARG A 129 -6.98 9.19 7.24
CA ARG A 129 -8.39 9.51 7.34
C ARG A 129 -8.62 10.70 8.26
N THR A 130 -7.55 11.43 8.55
CA THR A 130 -7.64 12.59 9.42
C THR A 130 -6.63 13.66 9.05
N GLN A 131 -5.38 13.44 9.42
CA GLN A 131 -4.31 14.39 9.15
C GLN A 131 -3.18 13.74 8.34
N THR A 132 -3.18 12.42 8.31
CA THR A 132 -2.16 11.65 7.58
C THR A 132 -0.84 11.62 8.34
N LEU A 133 -0.93 11.69 9.65
CA LEU A 133 0.26 11.64 10.50
C LEU A 133 -0.05 10.94 11.82
N LYS A 134 0.57 9.79 12.03
CA LYS A 134 0.38 9.02 13.26
C LYS A 134 1.72 8.54 13.81
N ASP A 135 1.97 8.81 15.09
CA ASP A 135 3.21 8.37 15.71
C ASP A 135 3.26 6.86 15.80
N GLU A 136 2.18 6.26 16.25
CA GLU A 136 2.10 4.81 16.36
C GLU A 136 2.21 4.18 14.99
N LEU A 137 1.40 4.67 14.05
CA LEU A 137 1.43 4.15 12.68
C LEU A 137 2.79 4.41 12.04
N LYS A 138 3.29 5.62 12.21
CA LYS A 138 4.60 5.99 11.67
C LYS A 138 5.67 5.06 12.23
N GLU A 139 5.65 4.85 13.54
CA GLU A 139 6.61 3.98 14.20
C GLU A 139 6.32 2.51 13.90
N LYS A 140 5.05 2.16 13.77
CA LYS A 140 4.67 0.78 13.50
C LYS A 140 5.08 0.36 12.09
N PHE A 141 4.84 1.21 11.10
CA PHE A 141 5.19 0.90 9.73
C PHE A 141 6.70 1.01 9.51
N THR A 142 7.28 2.11 9.96
CA THR A 142 8.72 2.33 9.80
C THR A 142 9.52 1.18 10.39
N THR A 143 9.12 0.73 11.58
CA THR A 143 9.82 -0.36 12.25
C THR A 143 9.45 -1.70 11.62
N PHE A 144 8.15 -1.93 11.43
CA PHE A 144 7.69 -3.19 10.83
C PHE A 144 8.37 -3.43 9.49
N SER A 145 8.82 -2.33 8.87
CA SER A 145 9.51 -2.40 7.58
C SER A 145 10.62 -3.44 7.62
N LYS A 146 11.32 -3.51 8.75
CA LYS A 146 12.42 -4.46 8.92
C LYS A 146 11.92 -5.89 8.70
N ALA A 147 10.77 -6.21 9.29
CA ALA A 147 10.20 -7.54 9.14
C ALA A 147 9.92 -7.85 7.68
N GLN A 148 9.58 -6.81 6.92
CA GLN A 148 9.30 -6.95 5.50
C GLN A 148 10.54 -6.63 4.66
N GLY A 149 11.70 -6.57 5.31
CA GLY A 149 12.92 -6.26 4.60
C GLY A 149 12.81 -4.98 3.78
N LEU A 150 12.06 -4.02 4.31
CA LEU A 150 11.87 -2.75 3.62
C LEU A 150 12.89 -1.73 4.10
N THR A 151 13.18 -0.72 3.28
CA THR A 151 14.14 0.31 3.62
C THR A 151 13.57 1.70 3.44
N GLU A 152 13.98 2.63 4.31
CA GLU A 152 13.50 4.01 4.26
C GLU A 152 13.71 4.60 2.87
N GLU A 153 14.77 4.16 2.19
CA GLU A 153 15.07 4.64 0.85
C GLU A 153 13.99 4.22 -0.14
N ASP A 154 13.20 3.21 0.22
CA ASP A 154 12.14 2.72 -0.64
C ASP A 154 10.76 3.08 -0.06
N ILE A 155 10.70 4.14 0.73
CA ILE A 155 9.45 4.60 1.33
C ILE A 155 8.97 5.89 0.69
N VAL A 156 7.67 6.02 0.54
CA VAL A 156 7.07 7.21 -0.06
C VAL A 156 6.19 7.96 0.93
N PHE A 157 6.82 8.77 1.79
CA PHE A 157 6.08 9.54 2.78
C PHE A 157 5.38 10.72 2.11
N LEU A 158 4.04 10.76 2.24
CA LEU A 158 3.23 11.82 1.65
C LEU A 158 3.96 13.17 1.64
N PRO A 159 4.66 13.47 0.53
CA PRO A 159 5.41 14.71 0.37
C PRO A 159 4.60 15.80 -0.32
N GLN A 160 5.06 17.03 -0.20
CA GLN A 160 4.38 18.16 -0.83
C GLN A 160 4.70 18.22 -2.33
N PRO A 161 4.01 19.09 -3.08
CA PRO A 161 4.22 19.22 -4.54
C PRO A 161 5.62 19.73 -4.87
N ASP A 162 6.62 18.90 -4.61
CA ASP A 162 8.01 19.24 -4.91
C ASP A 162 8.36 18.86 -6.34
N LYS A 163 7.36 18.43 -7.11
CA LYS A 163 7.56 18.03 -8.49
C LYS A 163 8.34 19.08 -9.27
N ALA A 164 9.66 18.90 -9.33
CA ALA A 164 10.52 19.83 -10.03
C ALA A 164 11.18 19.15 -11.24
N ILE A 165 10.99 19.74 -12.42
CA ILE A 165 11.55 19.19 -13.65
C ILE A 165 10.86 17.89 -14.04
N GLN A 166 9.58 17.77 -13.66
CA GLN A 166 8.80 16.58 -13.99
C GLN A 166 7.91 16.83 -15.20
N GLU A 167 8.44 17.53 -16.20
CA GLU A 167 7.70 17.82 -17.41
C GLU A 167 8.25 17.03 -18.60
N GLY A 1 21.71 -14.83 5.05
CA GLY A 1 20.58 -14.28 4.26
C GLY A 1 19.42 -13.84 5.13
N SER A 2 18.79 -14.80 5.81
CA SER A 2 17.66 -14.50 6.68
C SER A 2 16.50 -13.92 5.88
N GLN A 3 15.28 -14.20 6.32
CA GLN A 3 14.08 -13.71 5.65
C GLN A 3 13.02 -13.31 6.66
N GLY A 4 11.91 -12.77 6.16
CA GLY A 4 10.83 -12.34 7.03
C GLY A 4 10.05 -13.51 7.60
N HIS A 5 9.79 -13.46 8.91
CA HIS A 5 9.05 -14.53 9.57
C HIS A 5 7.54 -14.31 9.45
N ASP A 6 7.07 -13.18 9.94
CA ASP A 6 5.65 -12.85 9.88
C ASP A 6 5.39 -11.45 10.44
N THR A 7 4.58 -10.68 9.73
CA THR A 7 4.25 -9.32 10.16
C THR A 7 2.75 -9.05 10.06
N VAL A 8 1.97 -10.08 9.75
CA VAL A 8 0.52 -9.93 9.62
C VAL A 8 -0.20 -10.54 10.82
N GLN A 9 -1.20 -9.82 11.32
CA GLN A 9 -1.96 -10.28 12.48
C GLN A 9 -3.46 -10.18 12.22
N PRO A 10 -4.21 -11.30 12.32
CA PRO A 10 -5.65 -11.31 12.10
C PRO A 10 -6.38 -10.31 12.97
N ASN A 11 -7.60 -9.96 12.57
CA ASN A 11 -8.44 -8.99 13.29
C ASN A 11 -8.54 -7.68 12.52
N PHE A 12 -8.99 -7.77 11.27
CA PHE A 12 -9.14 -6.61 10.41
C PHE A 12 -10.60 -6.20 10.30
N GLN A 13 -10.87 -4.89 10.30
CA GLN A 13 -12.23 -4.39 10.20
C GLN A 13 -12.37 -3.42 9.03
N GLN A 14 -12.83 -3.92 7.89
CA GLN A 14 -13.02 -3.10 6.70
C GLN A 14 -14.16 -2.11 6.89
N ASP A 15 -15.03 -2.40 7.87
CA ASP A 15 -16.18 -1.54 8.15
C ASP A 15 -15.75 -0.10 8.44
N LYS A 16 -14.53 0.07 8.93
CA LYS A 16 -14.02 1.41 9.25
C LYS A 16 -12.80 1.77 8.42
N PHE A 17 -12.51 0.96 7.40
CA PHE A 17 -11.36 1.21 6.55
C PHE A 17 -11.80 1.58 5.13
N LEU A 18 -12.79 0.87 4.61
CA LEU A 18 -13.31 1.13 3.27
C LEU A 18 -13.70 2.59 3.11
N GLY A 19 -13.52 3.12 1.90
CA GLY A 19 -13.86 4.50 1.63
C GLY A 19 -12.67 5.32 1.18
N ARG A 20 -12.89 6.61 0.95
CA ARG A 20 -11.82 7.51 0.50
C ARG A 20 -10.61 7.41 1.42
N TRP A 21 -9.43 7.62 0.86
CA TRP A 21 -8.18 7.55 1.63
C TRP A 21 -7.19 8.61 1.19
N TYR A 22 -6.20 8.88 2.03
CA TYR A 22 -5.17 9.86 1.74
C TYR A 22 -3.78 9.26 1.93
N SER A 23 -2.93 9.36 0.91
CA SER A 23 -1.59 8.83 0.99
C SER A 23 -0.77 9.56 2.04
N ALA A 24 0.07 8.83 2.76
CA ALA A 24 0.89 9.41 3.81
C ALA A 24 2.24 8.71 3.93
N GLY A 25 2.23 7.38 3.91
CA GLY A 25 3.46 6.64 4.03
C GLY A 25 3.49 5.39 3.16
N LEU A 26 4.16 5.47 2.02
CA LEU A 26 4.25 4.31 1.13
C LEU A 26 5.70 3.95 0.85
N ALA A 27 5.94 2.69 0.52
CA ALA A 27 7.28 2.21 0.23
C ALA A 27 7.25 1.03 -0.73
N SER A 28 8.42 0.55 -1.11
CA SER A 28 8.52 -0.59 -2.03
C SER A 28 9.80 -1.38 -1.81
N ASN A 29 9.68 -2.70 -1.82
CA ASN A 29 10.83 -3.57 -1.63
C ASN A 29 11.28 -4.19 -2.95
N SER A 30 11.10 -3.43 -4.04
CA SER A 30 11.49 -3.90 -5.36
C SER A 30 12.90 -3.46 -5.71
N SER A 31 13.39 -3.92 -6.86
CA SER A 31 14.73 -3.57 -7.31
C SER A 31 14.68 -2.67 -8.54
N TRP A 32 13.75 -2.97 -9.45
CA TRP A 32 13.59 -2.19 -10.67
C TRP A 32 12.47 -1.17 -10.52
N PHE A 33 11.46 -1.52 -9.73
CA PHE A 33 10.32 -0.64 -9.50
C PHE A 33 10.73 0.53 -8.59
N ARG A 34 11.62 0.24 -7.65
CA ARG A 34 12.08 1.26 -6.72
C ARG A 34 12.63 2.47 -7.46
N GLU A 35 13.22 2.24 -8.61
CA GLU A 35 13.78 3.32 -9.43
C GLU A 35 12.69 4.33 -9.80
N LYS A 36 11.43 3.91 -9.76
CA LYS A 36 10.31 4.78 -10.09
C LYS A 36 9.63 5.32 -8.83
N LYS A 37 9.98 4.77 -7.67
CA LYS A 37 9.39 5.22 -6.41
C LYS A 37 9.72 6.69 -6.16
N ALA A 38 10.89 7.11 -6.60
CA ALA A 38 11.33 8.48 -6.43
C ALA A 38 10.34 9.49 -7.01
N VAL A 39 9.49 9.01 -7.92
CA VAL A 39 8.50 9.88 -8.54
C VAL A 39 7.12 9.69 -7.93
N LEU A 40 7.08 9.21 -6.68
CA LEU A 40 5.83 9.00 -5.98
C LEU A 40 5.43 10.24 -5.20
N TYR A 41 4.46 10.98 -5.72
CA TYR A 41 4.00 12.21 -5.08
C TYR A 41 2.52 12.12 -4.70
N MET A 42 1.93 13.25 -4.34
CA MET A 42 0.52 13.31 -3.94
C MET A 42 -0.37 12.51 -4.90
N CYS A 43 -1.53 12.11 -4.41
CA CYS A 43 -2.49 11.33 -5.20
C CYS A 43 -3.61 10.81 -4.33
N LYS A 44 -4.85 11.07 -4.75
CA LYS A 44 -6.02 10.63 -4.00
C LYS A 44 -6.31 9.15 -4.26
N THR A 45 -6.63 8.42 -3.19
CA THR A 45 -6.93 6.99 -3.31
C THR A 45 -8.23 6.65 -2.59
N VAL A 46 -9.18 6.05 -3.31
CA VAL A 46 -10.46 5.68 -2.73
C VAL A 46 -10.75 4.20 -2.94
N VAL A 47 -10.91 3.48 -1.83
CA VAL A 47 -11.19 2.06 -1.88
C VAL A 47 -12.67 1.78 -1.61
N ALA A 48 -13.33 1.13 -2.56
CA ALA A 48 -14.75 0.81 -2.43
C ALA A 48 -15.00 -0.67 -2.72
N PRO A 49 -16.21 -1.17 -2.37
CA PRO A 49 -16.57 -2.57 -2.59
C PRO A 49 -16.58 -2.92 -4.07
N SER A 50 -15.87 -4.00 -4.41
CA SER A 50 -15.79 -4.45 -5.79
C SER A 50 -17.12 -4.99 -6.28
N THR A 51 -17.43 -4.73 -7.55
CA THR A 51 -18.68 -5.19 -8.15
C THR A 51 -18.86 -6.69 -7.99
N GLU A 52 -17.74 -7.40 -7.86
CA GLU A 52 -17.77 -8.86 -7.70
C GLU A 52 -17.73 -9.26 -6.23
N GLY A 53 -18.11 -8.34 -5.35
CA GLY A 53 -18.10 -8.62 -3.94
C GLY A 53 -16.70 -8.75 -3.37
N GLY A 54 -15.95 -7.66 -3.42
CA GLY A 54 -14.59 -7.67 -2.91
C GLY A 54 -14.08 -6.29 -2.56
N LEU A 55 -12.86 -5.97 -2.95
CA LEU A 55 -12.27 -4.68 -2.68
C LEU A 55 -11.72 -4.04 -3.95
N ASN A 56 -12.02 -2.76 -4.15
CA ASN A 56 -11.56 -2.04 -5.32
C ASN A 56 -10.95 -0.69 -4.92
N LEU A 57 -9.69 -0.49 -5.27
CA LEU A 57 -9.00 0.75 -4.95
C LEU A 57 -8.68 1.55 -6.21
N THR A 58 -9.17 2.77 -6.28
CA THR A 58 -8.93 3.62 -7.44
C THR A 58 -8.05 4.80 -7.08
N SER A 59 -6.87 4.86 -7.69
CA SER A 59 -5.93 5.94 -7.45
C SER A 59 -5.84 6.87 -8.65
N THR A 60 -6.32 8.10 -8.48
CA THR A 60 -6.30 9.08 -9.55
C THR A 60 -5.64 10.38 -9.09
N PHE A 61 -4.69 10.86 -9.88
CA PHE A 61 -3.97 12.09 -9.55
C PHE A 61 -3.50 12.79 -10.82
N LEU A 62 -3.77 14.09 -10.90
CA LEU A 62 -3.38 14.89 -12.06
C LEU A 62 -2.95 16.28 -11.63
N ARG A 63 -1.96 16.35 -10.75
CA ARG A 63 -1.45 17.61 -10.25
C ARG A 63 0.07 17.65 -10.33
N LYS A 64 0.61 17.41 -11.53
CA LYS A 64 2.05 17.41 -11.73
C LYS A 64 2.74 16.33 -10.89
N ASN A 65 4.07 16.37 -10.88
CA ASN A 65 4.88 15.40 -10.13
C ASN A 65 4.76 14.02 -10.76
N GLN A 66 3.56 13.47 -10.70
CA GLN A 66 3.29 12.16 -11.26
C GLN A 66 1.84 12.03 -11.70
N ALA A 67 1.62 11.69 -12.96
CA ALA A 67 0.28 11.53 -13.49
C ALA A 67 -0.20 10.08 -13.28
N GLU A 68 -1.22 9.92 -12.45
CA GLU A 68 -1.75 8.58 -12.17
C GLU A 68 -3.24 8.50 -12.50
N THR A 69 -3.71 7.27 -12.77
CA THR A 69 -5.11 7.04 -13.09
C THR A 69 -5.36 5.55 -13.34
N LYS A 70 -5.57 4.80 -12.25
CA LYS A 70 -5.81 3.37 -12.37
C LYS A 70 -6.71 2.87 -11.22
N ILE A 71 -6.98 1.57 -11.22
CA ILE A 71 -7.83 0.97 -10.20
C ILE A 71 -7.49 -0.50 -10.01
N MET A 72 -7.18 -0.87 -8.77
CA MET A 72 -6.84 -2.25 -8.45
C MET A 72 -7.99 -2.94 -7.71
N VAL A 73 -8.07 -4.25 -7.83
CA VAL A 73 -9.12 -5.02 -7.16
C VAL A 73 -8.53 -6.06 -6.22
N LEU A 74 -8.77 -5.87 -4.92
CA LEU A 74 -8.25 -6.79 -3.91
C LEU A 74 -9.31 -7.79 -3.47
N GLN A 75 -8.95 -9.07 -3.49
CA GLN A 75 -9.86 -10.14 -3.10
C GLN A 75 -9.33 -10.88 -1.88
N PRO A 76 -10.07 -10.86 -0.74
CA PRO A 76 -9.67 -11.54 0.49
C PRO A 76 -9.32 -12.99 0.26
N ALA A 77 -8.38 -13.51 1.04
CA ALA A 77 -7.96 -14.90 0.93
C ALA A 77 -7.89 -15.57 2.30
N GLY A 78 -8.93 -16.31 2.64
CA GLY A 78 -8.97 -16.98 3.93
C GLY A 78 -8.91 -16.02 5.10
N ALA A 79 -7.72 -15.83 5.65
CA ALA A 79 -7.55 -14.92 6.78
C ALA A 79 -7.97 -13.50 6.42
N PRO A 80 -8.27 -12.67 7.43
CA PRO A 80 -8.68 -11.28 7.21
C PRO A 80 -7.54 -10.40 6.73
N GLY A 81 -6.33 -10.68 7.22
CA GLY A 81 -5.19 -9.93 6.81
C GLY A 81 -4.50 -10.54 5.61
N HIS A 82 -5.28 -11.03 4.66
CA HIS A 82 -4.73 -11.64 3.46
C HIS A 82 -5.67 -11.48 2.26
N TYR A 83 -5.13 -10.91 1.19
CA TYR A 83 -5.90 -10.70 -0.04
C TYR A 83 -4.96 -10.59 -1.23
N THR A 84 -5.53 -10.60 -2.43
CA THR A 84 -4.74 -10.49 -3.66
C THR A 84 -5.42 -9.54 -4.63
N TYR A 85 -4.63 -8.88 -5.47
CA TYR A 85 -5.19 -7.95 -6.44
C TYR A 85 -4.37 -7.93 -7.72
N SER A 86 -5.03 -8.25 -8.82
CA SER A 86 -4.36 -8.27 -10.12
C SER A 86 -3.68 -6.95 -10.39
N SER A 87 -2.35 -6.94 -10.28
CA SER A 87 -1.56 -5.73 -10.50
C SER A 87 -0.89 -5.81 -11.88
N PRO A 88 0.09 -4.94 -12.18
CA PRO A 88 0.77 -4.98 -13.48
C PRO A 88 1.53 -6.29 -13.69
N HIS A 89 2.15 -6.45 -14.86
CA HIS A 89 2.92 -7.65 -15.20
C HIS A 89 2.18 -8.54 -16.20
N SER A 90 1.11 -8.02 -16.79
CA SER A 90 0.33 -8.76 -17.78
C SER A 90 -0.57 -9.81 -17.13
N GLY A 91 0.01 -10.67 -16.29
CA GLY A 91 -0.79 -11.69 -15.64
C GLY A 91 -1.52 -11.14 -14.43
N SER A 92 -1.14 -9.93 -14.04
CA SER A 92 -1.72 -9.25 -12.90
C SER A 92 -1.95 -10.17 -11.72
N ILE A 93 -0.91 -10.31 -10.96
CA ILE A 93 -0.92 -11.12 -9.75
C ILE A 93 -0.30 -10.35 -8.58
N HIS A 94 -1.03 -10.26 -7.48
CA HIS A 94 -0.53 -9.56 -6.30
C HIS A 94 -1.12 -10.13 -5.02
N SER A 95 -0.43 -9.87 -3.92
CA SER A 95 -0.86 -10.34 -2.60
C SER A 95 -0.62 -9.26 -1.55
N VAL A 96 -1.58 -9.09 -0.65
CA VAL A 96 -1.46 -8.09 0.41
C VAL A 96 -1.91 -8.64 1.76
N SER A 97 -1.25 -8.18 2.82
CA SER A 97 -1.58 -8.64 4.17
C SER A 97 -1.56 -7.47 5.15
N VAL A 98 -2.53 -7.44 6.06
CA VAL A 98 -2.62 -6.39 7.07
C VAL A 98 -1.61 -6.61 8.19
N VAL A 99 -0.83 -5.58 8.51
CA VAL A 99 0.16 -5.69 9.56
C VAL A 99 -0.04 -4.63 10.65
N GLU A 100 -1.27 -4.15 10.77
CA GLU A 100 -1.58 -3.14 11.78
C GLU A 100 -3.09 -2.87 11.86
N ALA A 101 -3.59 -2.04 10.96
CA ALA A 101 -5.01 -1.70 10.93
C ALA A 101 -5.43 -1.02 12.23
N ASN A 102 -5.50 0.31 12.20
CA ASN A 102 -5.88 1.08 13.38
C ASN A 102 -7.17 1.87 13.14
N TYR A 103 -8.28 1.16 13.03
CA TYR A 103 -9.59 1.79 12.80
C TYR A 103 -9.49 2.94 11.80
N ASP A 104 -10.51 3.79 11.78
CA ASP A 104 -10.54 4.93 10.86
C ASP A 104 -9.29 5.79 10.99
N GLU A 105 -8.74 5.84 12.20
CA GLU A 105 -7.55 6.64 12.47
C GLU A 105 -6.50 6.49 11.37
N TYR A 106 -6.14 5.25 11.05
CA TYR A 106 -5.15 4.99 10.02
C TYR A 106 -5.09 3.49 9.70
N ALA A 107 -4.70 3.16 8.48
CA ALA A 107 -4.60 1.77 8.06
C ALA A 107 -3.25 1.50 7.39
N LEU A 108 -2.58 0.44 7.83
CA LEU A 108 -1.28 0.07 7.28
C LEU A 108 -1.36 -1.32 6.65
N LEU A 109 -1.10 -1.39 5.35
CA LEU A 109 -1.15 -2.64 4.63
C LEU A 109 0.10 -2.82 3.75
N PHE A 110 0.52 -4.07 3.60
CA PHE A 110 1.69 -4.39 2.78
C PHE A 110 1.28 -5.25 1.58
N SER A 111 1.86 -4.96 0.43
CA SER A 111 1.55 -5.69 -0.79
C SER A 111 2.80 -6.35 -1.38
N ARG A 112 2.82 -7.68 -1.37
CA ARG A 112 3.95 -8.43 -1.91
C ARG A 112 3.50 -9.38 -3.00
N GLY A 113 4.31 -9.51 -4.05
CA GLY A 113 3.97 -10.40 -5.14
C GLY A 113 4.89 -11.60 -5.23
N THR A 114 4.30 -12.79 -5.17
CA THR A 114 5.07 -14.03 -5.24
C THR A 114 4.54 -14.92 -6.36
N LYS A 115 5.27 -14.94 -7.48
CA LYS A 115 4.88 -15.75 -8.63
C LYS A 115 6.06 -16.55 -9.15
N GLY A 116 5.77 -17.57 -9.98
CA GLY A 116 6.79 -18.42 -10.54
C GLY A 116 8.12 -17.72 -10.78
N PRO A 117 8.13 -16.63 -11.57
CA PRO A 117 9.35 -15.87 -11.87
C PRO A 117 10.28 -15.75 -10.67
N GLY A 118 9.71 -15.70 -9.47
CA GLY A 118 10.51 -15.60 -8.27
C GLY A 118 10.80 -14.17 -7.88
N GLN A 119 9.98 -13.24 -8.37
CA GLN A 119 10.15 -11.83 -8.06
C GLN A 119 10.15 -11.59 -6.55
N ASP A 120 9.11 -12.08 -5.88
CA ASP A 120 8.99 -11.94 -4.44
C ASP A 120 9.18 -10.48 -4.00
N PHE A 121 8.55 -9.57 -4.73
CA PHE A 121 8.65 -8.14 -4.40
C PHE A 121 7.59 -7.75 -3.38
N ARG A 122 7.95 -6.84 -2.47
CA ARG A 122 7.01 -6.38 -1.45
C ARG A 122 6.79 -4.88 -1.55
N MET A 123 5.75 -4.40 -0.87
CA MET A 123 5.41 -2.98 -0.88
C MET A 123 4.74 -2.57 0.43
N ALA A 124 5.00 -1.35 0.86
CA ALA A 124 4.40 -0.83 2.10
C ALA A 124 3.48 0.33 1.80
N THR A 125 2.25 0.24 2.30
CA THR A 125 1.25 1.29 2.07
C THR A 125 0.61 1.76 3.36
N LEU A 126 0.86 3.02 3.72
CA LEU A 126 0.27 3.61 4.91
C LEU A 126 -0.89 4.50 4.50
N TYR A 127 -2.09 4.16 4.97
CA TYR A 127 -3.28 4.91 4.62
C TYR A 127 -3.70 5.91 5.68
N SER A 128 -3.78 7.18 5.29
CA SER A 128 -4.20 8.24 6.20
C SER A 128 -5.66 8.56 5.95
N ARG A 129 -6.47 8.48 7.00
CA ARG A 129 -7.90 8.74 6.88
C ARG A 129 -8.22 10.16 7.35
N THR A 130 -7.23 11.02 7.34
CA THR A 130 -7.41 12.41 7.76
C THR A 130 -6.32 13.30 7.15
N GLN A 131 -5.19 13.42 7.85
CA GLN A 131 -4.07 14.24 7.40
C GLN A 131 -3.04 14.40 8.52
N THR A 132 -2.81 13.33 9.28
CA THR A 132 -1.86 13.38 10.37
C THR A 132 -1.13 12.04 10.52
N LEU A 133 -0.13 12.04 11.41
CA LEU A 133 0.65 10.83 11.66
C LEU A 133 0.22 10.17 12.96
N LYS A 134 0.61 8.91 13.13
CA LYS A 134 0.26 8.16 14.34
C LYS A 134 1.48 7.43 14.89
N ASP A 135 1.62 7.45 16.22
CA ASP A 135 2.75 6.80 16.87
C ASP A 135 2.69 5.29 16.65
N GLU A 136 1.52 4.71 16.86
CA GLU A 136 1.34 3.27 16.68
C GLU A 136 1.65 2.89 15.23
N LEU A 137 1.02 3.59 14.29
CA LEU A 137 1.24 3.33 12.88
C LEU A 137 2.69 3.62 12.51
N LYS A 138 3.18 4.79 12.94
CA LYS A 138 4.55 5.18 12.67
C LYS A 138 5.51 4.13 13.20
N GLU A 139 5.24 3.65 14.41
CA GLU A 139 6.06 2.62 15.04
C GLU A 139 5.85 1.25 14.40
N LYS A 140 4.60 0.96 14.01
CA LYS A 140 4.28 -0.33 13.41
C LYS A 140 4.89 -0.47 12.02
N PHE A 141 4.80 0.56 11.21
CA PHE A 141 5.35 0.51 9.86
C PHE A 141 6.87 0.62 9.87
N THR A 142 7.38 1.61 10.61
CA THR A 142 8.82 1.83 10.70
C THR A 142 9.53 0.60 11.26
N THR A 143 9.01 0.07 12.36
CA THR A 143 9.60 -1.09 13.00
C THR A 143 9.45 -2.34 12.14
N PHE A 144 8.24 -2.58 11.64
CA PHE A 144 7.98 -3.73 10.79
C PHE A 144 8.87 -3.71 9.56
N SER A 145 9.38 -2.53 9.22
CA SER A 145 10.25 -2.38 8.06
C SER A 145 11.28 -3.50 7.97
N LYS A 146 11.96 -3.77 9.08
CA LYS A 146 12.96 -4.82 9.12
C LYS A 146 12.33 -6.19 8.88
N ALA A 147 11.08 -6.34 9.32
CA ALA A 147 10.36 -7.60 9.15
C ALA A 147 10.00 -7.84 7.69
N GLN A 148 9.47 -6.80 7.03
CA GLN A 148 9.09 -6.91 5.63
C GLN A 148 10.21 -6.46 4.70
N GLY A 149 11.43 -6.43 5.22
CA GLY A 149 12.57 -6.01 4.42
C GLY A 149 12.31 -4.70 3.70
N LEU A 150 11.43 -3.87 4.28
CA LEU A 150 11.10 -2.58 3.70
C LEU A 150 12.35 -1.72 3.55
N THR A 151 12.24 -0.67 2.74
CA THR A 151 13.36 0.23 2.51
C THR A 151 13.02 1.65 2.94
N GLU A 152 13.58 2.07 4.07
CA GLU A 152 13.33 3.41 4.59
C GLU A 152 13.64 4.48 3.54
N GLU A 153 14.59 4.17 2.65
CA GLU A 153 14.98 5.09 1.60
C GLU A 153 13.99 5.05 0.44
N ASP A 154 13.26 3.95 0.31
CA ASP A 154 12.29 3.79 -0.76
C ASP A 154 10.87 4.13 -0.29
N ILE A 155 10.78 4.94 0.76
CA ILE A 155 9.49 5.35 1.30
C ILE A 155 9.11 6.74 0.81
N VAL A 156 7.82 6.94 0.52
CA VAL A 156 7.34 8.22 0.03
C VAL A 156 6.36 8.86 1.00
N PHE A 157 6.35 10.18 1.04
CA PHE A 157 5.46 10.93 1.92
C PHE A 157 4.69 11.98 1.11
N LEU A 158 3.37 11.81 1.03
CA LEU A 158 2.50 12.72 0.28
C LEU A 158 3.07 14.13 0.18
N PRO A 159 3.87 14.41 -0.87
CA PRO A 159 4.49 15.71 -1.09
C PRO A 159 3.60 16.65 -1.91
N GLN A 160 3.92 17.94 -1.88
CA GLN A 160 3.16 18.93 -2.63
C GLN A 160 3.54 18.92 -4.11
N PRO A 161 2.62 19.38 -4.99
CA PRO A 161 2.86 19.42 -6.43
C PRO A 161 3.72 20.60 -6.85
N ASP A 162 4.96 20.63 -6.37
CA ASP A 162 5.88 21.71 -6.71
C ASP A 162 6.32 21.59 -8.17
N LYS A 163 6.15 20.41 -8.74
CA LYS A 163 6.52 20.16 -10.13
C LYS A 163 5.92 21.20 -11.07
N ALA A 164 6.70 22.22 -11.40
CA ALA A 164 6.26 23.26 -12.30
C ALA A 164 6.45 22.85 -13.76
N ILE A 165 5.36 22.82 -14.51
CA ILE A 165 5.41 22.44 -15.92
C ILE A 165 5.67 20.94 -16.09
N GLN A 166 5.00 20.14 -15.27
CA GLN A 166 5.16 18.68 -15.33
C GLN A 166 4.01 18.05 -16.10
N GLU A 167 3.58 18.71 -17.17
CA GLU A 167 2.49 18.21 -18.00
C GLU A 167 3.03 17.47 -19.22
N GLY A 1 12.90 -14.47 24.32
CA GLY A 1 12.26 -13.69 23.23
C GLY A 1 10.75 -13.71 23.32
N SER A 2 10.16 -14.90 23.20
CA SER A 2 8.71 -15.06 23.28
C SER A 2 8.03 -14.33 22.12
N GLN A 3 7.01 -14.96 21.54
CA GLN A 3 6.27 -14.39 20.43
C GLN A 3 7.19 -14.13 19.24
N GLY A 4 6.60 -13.89 18.09
CA GLY A 4 7.38 -13.63 16.89
C GLY A 4 7.84 -12.19 16.79
N HIS A 5 8.52 -11.87 15.69
CA HIS A 5 9.02 -10.51 15.48
C HIS A 5 7.95 -9.63 14.86
N ASP A 6 7.45 -10.03 13.70
CA ASP A 6 6.41 -9.27 13.00
C ASP A 6 5.87 -10.05 11.81
N THR A 7 4.60 -9.84 11.50
CA THR A 7 3.96 -10.52 10.37
C THR A 7 2.52 -10.03 10.19
N VAL A 8 1.59 -10.94 9.96
CA VAL A 8 0.18 -10.59 9.77
C VAL A 8 -0.63 -10.93 11.01
N GLN A 9 -1.58 -10.05 11.36
CA GLN A 9 -2.42 -10.27 12.52
C GLN A 9 -3.89 -10.45 12.14
N PRO A 10 -4.40 -11.69 12.15
CA PRO A 10 -5.79 -11.99 11.81
C PRO A 10 -6.78 -11.14 12.60
N ASN A 11 -8.01 -11.06 12.09
CA ASN A 11 -9.09 -10.28 12.71
C ASN A 11 -9.18 -8.89 12.09
N PHE A 12 -9.39 -8.85 10.79
CA PHE A 12 -9.50 -7.59 10.06
C PHE A 12 -10.97 -7.29 9.72
N GLN A 13 -11.35 -6.02 9.83
CA GLN A 13 -12.72 -5.62 9.54
C GLN A 13 -12.75 -4.50 8.49
N GLN A 14 -13.10 -4.87 7.26
CA GLN A 14 -13.17 -3.90 6.17
C GLN A 14 -14.34 -2.94 6.37
N ASP A 15 -15.31 -3.34 7.19
CA ASP A 15 -16.49 -2.50 7.45
C ASP A 15 -16.09 -1.13 7.97
N LYS A 16 -15.01 -1.08 8.75
CA LYS A 16 -14.52 0.18 9.30
C LYS A 16 -13.19 0.57 8.69
N PHE A 17 -12.97 0.19 7.44
CA PHE A 17 -11.73 0.50 6.75
C PHE A 17 -12.00 1.01 5.33
N LEU A 18 -12.88 0.31 4.62
CA LEU A 18 -13.23 0.70 3.25
C LEU A 18 -13.59 2.17 3.16
N GLY A 19 -13.34 2.78 2.00
CA GLY A 19 -13.65 4.18 1.81
C GLY A 19 -12.45 4.97 1.34
N ARG A 20 -12.64 6.27 1.13
CA ARG A 20 -11.56 7.15 0.67
C ARG A 20 -10.36 7.05 1.60
N TRP A 21 -9.16 7.24 1.06
CA TRP A 21 -7.94 7.19 1.86
C TRP A 21 -6.96 8.27 1.43
N TYR A 22 -6.19 8.77 2.40
CA TYR A 22 -5.20 9.80 2.13
C TYR A 22 -3.79 9.25 2.23
N SER A 23 -2.88 9.83 1.46
CA SER A 23 -1.48 9.38 1.47
C SER A 23 -0.84 9.61 2.83
N ALA A 24 -0.22 8.57 3.36
CA ALA A 24 0.43 8.67 4.66
C ALA A 24 1.89 8.23 4.60
N GLY A 25 2.14 7.16 3.83
CA GLY A 25 3.50 6.66 3.71
C GLY A 25 3.59 5.40 2.86
N LEU A 26 4.76 5.16 2.28
CA LEU A 26 4.98 3.98 1.46
C LEU A 26 6.44 3.59 1.46
N ALA A 27 6.73 2.29 1.46
CA ALA A 27 8.10 1.83 1.47
C ALA A 27 8.24 0.42 0.88
N SER A 28 9.48 0.02 0.61
CA SER A 28 9.78 -1.31 0.08
C SER A 28 9.39 -1.44 -1.39
N ASN A 29 9.16 -2.68 -1.84
CA ASN A 29 8.78 -2.97 -3.22
C ASN A 29 10.02 -3.04 -4.10
N SER A 30 10.72 -1.92 -4.20
CA SER A 30 11.93 -1.84 -5.02
C SER A 30 11.78 -2.54 -6.35
N SER A 31 12.90 -2.91 -6.97
CA SER A 31 12.90 -3.59 -8.27
C SER A 31 12.45 -2.66 -9.38
N TRP A 32 11.16 -2.34 -9.40
CA TRP A 32 10.60 -1.45 -10.42
C TRP A 32 9.93 -0.23 -9.78
N PHE A 33 9.41 -0.41 -8.57
CA PHE A 33 8.73 0.67 -7.87
C PHE A 33 9.74 1.70 -7.34
N ARG A 34 10.92 1.24 -6.94
CA ARG A 34 11.95 2.14 -6.43
C ARG A 34 12.23 3.27 -7.41
N GLU A 35 12.14 2.96 -8.70
CA GLU A 35 12.39 3.95 -9.75
C GLU A 35 11.18 4.87 -9.92
N LYS A 36 10.00 4.38 -9.57
CA LYS A 36 8.78 5.16 -9.68
C LYS A 36 8.45 5.89 -8.38
N LYS A 37 8.99 5.41 -7.28
CA LYS A 37 8.75 6.03 -5.97
C LYS A 37 9.31 7.45 -5.92
N ALA A 38 10.47 7.63 -6.55
CA ALA A 38 11.12 8.94 -6.57
C ALA A 38 10.28 9.96 -7.32
N VAL A 39 9.30 9.49 -8.09
CA VAL A 39 8.44 10.39 -8.86
C VAL A 39 7.03 10.46 -8.29
N LEU A 40 6.61 9.42 -7.57
CA LEU A 40 5.28 9.39 -6.98
C LEU A 40 5.30 9.98 -5.58
N TYR A 41 4.86 11.23 -5.46
CA TYR A 41 4.84 11.92 -4.17
C TYR A 41 3.46 11.84 -3.51
N MET A 42 2.55 12.73 -3.93
CA MET A 42 1.21 12.76 -3.35
C MET A 42 0.15 12.35 -4.37
N CYS A 43 -0.85 11.61 -3.91
CA CYS A 43 -1.94 11.14 -4.77
C CYS A 43 -3.22 10.94 -3.96
N LYS A 44 -4.23 10.35 -4.60
CA LYS A 44 -5.51 10.09 -3.95
C LYS A 44 -5.90 8.62 -4.12
N THR A 45 -6.40 8.01 -3.05
CA THR A 45 -6.82 6.62 -3.09
C THR A 45 -8.16 6.42 -2.42
N VAL A 46 -8.98 5.54 -3.00
CA VAL A 46 -10.30 5.26 -2.45
C VAL A 46 -10.69 3.80 -2.67
N VAL A 47 -10.76 3.05 -1.59
CA VAL A 47 -11.12 1.63 -1.65
C VAL A 47 -12.59 1.41 -1.31
N ALA A 48 -13.20 0.42 -1.94
CA ALA A 48 -14.60 0.09 -1.70
C ALA A 48 -14.93 -1.29 -2.21
N PRO A 49 -16.11 -1.83 -1.85
CA PRO A 49 -16.54 -3.16 -2.28
C PRO A 49 -16.83 -3.21 -3.78
N SER A 50 -16.16 -4.10 -4.49
CA SER A 50 -16.34 -4.24 -5.92
C SER A 50 -17.71 -4.81 -6.25
N THR A 51 -18.19 -4.53 -7.46
CA THR A 51 -19.49 -5.01 -7.90
C THR A 51 -19.53 -6.53 -7.99
N GLU A 52 -18.35 -7.15 -8.00
CA GLU A 52 -18.27 -8.61 -8.08
C GLU A 52 -18.15 -9.24 -6.69
N GLY A 53 -18.50 -8.46 -5.67
CA GLY A 53 -18.42 -8.97 -4.30
C GLY A 53 -16.99 -9.08 -3.80
N GLY A 54 -16.24 -7.99 -3.92
CA GLY A 54 -14.86 -7.99 -3.47
C GLY A 54 -14.42 -6.61 -3.00
N LEU A 55 -13.35 -6.10 -3.59
CA LEU A 55 -12.84 -4.79 -3.23
C LEU A 55 -12.21 -4.11 -4.44
N ASN A 56 -12.32 -2.79 -4.50
CA ASN A 56 -11.77 -2.01 -5.61
C ASN A 56 -11.11 -0.74 -5.11
N LEU A 57 -9.79 -0.67 -5.25
CA LEU A 57 -9.03 0.49 -4.81
C LEU A 57 -8.61 1.34 -6.01
N THR A 58 -9.20 2.53 -6.12
CA THR A 58 -8.89 3.43 -7.23
C THR A 58 -7.92 4.51 -6.80
N SER A 59 -6.73 4.51 -7.43
CA SER A 59 -5.71 5.50 -7.12
C SER A 59 -5.47 6.39 -8.33
N THR A 60 -5.56 7.70 -8.13
CA THR A 60 -5.35 8.65 -9.22
C THR A 60 -4.91 10.01 -8.70
N PHE A 61 -3.98 10.63 -9.42
CA PHE A 61 -3.46 11.95 -9.05
C PHE A 61 -3.20 12.77 -10.31
N LEU A 62 -3.68 14.01 -10.31
CA LEU A 62 -3.49 14.89 -11.46
C LEU A 62 -2.63 16.11 -11.10
N ARG A 63 -2.34 16.92 -12.12
CA ARG A 63 -1.53 18.12 -11.93
C ARG A 63 -0.28 17.85 -11.09
N LYS A 64 0.37 18.92 -10.65
CA LYS A 64 1.57 18.81 -9.84
C LYS A 64 2.76 18.29 -10.66
N ASN A 65 3.00 16.98 -10.63
CA ASN A 65 4.11 16.40 -11.40
C ASN A 65 3.79 14.99 -11.87
N GLN A 66 3.71 14.06 -10.93
CA GLN A 66 3.44 12.67 -11.27
C GLN A 66 1.94 12.42 -11.42
N ALA A 67 1.47 12.40 -12.65
CA ALA A 67 0.06 12.16 -12.93
C ALA A 67 -0.25 10.67 -12.86
N GLU A 68 -1.07 10.29 -11.89
CA GLU A 68 -1.45 8.89 -11.72
C GLU A 68 -2.93 8.68 -12.02
N THR A 69 -3.29 7.45 -12.34
CA THR A 69 -4.67 7.10 -12.66
C THR A 69 -4.82 5.61 -12.92
N LYS A 70 -5.50 4.91 -12.02
CA LYS A 70 -5.70 3.47 -12.15
C LYS A 70 -6.76 2.96 -11.18
N ILE A 71 -7.06 1.67 -11.26
CA ILE A 71 -8.06 1.05 -10.40
C ILE A 71 -7.80 -0.44 -10.25
N MET A 72 -7.50 -0.86 -9.02
CA MET A 72 -7.23 -2.27 -8.74
C MET A 72 -8.39 -2.91 -7.97
N VAL A 73 -8.52 -4.23 -8.11
CA VAL A 73 -9.58 -4.97 -7.42
C VAL A 73 -8.99 -5.99 -6.47
N LEU A 74 -9.20 -5.79 -5.17
CA LEU A 74 -8.68 -6.70 -4.14
C LEU A 74 -9.74 -7.71 -3.70
N GLN A 75 -9.36 -8.98 -3.71
CA GLN A 75 -10.26 -10.05 -3.30
C GLN A 75 -9.66 -10.86 -2.15
N PRO A 76 -10.47 -11.18 -1.14
CA PRO A 76 -10.01 -11.96 0.02
C PRO A 76 -9.47 -13.33 -0.36
N ALA A 77 -8.51 -13.84 0.42
CA ALA A 77 -7.92 -15.14 0.15
C ALA A 77 -7.92 -16.01 1.41
N GLY A 78 -9.10 -16.44 1.82
CA GLY A 78 -9.22 -17.27 3.01
C GLY A 78 -9.01 -16.48 4.29
N ALA A 79 -7.75 -16.13 4.57
CA ALA A 79 -7.43 -15.37 5.77
C ALA A 79 -7.88 -13.92 5.64
N PRO A 80 -8.17 -13.26 6.77
CA PRO A 80 -8.61 -11.86 6.77
C PRO A 80 -7.51 -10.91 6.34
N GLY A 81 -6.29 -11.17 6.80
CA GLY A 81 -5.18 -10.33 6.44
C GLY A 81 -4.49 -10.82 5.18
N HIS A 82 -5.27 -11.34 4.24
CA HIS A 82 -4.71 -11.85 2.99
C HIS A 82 -5.70 -11.71 1.84
N TYR A 83 -5.30 -10.95 0.82
CA TYR A 83 -6.13 -10.74 -0.36
C TYR A 83 -5.25 -10.58 -1.59
N THR A 84 -5.85 -10.67 -2.77
CA THR A 84 -5.13 -10.52 -4.02
C THR A 84 -5.83 -9.53 -4.93
N TYR A 85 -5.07 -8.87 -5.81
CA TYR A 85 -5.65 -7.91 -6.72
C TYR A 85 -4.88 -7.85 -8.02
N SER A 86 -5.55 -8.15 -9.12
CA SER A 86 -4.92 -8.14 -10.43
C SER A 86 -4.18 -6.83 -10.65
N SER A 87 -2.86 -6.89 -10.64
CA SER A 87 -2.03 -5.70 -10.83
C SER A 87 -1.40 -5.75 -12.23
N PRO A 88 -0.45 -4.85 -12.56
CA PRO A 88 0.18 -4.87 -13.88
C PRO A 88 1.25 -5.94 -13.96
N HIS A 89 1.16 -6.76 -15.02
CA HIS A 89 2.11 -7.86 -15.25
C HIS A 89 1.51 -8.92 -16.18
N SER A 90 0.75 -8.46 -17.17
CA SER A 90 0.11 -9.36 -18.13
C SER A 90 -1.07 -10.11 -17.52
N GLY A 91 -0.78 -11.07 -16.64
CA GLY A 91 -1.84 -11.84 -16.02
C GLY A 91 -2.39 -11.17 -14.78
N SER A 92 -1.90 -9.98 -14.50
CA SER A 92 -2.33 -9.21 -13.34
C SER A 92 -2.54 -10.08 -12.11
N ILE A 93 -1.48 -10.25 -11.37
CA ILE A 93 -1.50 -11.03 -10.15
C ILE A 93 -0.86 -10.26 -8.99
N HIS A 94 -1.55 -10.20 -7.86
CA HIS A 94 -1.01 -9.50 -6.70
C HIS A 94 -1.54 -10.08 -5.39
N SER A 95 -0.84 -9.82 -4.31
CA SER A 95 -1.25 -10.32 -2.99
C SER A 95 -0.93 -9.30 -1.90
N VAL A 96 -1.94 -8.94 -1.13
CA VAL A 96 -1.77 -7.98 -0.05
C VAL A 96 -2.16 -8.57 1.30
N SER A 97 -1.45 -8.16 2.35
CA SER A 97 -1.73 -8.65 3.69
C SER A 97 -1.67 -7.53 4.72
N VAL A 98 -2.47 -7.66 5.77
CA VAL A 98 -2.52 -6.65 6.82
C VAL A 98 -1.66 -7.06 8.02
N VAL A 99 -0.75 -6.17 8.42
CA VAL A 99 0.14 -6.44 9.54
C VAL A 99 -0.19 -5.56 10.74
N GLU A 100 -1.33 -4.88 10.70
CA GLU A 100 -1.72 -4.00 11.81
C GLU A 100 -3.15 -3.50 11.63
N ALA A 101 -3.31 -2.38 10.92
CA ALA A 101 -4.62 -1.80 10.69
C ALA A 101 -5.23 -1.27 11.98
N ASN A 102 -5.64 -0.01 11.97
CA ASN A 102 -6.24 0.61 13.15
C ASN A 102 -7.66 1.10 12.84
N TYR A 103 -8.53 1.04 13.84
CA TYR A 103 -9.91 1.47 13.68
C TYR A 103 -10.05 2.98 13.85
N ASP A 104 -10.60 3.65 12.84
CA ASP A 104 -10.81 5.09 12.88
C ASP A 104 -9.51 5.87 12.95
N GLU A 105 -8.38 5.17 12.85
CA GLU A 105 -7.07 5.83 12.92
C GLU A 105 -6.35 5.78 11.58
N TYR A 106 -6.07 4.58 11.10
CA TYR A 106 -5.37 4.40 9.83
C TYR A 106 -5.37 2.93 9.41
N ALA A 107 -4.88 2.67 8.21
CA ALA A 107 -4.84 1.30 7.69
C ALA A 107 -3.43 0.93 7.24
N LEU A 108 -2.95 -0.21 7.70
CA LEU A 108 -1.62 -0.69 7.33
C LEU A 108 -1.73 -1.97 6.52
N LEU A 109 -1.25 -1.93 5.29
CA LEU A 109 -1.31 -3.09 4.41
C LEU A 109 0.02 -3.32 3.71
N PHE A 110 0.34 -4.59 3.46
CA PHE A 110 1.57 -4.96 2.78
C PHE A 110 1.26 -5.66 1.48
N SER A 111 1.82 -5.15 0.39
CA SER A 111 1.60 -5.73 -0.94
C SER A 111 2.82 -6.52 -1.38
N ARG A 112 2.65 -7.83 -1.56
CA ARG A 112 3.74 -8.69 -1.98
C ARG A 112 3.43 -9.38 -3.31
N GLY A 113 4.44 -9.49 -4.16
CA GLY A 113 4.25 -10.13 -5.45
C GLY A 113 5.30 -11.19 -5.73
N THR A 114 4.87 -12.45 -5.80
CA THR A 114 5.78 -13.55 -6.05
C THR A 114 5.35 -14.33 -7.29
N LYS A 115 6.04 -14.10 -8.39
CA LYS A 115 5.74 -14.77 -9.65
C LYS A 115 6.98 -15.51 -10.17
N GLY A 116 6.76 -16.41 -11.12
CA GLY A 116 7.84 -17.20 -11.70
C GLY A 116 9.14 -16.39 -11.86
N PRO A 117 9.08 -15.22 -12.51
CA PRO A 117 10.25 -14.37 -12.72
C PRO A 117 11.15 -14.29 -11.48
N GLY A 118 10.53 -14.38 -10.31
CA GLY A 118 11.29 -14.32 -9.07
C GLY A 118 11.44 -12.89 -8.56
N GLN A 119 10.58 -12.00 -9.01
CA GLN A 119 10.62 -10.60 -8.58
C GLN A 119 10.68 -10.50 -7.06
N ASP A 120 9.74 -11.17 -6.39
CA ASP A 120 9.68 -11.15 -4.94
C ASP A 120 9.58 -9.72 -4.39
N PHE A 121 8.81 -8.89 -5.08
CA PHE A 121 8.63 -7.51 -4.66
C PHE A 121 7.58 -7.40 -3.54
N ARG A 122 7.79 -6.48 -2.62
CA ARG A 122 6.86 -6.30 -1.51
C ARG A 122 6.83 -4.84 -1.07
N MET A 123 5.70 -4.17 -1.29
CA MET A 123 5.57 -2.77 -0.92
C MET A 123 4.69 -2.59 0.32
N ALA A 124 5.11 -1.68 1.18
CA ALA A 124 4.36 -1.36 2.39
C ALA A 124 3.70 0.01 2.24
N THR A 125 2.42 0.10 2.54
CA THR A 125 1.69 1.36 2.39
C THR A 125 1.00 1.80 3.68
N LEU A 126 1.03 3.11 3.91
CA LEU A 126 0.40 3.73 5.07
C LEU A 126 -0.85 4.49 4.65
N TYR A 127 -1.95 4.27 5.36
CA TYR A 127 -3.21 4.94 5.03
C TYR A 127 -3.60 5.96 6.09
N SER A 128 -3.87 7.18 5.64
CA SER A 128 -4.27 8.25 6.55
C SER A 128 -5.79 8.35 6.61
N ARG A 129 -6.34 8.27 7.81
CA ARG A 129 -7.79 8.35 7.99
C ARG A 129 -8.22 9.76 8.37
N THR A 130 -7.37 10.74 8.06
CA THR A 130 -7.68 12.14 8.36
C THR A 130 -6.93 13.06 7.41
N GLN A 131 -5.69 13.40 7.76
CA GLN A 131 -4.87 14.28 6.93
C GLN A 131 -3.62 14.73 7.69
N THR A 132 -3.05 13.81 8.46
CA THR A 132 -1.86 14.12 9.25
C THR A 132 -1.04 12.86 9.51
N LEU A 133 0.07 13.02 10.22
CA LEU A 133 0.94 11.90 10.54
C LEU A 133 0.58 11.30 11.90
N LYS A 134 0.93 10.03 12.10
CA LYS A 134 0.64 9.35 13.35
C LYS A 134 1.89 8.68 13.90
N ASP A 135 2.25 9.01 15.14
CA ASP A 135 3.43 8.44 15.79
C ASP A 135 3.34 6.92 15.83
N GLU A 136 2.14 6.40 16.04
CA GLU A 136 1.93 4.97 16.10
C GLU A 136 1.99 4.35 14.70
N LEU A 137 1.23 4.91 13.77
CA LEU A 137 1.21 4.42 12.41
C LEU A 137 2.61 4.51 11.79
N LYS A 138 3.25 5.66 12.00
CA LYS A 138 4.59 5.89 11.46
C LYS A 138 5.61 4.96 12.12
N GLU A 139 5.56 4.88 13.45
CA GLU A 139 6.48 4.04 14.20
C GLU A 139 6.20 2.56 13.96
N LYS A 140 4.93 2.20 13.92
CA LYS A 140 4.53 0.81 13.70
C LYS A 140 4.86 0.36 12.28
N PHE A 141 4.57 1.22 11.31
CA PHE A 141 4.83 0.90 9.91
C PHE A 141 6.33 0.99 9.59
N THR A 142 6.98 2.03 10.09
CA THR A 142 8.41 2.21 9.86
C THR A 142 9.20 1.06 10.46
N THR A 143 8.85 0.69 11.69
CA THR A 143 9.53 -0.40 12.38
C THR A 143 9.20 -1.75 11.76
N PHE A 144 7.92 -2.00 11.55
CA PHE A 144 7.47 -3.26 10.95
C PHE A 144 8.18 -3.49 9.62
N SER A 145 8.58 -2.39 8.98
CA SER A 145 9.27 -2.44 7.70
C SER A 145 10.50 -3.32 7.79
N LYS A 146 11.15 -3.31 8.95
CA LYS A 146 12.36 -4.11 9.17
C LYS A 146 12.09 -5.59 8.91
N ALA A 147 10.92 -6.06 9.37
CA ALA A 147 10.54 -7.45 9.18
C ALA A 147 10.44 -7.78 7.69
N GLN A 148 10.07 -6.77 6.90
CA GLN A 148 9.94 -6.94 5.46
C GLN A 148 11.20 -6.47 4.72
N GLY A 149 12.19 -6.00 5.48
CA GLY A 149 13.42 -5.52 4.87
C GLY A 149 13.16 -4.40 3.88
N LEU A 150 12.36 -3.42 4.29
CA LEU A 150 12.03 -2.29 3.43
C LEU A 150 13.28 -1.65 2.85
N THR A 151 13.07 -0.60 2.07
CA THR A 151 14.18 0.13 1.45
C THR A 151 14.11 1.61 1.80
N GLU A 152 15.04 2.07 2.62
CA GLU A 152 15.08 3.46 3.05
C GLU A 152 15.00 4.40 1.85
N GLU A 153 15.51 3.95 0.70
CA GLU A 153 15.48 4.75 -0.50
C GLU A 153 14.16 4.61 -1.25
N ASP A 154 13.45 3.51 -0.99
CA ASP A 154 12.17 3.25 -1.64
C ASP A 154 11.01 3.64 -0.72
N ILE A 155 11.26 4.56 0.20
CA ILE A 155 10.22 5.02 1.12
C ILE A 155 9.76 6.43 0.78
N VAL A 156 8.44 6.61 0.68
CA VAL A 156 7.89 7.92 0.36
C VAL A 156 6.80 8.33 1.34
N PHE A 157 7.18 9.14 2.33
CA PHE A 157 6.22 9.61 3.33
C PHE A 157 5.35 10.72 2.75
N LEU A 158 4.12 10.82 3.24
CA LEU A 158 3.17 11.84 2.78
C LEU A 158 3.87 13.16 2.45
N PRO A 159 4.20 13.38 1.17
CA PRO A 159 4.89 14.59 0.72
C PRO A 159 3.92 15.70 0.34
N GLN A 160 4.44 16.91 0.25
CA GLN A 160 3.63 18.08 -0.12
C GLN A 160 3.74 18.34 -1.62
N PRO A 161 2.94 19.30 -2.14
CA PRO A 161 2.94 19.63 -3.57
C PRO A 161 4.23 20.31 -4.03
N ASP A 162 5.36 19.64 -3.82
CA ASP A 162 6.66 20.16 -4.24
C ASP A 162 6.85 19.95 -5.73
N LYS A 163 5.92 19.21 -6.32
CA LYS A 163 5.94 18.91 -7.76
C LYS A 163 6.20 20.16 -8.59
N ALA A 164 7.47 20.40 -8.89
CA ALA A 164 7.86 21.55 -9.69
C ALA A 164 8.77 21.11 -10.84
N ILE A 165 8.87 21.96 -11.86
CA ILE A 165 9.70 21.67 -13.03
C ILE A 165 9.00 20.69 -13.98
N GLN A 166 7.84 20.18 -13.59
CA GLN A 166 7.10 19.25 -14.43
C GLN A 166 6.27 20.02 -15.46
N GLU A 167 6.95 20.84 -16.25
CA GLU A 167 6.29 21.64 -17.27
C GLU A 167 5.25 22.57 -16.65
N GLY A 1 20.76 -13.93 0.58
CA GLY A 1 19.38 -13.85 0.01
C GLY A 1 18.39 -13.21 0.97
N SER A 2 17.11 -13.28 0.63
CA SER A 2 16.07 -12.69 1.47
C SER A 2 15.68 -13.65 2.59
N GLN A 3 14.86 -13.17 3.52
CA GLN A 3 14.42 -13.98 4.64
C GLN A 3 12.94 -13.77 4.93
N GLY A 4 12.61 -12.67 5.60
CA GLY A 4 11.22 -12.38 5.92
C GLY A 4 10.56 -13.50 6.68
N HIS A 5 10.44 -13.35 7.99
CA HIS A 5 9.82 -14.36 8.84
C HIS A 5 8.31 -14.18 8.88
N ASP A 6 7.86 -12.98 9.25
CA ASP A 6 6.44 -12.68 9.32
C ASP A 6 6.21 -11.32 9.97
N THR A 7 4.96 -10.85 9.90
CA THR A 7 4.61 -9.56 10.48
C THR A 7 3.12 -9.26 10.28
N VAL A 8 2.30 -10.29 10.40
CA VAL A 8 0.85 -10.14 10.22
C VAL A 8 0.13 -10.20 11.57
N GLN A 9 -1.03 -9.56 11.64
CA GLN A 9 -1.82 -9.53 12.87
C GLN A 9 -3.28 -9.88 12.61
N PRO A 10 -3.70 -11.11 12.95
CA PRO A 10 -5.08 -11.57 12.75
C PRO A 10 -6.09 -10.66 13.45
N ASN A 11 -7.34 -10.74 13.02
CA ASN A 11 -8.44 -9.95 13.58
C ASN A 11 -8.53 -8.59 12.88
N PHE A 12 -8.84 -8.64 11.59
CA PHE A 12 -8.96 -7.42 10.79
C PHE A 12 -10.44 -7.12 10.51
N GLN A 13 -10.84 -5.87 10.78
CA GLN A 13 -12.23 -5.46 10.57
C GLN A 13 -12.35 -4.52 9.38
N GLN A 14 -12.75 -5.06 8.23
CA GLN A 14 -12.91 -4.26 7.02
C GLN A 14 -14.08 -3.29 7.16
N ASP A 15 -14.97 -3.55 8.11
CA ASP A 15 -16.13 -2.70 8.33
C ASP A 15 -15.72 -1.25 8.58
N LYS A 16 -14.66 -1.07 9.36
CA LYS A 16 -14.17 0.28 9.67
C LYS A 16 -12.86 0.57 8.95
N PHE A 17 -12.70 0.00 7.76
CA PHE A 17 -11.51 0.20 6.96
C PHE A 17 -11.86 0.57 5.53
N LEU A 18 -12.69 -0.26 4.90
CA LEU A 18 -13.12 -0.03 3.52
C LEU A 18 -13.68 1.38 3.34
N GLY A 19 -13.12 2.13 2.40
CA GLY A 19 -13.57 3.48 2.14
C GLY A 19 -12.50 4.36 1.55
N ARG A 20 -12.71 5.67 1.60
CA ARG A 20 -11.73 6.62 1.06
C ARG A 20 -10.60 6.87 2.06
N TRP A 21 -9.41 7.15 1.53
CA TRP A 21 -8.25 7.41 2.38
C TRP A 21 -7.34 8.45 1.75
N TYR A 22 -6.29 8.84 2.49
CA TYR A 22 -5.34 9.83 2.01
C TYR A 22 -3.92 9.29 2.11
N SER A 23 -3.06 9.75 1.21
CA SER A 23 -1.66 9.31 1.20
C SER A 23 -0.94 9.75 2.47
N ALA A 24 -0.46 8.77 3.23
CA ALA A 24 0.25 9.05 4.47
C ALA A 24 1.67 8.49 4.44
N GLY A 25 1.84 7.36 3.79
CA GLY A 25 3.15 6.74 3.72
C GLY A 25 3.17 5.52 2.82
N LEU A 26 4.28 5.30 2.12
CA LEU A 26 4.40 4.15 1.23
C LEU A 26 5.85 3.72 1.06
N ALA A 27 6.05 2.43 0.77
CA ALA A 27 7.37 1.88 0.57
C ALA A 27 7.33 0.77 -0.48
N SER A 28 8.49 0.48 -1.08
CA SER A 28 8.55 -0.57 -2.10
C SER A 28 9.83 -1.38 -1.97
N ASN A 29 9.68 -2.70 -2.00
CA ASN A 29 10.83 -3.59 -1.90
C ASN A 29 11.14 -4.22 -3.26
N SER A 30 10.88 -3.47 -4.32
CA SER A 30 11.12 -3.95 -5.67
C SER A 30 12.43 -3.39 -6.23
N SER A 31 12.82 -3.89 -7.40
CA SER A 31 14.06 -3.44 -8.04
C SER A 31 13.76 -2.41 -9.13
N TRP A 32 12.81 -2.74 -10.00
CA TRP A 32 12.44 -1.84 -11.09
C TRP A 32 11.29 -0.93 -10.67
N PHE A 33 10.32 -1.51 -9.96
CA PHE A 33 9.17 -0.76 -9.50
C PHE A 33 9.60 0.36 -8.55
N ARG A 34 10.66 0.09 -7.78
CA ARG A 34 11.19 1.07 -6.83
C ARG A 34 11.58 2.36 -7.53
N GLU A 35 12.05 2.24 -8.77
CA GLU A 35 12.46 3.41 -9.55
C GLU A 35 11.34 4.44 -9.69
N LYS A 36 10.12 3.95 -9.93
CA LYS A 36 8.97 4.83 -10.09
C LYS A 36 8.31 5.11 -8.74
N LYS A 37 8.42 4.17 -7.81
CA LYS A 37 7.83 4.32 -6.49
C LYS A 37 8.47 5.47 -5.72
N ALA A 38 9.77 5.67 -5.94
CA ALA A 38 10.51 6.73 -5.27
C ALA A 38 9.96 8.11 -5.62
N VAL A 39 9.17 8.20 -6.68
CA VAL A 39 8.60 9.47 -7.10
C VAL A 39 7.10 9.54 -6.83
N LEU A 40 6.62 8.73 -5.88
CA LEU A 40 5.21 8.71 -5.53
C LEU A 40 4.88 9.84 -4.55
N TYR A 41 4.33 10.93 -5.08
CA TYR A 41 3.96 12.07 -4.26
C TYR A 41 2.51 11.98 -3.78
N MET A 42 1.99 13.10 -3.28
CA MET A 42 0.62 13.15 -2.78
C MET A 42 -0.37 12.59 -3.81
N CYS A 43 -1.39 11.90 -3.31
CA CYS A 43 -2.41 11.29 -4.17
C CYS A 43 -3.60 10.84 -3.33
N LYS A 44 -4.76 10.72 -3.98
CA LYS A 44 -5.97 10.28 -3.29
C LYS A 44 -6.20 8.78 -3.51
N THR A 45 -6.59 8.09 -2.43
CA THR A 45 -6.84 6.66 -2.51
C THR A 45 -8.22 6.31 -1.96
N VAL A 46 -8.93 5.44 -2.66
CA VAL A 46 -10.27 5.03 -2.24
C VAL A 46 -10.55 3.57 -2.61
N VAL A 47 -10.91 2.78 -1.61
CA VAL A 47 -11.22 1.37 -1.83
C VAL A 47 -12.68 1.07 -1.53
N ALA A 48 -13.46 0.84 -2.60
CA ALA A 48 -14.88 0.55 -2.45
C ALA A 48 -15.18 -0.89 -2.84
N PRO A 49 -16.37 -1.40 -2.49
CA PRO A 49 -16.78 -2.77 -2.80
C PRO A 49 -16.87 -3.02 -4.30
N SER A 50 -16.09 -3.98 -4.78
CA SER A 50 -16.07 -4.31 -6.19
C SER A 50 -17.39 -4.94 -6.64
N THR A 51 -17.79 -4.67 -7.87
CA THR A 51 -19.03 -5.19 -8.42
C THR A 51 -19.05 -6.72 -8.39
N GLU A 52 -17.87 -7.32 -8.31
CA GLU A 52 -17.76 -8.78 -8.29
C GLU A 52 -17.67 -9.30 -6.86
N GLY A 53 -18.16 -8.51 -5.91
CA GLY A 53 -18.13 -8.91 -4.52
C GLY A 53 -16.73 -8.96 -3.95
N GLY A 54 -16.06 -7.81 -3.94
CA GLY A 54 -14.70 -7.74 -3.41
C GLY A 54 -14.30 -6.34 -3.04
N LEU A 55 -13.21 -5.86 -3.62
CA LEU A 55 -12.71 -4.52 -3.33
C LEU A 55 -12.09 -3.90 -4.58
N ASN A 56 -12.27 -2.60 -4.74
CA ASN A 56 -11.72 -1.88 -5.89
C ASN A 56 -11.05 -0.59 -5.45
N LEU A 57 -9.73 -0.65 -5.27
CA LEU A 57 -8.97 0.52 -4.85
C LEU A 57 -8.54 1.35 -6.07
N THR A 58 -9.13 2.53 -6.21
CA THR A 58 -8.81 3.41 -7.33
C THR A 58 -7.92 4.57 -6.89
N SER A 59 -6.74 4.64 -7.48
CA SER A 59 -5.80 5.70 -7.16
C SER A 59 -5.77 6.73 -8.29
N THR A 60 -5.57 8.00 -7.94
CA THR A 60 -5.54 9.06 -8.95
C THR A 60 -4.74 10.26 -8.47
N PHE A 61 -3.85 10.73 -9.33
CA PHE A 61 -3.02 11.91 -9.02
C PHE A 61 -2.66 12.63 -10.31
N LEU A 62 -2.53 13.95 -10.24
CA LEU A 62 -2.19 14.75 -11.42
C LEU A 62 -2.33 16.24 -11.14
N ARG A 63 -1.20 16.92 -11.04
CA ARG A 63 -1.20 18.36 -10.78
C ARG A 63 0.22 18.89 -10.60
N LYS A 64 1.15 18.03 -10.18
CA LYS A 64 2.52 18.45 -9.95
C LYS A 64 3.51 17.80 -10.92
N ASN A 65 3.93 16.57 -10.63
CA ASN A 65 4.89 15.88 -11.48
C ASN A 65 4.43 14.49 -11.88
N GLN A 66 4.26 13.61 -10.91
CA GLN A 66 3.84 12.24 -11.19
C GLN A 66 2.34 12.13 -11.34
N ALA A 67 1.89 12.09 -12.60
CA ALA A 67 0.47 11.96 -12.88
C ALA A 67 0.03 10.51 -12.79
N GLU A 68 -0.83 10.20 -11.82
CA GLU A 68 -1.31 8.84 -11.62
C GLU A 68 -2.78 8.71 -12.03
N THR A 69 -3.22 7.47 -12.23
CA THR A 69 -4.60 7.19 -12.62
C THR A 69 -4.77 5.72 -12.97
N LYS A 70 -5.27 4.94 -12.01
CA LYS A 70 -5.48 3.50 -12.23
C LYS A 70 -6.51 2.95 -11.26
N ILE A 71 -6.78 1.64 -11.37
CA ILE A 71 -7.75 0.98 -10.51
C ILE A 71 -7.31 -0.44 -10.17
N MET A 72 -7.25 -0.74 -8.88
CA MET A 72 -6.86 -2.06 -8.42
C MET A 72 -8.03 -2.80 -7.79
N VAL A 73 -8.04 -4.12 -7.90
CA VAL A 73 -9.12 -4.94 -7.33
C VAL A 73 -8.57 -5.93 -6.30
N LEU A 74 -8.93 -5.73 -5.04
CA LEU A 74 -8.48 -6.60 -3.96
C LEU A 74 -9.54 -7.64 -3.60
N GLN A 75 -9.11 -8.90 -3.55
CA GLN A 75 -10.03 -10.00 -3.20
C GLN A 75 -9.52 -10.74 -1.96
N PRO A 76 -10.38 -10.91 -0.94
CA PRO A 76 -10.01 -11.61 0.29
C PRO A 76 -9.39 -12.98 0.02
N ALA A 77 -8.54 -13.43 0.94
CA ALA A 77 -7.89 -14.72 0.80
C ALA A 77 -8.25 -15.66 1.95
N GLY A 78 -9.44 -15.44 2.53
CA GLY A 78 -9.88 -16.28 3.63
C GLY A 78 -9.60 -15.65 4.98
N ALA A 79 -8.42 -15.95 5.53
CA ALA A 79 -8.02 -15.42 6.82
C ALA A 79 -8.05 -13.89 6.83
N PRO A 80 -7.98 -13.28 8.02
CA PRO A 80 -8.00 -11.82 8.16
C PRO A 80 -6.70 -11.17 7.67
N GLY A 81 -6.81 -9.91 7.24
CA GLY A 81 -5.64 -9.21 6.76
C GLY A 81 -4.90 -9.96 5.68
N HIS A 82 -5.65 -10.64 4.81
CA HIS A 82 -5.05 -11.40 3.72
C HIS A 82 -5.91 -11.34 2.47
N TYR A 83 -5.33 -10.81 1.39
CA TYR A 83 -6.05 -10.69 0.13
C TYR A 83 -5.08 -10.61 -1.04
N THR A 84 -5.63 -10.52 -2.25
CA THR A 84 -4.82 -10.42 -3.45
C THR A 84 -5.45 -9.42 -4.41
N TYR A 85 -4.69 -8.92 -5.37
CA TYR A 85 -5.24 -7.95 -6.31
C TYR A 85 -4.45 -7.95 -7.59
N SER A 86 -5.15 -8.10 -8.70
CA SER A 86 -4.51 -8.11 -10.00
C SER A 86 -3.72 -6.83 -10.19
N SER A 87 -2.41 -6.95 -10.21
CA SER A 87 -1.53 -5.79 -10.39
C SER A 87 -0.93 -5.79 -11.79
N PRO A 88 -0.49 -4.64 -12.29
CA PRO A 88 0.09 -4.57 -13.64
C PRO A 88 1.17 -5.64 -13.82
N HIS A 89 1.05 -6.40 -14.92
CA HIS A 89 2.00 -7.47 -15.25
C HIS A 89 1.35 -8.49 -16.18
N SER A 90 0.50 -8.01 -17.09
CA SER A 90 -0.19 -8.88 -18.04
C SER A 90 -1.31 -9.68 -17.39
N GLY A 91 -0.97 -10.71 -16.63
CA GLY A 91 -1.98 -11.51 -15.97
C GLY A 91 -2.36 -10.95 -14.62
N SER A 92 -1.80 -9.79 -14.29
CA SER A 92 -2.06 -9.12 -13.03
C SER A 92 -2.35 -10.08 -11.89
N ILE A 93 -1.29 -10.48 -11.24
CA ILE A 93 -1.37 -11.38 -10.09
C ILE A 93 -0.55 -10.84 -8.93
N HIS A 94 -1.19 -10.65 -7.78
CA HIS A 94 -0.48 -10.14 -6.61
C HIS A 94 -1.12 -10.63 -5.31
N SER A 95 -0.39 -10.43 -4.21
CA SER A 95 -0.87 -10.84 -2.90
C SER A 95 -0.67 -9.72 -1.89
N VAL A 96 -1.60 -9.59 -0.95
CA VAL A 96 -1.53 -8.54 0.06
C VAL A 96 -1.89 -9.07 1.44
N SER A 97 -1.22 -8.53 2.46
CA SER A 97 -1.47 -8.93 3.84
C SER A 97 -1.46 -7.74 4.78
N VAL A 98 -2.02 -7.91 5.96
CA VAL A 98 -2.08 -6.84 6.95
C VAL A 98 -1.05 -7.07 8.06
N VAL A 99 -0.34 -6.01 8.43
CA VAL A 99 0.68 -6.09 9.46
C VAL A 99 0.33 -5.24 10.69
N GLU A 100 -0.80 -4.56 10.65
CA GLU A 100 -1.21 -3.72 11.78
C GLU A 100 -2.72 -3.44 11.75
N ALA A 101 -3.12 -2.39 11.05
CA ALA A 101 -4.53 -2.01 10.97
C ALA A 101 -5.09 -1.69 12.35
N ASN A 102 -5.47 -0.44 12.55
CA ASN A 102 -6.01 -0.01 13.83
C ASN A 102 -7.27 0.86 13.66
N TYR A 103 -8.40 0.20 13.41
CA TYR A 103 -9.67 0.88 13.24
C TYR A 103 -9.53 2.18 12.45
N ASP A 104 -10.52 3.06 12.59
CA ASP A 104 -10.52 4.35 11.88
C ASP A 104 -9.17 5.06 12.02
N GLU A 105 -8.46 4.78 13.11
CA GLU A 105 -7.16 5.40 13.36
C GLU A 105 -6.30 5.44 12.09
N TYR A 106 -6.01 4.26 11.54
CA TYR A 106 -5.21 4.16 10.34
C TYR A 106 -5.22 2.74 9.80
N ALA A 107 -4.89 2.58 8.53
CA ALA A 107 -4.85 1.26 7.90
C ALA A 107 -3.48 0.95 7.34
N LEU A 108 -2.96 -0.22 7.67
CA LEU A 108 -1.65 -0.64 7.20
C LEU A 108 -1.76 -1.96 6.43
N LEU A 109 -1.38 -1.92 5.16
CA LEU A 109 -1.45 -3.11 4.31
C LEU A 109 -0.17 -3.28 3.50
N PHE A 110 0.29 -4.52 3.39
CA PHE A 110 1.50 -4.83 2.64
C PHE A 110 1.19 -5.73 1.45
N SER A 111 1.62 -5.31 0.27
CA SER A 111 1.39 -6.08 -0.94
C SER A 111 2.67 -6.77 -1.39
N ARG A 112 2.62 -8.10 -1.47
CA ARG A 112 3.79 -8.88 -1.88
C ARG A 112 3.48 -9.73 -3.11
N GLY A 113 4.37 -9.67 -4.10
CA GLY A 113 4.18 -10.44 -5.31
C GLY A 113 5.18 -11.56 -5.44
N THR A 114 4.74 -12.79 -5.16
CA THR A 114 5.61 -13.95 -5.26
C THR A 114 5.11 -14.92 -6.31
N LYS A 115 5.76 -14.89 -7.47
CA LYS A 115 5.39 -15.76 -8.58
C LYS A 115 6.59 -16.60 -9.04
N GLY A 116 6.31 -17.64 -9.81
CA GLY A 116 7.36 -18.51 -10.30
C GLY A 116 8.62 -17.74 -10.72
N PRO A 117 8.47 -16.72 -11.57
CA PRO A 117 9.61 -15.90 -12.04
C PRO A 117 10.59 -15.58 -10.92
N GLY A 118 10.07 -15.46 -9.70
CA GLY A 118 10.91 -15.15 -8.56
C GLY A 118 10.97 -13.66 -8.29
N GLN A 119 10.02 -12.92 -8.83
CA GLN A 119 9.96 -11.47 -8.63
C GLN A 119 10.06 -11.11 -7.15
N ASP A 120 9.20 -11.71 -6.34
CA ASP A 120 9.19 -11.47 -4.90
C ASP A 120 9.25 -9.97 -4.59
N PHE A 121 8.37 -9.20 -5.22
CA PHE A 121 8.32 -7.76 -5.00
C PHE A 121 7.24 -7.40 -4.00
N ARG A 122 7.62 -6.68 -2.94
CA ARG A 122 6.68 -6.28 -1.92
C ARG A 122 6.56 -4.75 -1.86
N MET A 123 5.47 -4.28 -1.27
CA MET A 123 5.22 -2.85 -1.16
C MET A 123 4.49 -2.51 0.14
N ALA A 124 4.92 -1.43 0.78
CA ALA A 124 4.30 -0.99 2.03
C ALA A 124 3.40 0.22 1.76
N THR A 125 2.15 0.15 2.22
CA THR A 125 1.22 1.24 2.01
C THR A 125 0.63 1.75 3.32
N LEU A 126 0.49 3.06 3.42
CA LEU A 126 -0.07 3.72 4.61
C LEU A 126 -1.21 4.64 4.19
N TYR A 127 -2.36 4.47 4.80
CA TYR A 127 -3.53 5.28 4.47
C TYR A 127 -3.89 6.24 5.59
N SER A 128 -4.40 7.40 5.21
CA SER A 128 -4.82 8.42 6.16
C SER A 128 -6.32 8.66 6.08
N ARG A 129 -7.01 8.53 7.21
CA ARG A 129 -8.45 8.72 7.24
C ARG A 129 -8.81 10.04 7.92
N THR A 130 -7.86 10.96 7.95
CA THR A 130 -8.07 12.26 8.57
C THR A 130 -7.43 13.36 7.74
N GLN A 131 -6.13 13.58 7.95
CA GLN A 131 -5.39 14.60 7.22
C GLN A 131 -4.04 14.87 7.88
N THR A 132 -3.40 13.82 8.37
CA THR A 132 -2.11 13.95 9.03
C THR A 132 -1.49 12.59 9.31
N LEU A 133 -0.33 12.60 9.98
CA LEU A 133 0.37 11.36 10.30
C LEU A 133 0.35 11.10 11.80
N LYS A 134 0.78 9.91 12.19
CA LYS A 134 0.81 9.52 13.60
C LYS A 134 2.15 8.89 13.97
N ASP A 135 2.67 9.26 15.13
CA ASP A 135 3.95 8.72 15.59
C ASP A 135 3.86 7.21 15.78
N GLU A 136 2.72 6.75 16.25
CA GLU A 136 2.51 5.32 16.47
C GLU A 136 2.40 4.59 15.14
N LEU A 137 1.58 5.13 14.24
CA LEU A 137 1.39 4.52 12.93
C LEU A 137 2.69 4.61 12.12
N LYS A 138 3.32 5.78 12.17
CA LYS A 138 4.58 6.00 11.46
C LYS A 138 5.66 5.08 12.00
N GLU A 139 5.73 4.98 13.32
CA GLU A 139 6.72 4.13 13.97
C GLU A 139 6.35 2.66 13.83
N LYS A 140 5.05 2.38 13.88
CA LYS A 140 4.56 1.01 13.76
C LYS A 140 4.79 0.45 12.37
N PHE A 141 4.50 1.26 11.35
CA PHE A 141 4.67 0.84 9.97
C PHE A 141 6.15 0.72 9.62
N THR A 142 6.91 1.76 9.92
CA THR A 142 8.34 1.78 9.63
C THR A 142 9.05 0.62 10.32
N THR A 143 8.76 0.42 11.60
CA THR A 143 9.39 -0.65 12.36
C THR A 143 8.97 -2.02 11.83
N PHE A 144 7.66 -2.24 11.72
CA PHE A 144 7.15 -3.51 11.21
C PHE A 144 7.70 -3.77 9.82
N SER A 145 8.07 -2.69 9.14
CA SER A 145 8.62 -2.77 7.80
C SER A 145 9.89 -3.61 7.78
N LYS A 146 10.65 -3.55 8.87
CA LYS A 146 11.89 -4.31 8.98
C LYS A 146 11.63 -5.80 8.79
N ALA A 147 10.50 -6.26 9.31
CA ALA A 147 10.13 -7.66 9.18
C ALA A 147 9.91 -8.02 7.72
N GLN A 148 9.61 -7.01 6.90
CA GLN A 148 9.37 -7.21 5.48
C GLN A 148 10.56 -6.71 4.65
N GLY A 149 11.60 -6.24 5.33
CA GLY A 149 12.78 -5.74 4.64
C GLY A 149 12.46 -4.59 3.71
N LEU A 150 11.69 -3.62 4.21
CA LEU A 150 11.30 -2.46 3.42
C LEU A 150 12.50 -1.82 2.74
N THR A 151 12.24 -0.74 2.00
CA THR A 151 13.30 -0.01 1.30
C THR A 151 13.27 1.46 1.69
N GLU A 152 14.03 1.82 2.72
CA GLU A 152 14.10 3.20 3.20
C GLU A 152 14.38 4.17 2.04
N GLU A 153 15.10 3.69 1.04
CA GLU A 153 15.44 4.51 -0.11
C GLU A 153 14.27 4.65 -1.08
N ASP A 154 13.20 3.88 -0.85
CA ASP A 154 12.03 3.94 -1.72
C ASP A 154 10.75 4.17 -0.92
N ILE A 155 10.80 5.09 0.03
CA ILE A 155 9.63 5.40 0.85
C ILE A 155 9.13 6.81 0.55
N VAL A 156 7.81 6.95 0.39
CA VAL A 156 7.23 8.26 0.09
C VAL A 156 6.29 8.71 1.20
N PHE A 157 6.57 9.89 1.76
CA PHE A 157 5.75 10.44 2.83
C PHE A 157 5.03 11.69 2.36
N LEU A 158 3.73 11.53 2.03
CA LEU A 158 2.89 12.63 1.55
C LEU A 158 3.65 13.94 1.36
N PRO A 159 4.53 14.00 0.34
CA PRO A 159 5.33 15.20 0.06
C PRO A 159 4.46 16.36 -0.44
N GLN A 160 5.00 17.57 -0.35
CA GLN A 160 4.28 18.76 -0.80
C GLN A 160 4.38 18.93 -2.31
N PRO A 161 3.67 19.92 -2.86
CA PRO A 161 3.66 20.17 -4.30
C PRO A 161 4.82 21.05 -4.77
N ASP A 162 6.05 20.56 -4.58
CA ASP A 162 7.23 21.30 -5.00
C ASP A 162 7.67 20.85 -6.40
N LYS A 163 6.78 20.09 -7.06
CA LYS A 163 7.04 19.57 -8.39
C LYS A 163 6.60 20.57 -9.47
N ALA A 164 7.56 21.32 -9.99
CA ALA A 164 7.29 22.31 -11.02
C ALA A 164 7.74 21.84 -12.39
N ILE A 165 7.49 22.67 -13.40
CA ILE A 165 7.85 22.37 -14.80
C ILE A 165 7.36 20.99 -15.23
N GLN A 166 6.44 20.41 -14.48
CA GLN A 166 5.89 19.11 -14.80
C GLN A 166 4.37 19.14 -14.76
N GLU A 167 3.81 20.27 -15.17
CA GLU A 167 2.37 20.45 -15.18
C GLU A 167 1.69 19.40 -16.06
N GLY A 1 3.94 -11.94 3.19
CA GLY A 1 3.45 -11.72 4.57
C GLY A 1 2.81 -12.97 5.16
N SER A 2 3.59 -14.03 5.29
CA SER A 2 3.09 -15.28 5.85
C SER A 2 4.10 -15.88 6.83
N GLN A 3 5.28 -16.20 6.35
CA GLN A 3 6.33 -16.77 7.19
C GLN A 3 7.22 -15.68 7.76
N GLY A 4 8.12 -16.07 8.65
CA GLY A 4 9.03 -15.11 9.26
C GLY A 4 8.86 -15.03 10.78
N HIS A 5 9.30 -13.92 11.36
CA HIS A 5 9.20 -13.72 12.79
C HIS A 5 7.84 -13.16 13.18
N ASP A 6 7.46 -12.06 12.54
CA ASP A 6 6.18 -11.42 12.81
C ASP A 6 6.02 -10.15 11.97
N THR A 7 5.08 -10.20 11.02
CA THR A 7 4.83 -9.07 10.14
C THR A 7 3.35 -8.68 10.13
N VAL A 8 2.49 -9.66 9.87
CA VAL A 8 1.06 -9.42 9.84
C VAL A 8 0.37 -9.98 11.08
N GLN A 9 -0.77 -9.42 11.44
CA GLN A 9 -1.51 -9.86 12.62
C GLN A 9 -3.00 -10.03 12.32
N PRO A 10 -3.54 -11.25 12.53
CA PRO A 10 -4.96 -11.53 12.28
C PRO A 10 -5.89 -10.64 13.10
N ASN A 11 -7.15 -10.56 12.66
CA ASN A 11 -8.17 -9.74 13.33
C ASN A 11 -8.36 -8.41 12.60
N PHE A 12 -8.73 -8.50 11.32
CA PHE A 12 -8.95 -7.32 10.50
C PHE A 12 -10.44 -7.05 10.29
N GLN A 13 -10.82 -5.78 10.28
CA GLN A 13 -12.21 -5.40 10.08
C GLN A 13 -12.35 -4.35 8.98
N GLN A 14 -12.69 -4.80 7.79
CA GLN A 14 -12.85 -3.91 6.64
C GLN A 14 -14.07 -3.00 6.81
N ASP A 15 -14.98 -3.41 7.70
CA ASP A 15 -16.20 -2.63 7.94
C ASP A 15 -15.89 -1.20 8.34
N LYS A 16 -14.71 -0.98 8.93
CA LYS A 16 -14.31 0.35 9.38
C LYS A 16 -13.04 0.81 8.66
N PHE A 17 -12.77 0.23 7.49
CA PHE A 17 -11.59 0.60 6.72
C PHE A 17 -11.96 0.97 5.29
N LEU A 18 -12.84 0.18 4.69
CA LEU A 18 -13.27 0.44 3.31
C LEU A 18 -13.77 1.86 3.14
N GLY A 19 -13.25 2.55 2.12
CA GLY A 19 -13.66 3.92 1.87
C GLY A 19 -12.54 4.75 1.27
N ARG A 20 -12.73 6.06 1.25
CA ARG A 20 -11.73 6.97 0.69
C ARG A 20 -10.57 7.18 1.66
N TRP A 21 -9.37 7.41 1.12
CA TRP A 21 -8.19 7.62 1.95
C TRP A 21 -7.27 8.66 1.31
N TYR A 22 -6.21 9.02 2.02
CA TYR A 22 -5.25 10.00 1.52
C TYR A 22 -3.83 9.45 1.60
N SER A 23 -2.98 9.90 0.68
CA SER A 23 -1.59 9.45 0.66
C SER A 23 -0.85 9.90 1.92
N ALA A 24 -0.21 8.95 2.59
CA ALA A 24 0.53 9.24 3.81
C ALA A 24 1.95 8.72 3.73
N GLY A 25 2.10 7.45 3.36
CA GLY A 25 3.42 6.86 3.26
C GLY A 25 3.42 5.54 2.50
N LEU A 26 4.54 5.23 1.86
CA LEU A 26 4.65 3.98 1.11
C LEU A 26 6.10 3.54 1.01
N ALA A 27 6.30 2.22 0.89
CA ALA A 27 7.63 1.65 0.76
C ALA A 27 7.61 0.45 -0.18
N SER A 28 8.78 0.07 -0.68
CA SER A 28 8.89 -1.06 -1.59
C SER A 28 10.12 -1.91 -1.29
N ASN A 29 9.99 -3.21 -1.46
CA ASN A 29 11.09 -4.14 -1.22
C ASN A 29 11.71 -4.61 -2.52
N SER A 30 11.60 -3.80 -3.57
CA SER A 30 12.16 -4.14 -4.87
C SER A 30 13.35 -3.23 -5.19
N SER A 31 14.07 -3.56 -6.26
CA SER A 31 15.23 -2.79 -6.67
C SER A 31 14.91 -1.89 -7.86
N TRP A 32 14.83 -2.50 -9.05
CA TRP A 32 14.54 -1.76 -10.26
C TRP A 32 13.29 -0.90 -10.10
N PHE A 33 12.38 -1.33 -9.23
CA PHE A 33 11.14 -0.60 -8.99
C PHE A 33 11.40 0.67 -8.19
N ARG A 34 12.36 0.61 -7.28
CA ARG A 34 12.71 1.76 -6.44
C ARG A 34 13.03 2.99 -7.30
N GLU A 35 13.62 2.74 -8.47
CA GLU A 35 13.99 3.82 -9.37
C GLU A 35 12.77 4.62 -9.80
N LYS A 36 11.60 3.96 -9.82
CA LYS A 36 10.36 4.62 -10.22
C LYS A 36 9.53 4.96 -9.00
N LYS A 37 9.51 4.08 -8.02
CA LYS A 37 8.75 4.29 -6.80
C LYS A 37 9.25 5.51 -6.03
N ALA A 38 10.53 5.81 -6.19
CA ALA A 38 11.15 6.95 -5.52
C ALA A 38 10.44 8.26 -5.88
N VAL A 39 9.70 8.27 -6.98
CA VAL A 39 9.00 9.47 -7.41
C VAL A 39 7.49 9.35 -7.17
N LEU A 40 7.10 8.52 -6.21
CA LEU A 40 5.69 8.33 -5.89
C LEU A 40 5.12 9.59 -5.25
N TYR A 41 4.64 10.50 -6.08
CA TYR A 41 4.08 11.76 -5.59
C TYR A 41 2.74 11.54 -4.90
N MET A 42 2.11 12.63 -4.49
CA MET A 42 0.82 12.57 -3.81
C MET A 42 -0.27 12.09 -4.76
N CYS A 43 -1.35 11.55 -4.19
CA CYS A 43 -2.46 11.05 -4.99
C CYS A 43 -3.61 10.59 -4.10
N LYS A 44 -4.82 10.56 -4.67
CA LYS A 44 -6.00 10.15 -3.93
C LYS A 44 -6.20 8.63 -4.02
N THR A 45 -6.54 8.01 -2.91
CA THR A 45 -6.76 6.57 -2.88
C THR A 45 -8.10 6.24 -2.22
N VAL A 46 -8.94 5.50 -2.95
CA VAL A 46 -10.26 5.12 -2.43
C VAL A 46 -10.54 3.65 -2.67
N VAL A 47 -10.59 2.88 -1.60
CA VAL A 47 -10.86 1.46 -1.68
C VAL A 47 -12.33 1.16 -1.39
N ALA A 48 -13.11 0.96 -2.44
CA ALA A 48 -14.53 0.67 -2.30
C ALA A 48 -14.83 -0.78 -2.66
N PRO A 49 -16.03 -1.28 -2.30
CA PRO A 49 -16.43 -2.65 -2.59
C PRO A 49 -16.52 -2.92 -4.09
N SER A 50 -15.82 -3.95 -4.55
CA SER A 50 -15.81 -4.30 -5.96
C SER A 50 -17.17 -4.87 -6.38
N THR A 51 -17.55 -4.58 -7.62
CA THR A 51 -18.82 -5.06 -8.16
C THR A 51 -18.92 -6.58 -8.08
N GLU A 52 -17.79 -7.24 -7.99
CA GLU A 52 -17.76 -8.70 -7.92
C GLU A 52 -17.69 -9.17 -6.47
N GLY A 53 -18.10 -8.32 -5.54
CA GLY A 53 -18.07 -8.67 -4.13
C GLY A 53 -16.66 -8.79 -3.59
N GLY A 54 -15.94 -7.69 -3.61
CA GLY A 54 -14.58 -7.68 -3.10
C GLY A 54 -14.10 -6.29 -2.73
N LEU A 55 -12.98 -5.88 -3.30
CA LEU A 55 -12.42 -4.56 -3.01
C LEU A 55 -11.80 -3.95 -4.27
N ASN A 56 -12.00 -2.65 -4.45
CA ASN A 56 -11.46 -1.95 -5.60
C ASN A 56 -10.83 -0.62 -5.19
N LEU A 57 -9.51 -0.53 -5.31
CA LEU A 57 -8.79 0.68 -4.96
C LEU A 57 -8.40 1.45 -6.21
N THR A 58 -8.85 2.69 -6.31
CA THR A 58 -8.55 3.53 -7.47
C THR A 58 -7.60 4.66 -7.09
N SER A 59 -6.40 4.61 -7.64
CA SER A 59 -5.39 5.64 -7.37
C SER A 59 -5.24 6.57 -8.57
N THR A 60 -5.66 7.82 -8.38
CA THR A 60 -5.59 8.81 -9.46
C THR A 60 -5.23 10.19 -8.90
N PHE A 61 -4.40 10.91 -9.62
CA PHE A 61 -3.98 12.24 -9.20
C PHE A 61 -3.81 13.17 -10.40
N LEU A 62 -3.78 14.48 -10.13
CA LEU A 62 -3.64 15.48 -11.18
C LEU A 62 -3.64 16.88 -10.57
N ARG A 63 -2.48 17.32 -10.08
CA ARG A 63 -2.38 18.63 -9.47
C ARG A 63 -1.08 19.34 -9.86
N LYS A 64 0.05 18.82 -9.38
CA LYS A 64 1.34 19.43 -9.68
C LYS A 64 2.39 18.40 -10.06
N ASN A 65 2.90 17.69 -9.05
CA ASN A 65 3.94 16.69 -9.24
C ASN A 65 3.78 15.91 -10.54
N GLN A 66 2.85 14.96 -10.56
CA GLN A 66 2.63 14.16 -11.76
C GLN A 66 1.19 13.67 -11.86
N ALA A 67 0.82 13.19 -13.02
CA ALA A 67 -0.53 12.69 -13.26
C ALA A 67 -0.61 11.19 -12.98
N GLU A 68 -1.39 10.82 -11.96
CA GLU A 68 -1.56 9.42 -11.60
C GLU A 68 -2.95 8.92 -11.96
N THR A 69 -3.10 7.61 -12.08
CA THR A 69 -4.38 7.01 -12.42
C THR A 69 -4.27 5.49 -12.50
N LYS A 70 -5.16 4.79 -11.80
CA LYS A 70 -5.16 3.32 -11.80
C LYS A 70 -6.27 2.77 -10.91
N ILE A 71 -6.52 1.48 -11.03
CA ILE A 71 -7.56 0.82 -10.23
C ILE A 71 -7.25 -0.66 -10.03
N MET A 72 -7.00 -1.04 -8.79
CA MET A 72 -6.69 -2.42 -8.44
C MET A 72 -7.85 -3.08 -7.72
N VAL A 73 -8.05 -4.38 -7.95
CA VAL A 73 -9.13 -5.11 -7.30
C VAL A 73 -8.58 -6.14 -6.32
N LEU A 74 -8.83 -5.93 -5.03
CA LEU A 74 -8.35 -6.83 -4.00
C LEU A 74 -9.42 -7.84 -3.60
N GLN A 75 -9.05 -9.11 -3.58
CA GLN A 75 -9.98 -10.18 -3.21
C GLN A 75 -9.44 -10.98 -2.03
N PRO A 76 -10.25 -11.18 -0.97
CA PRO A 76 -9.83 -11.93 0.21
C PRO A 76 -9.45 -13.37 -0.12
N ALA A 77 -8.52 -13.91 0.66
CA ALA A 77 -8.05 -15.28 0.45
C ALA A 77 -8.29 -16.13 1.70
N GLY A 78 -9.29 -15.78 2.48
CA GLY A 78 -9.61 -16.52 3.68
C GLY A 78 -9.21 -15.78 4.95
N ALA A 79 -7.93 -15.88 5.32
CA ALA A 79 -7.43 -15.22 6.50
C ALA A 79 -7.68 -13.72 6.47
N PRO A 80 -7.82 -13.07 7.63
CA PRO A 80 -8.07 -11.64 7.72
C PRO A 80 -6.85 -10.82 7.32
N GLY A 81 -7.06 -9.84 6.46
CA GLY A 81 -5.97 -8.99 6.01
C GLY A 81 -5.29 -9.53 4.75
N HIS A 82 -5.48 -10.82 4.48
CA HIS A 82 -4.87 -11.44 3.32
C HIS A 82 -5.80 -11.41 2.10
N TYR A 83 -5.36 -10.76 1.04
CA TYR A 83 -6.13 -10.67 -0.20
C TYR A 83 -5.21 -10.72 -1.41
N THR A 84 -5.82 -10.74 -2.59
CA THR A 84 -5.07 -10.77 -3.84
C THR A 84 -5.65 -9.76 -4.81
N TYR A 85 -4.81 -9.11 -5.60
CA TYR A 85 -5.30 -8.12 -6.56
C TYR A 85 -4.50 -8.18 -7.84
N SER A 86 -5.21 -8.33 -8.96
CA SER A 86 -4.55 -8.38 -10.26
C SER A 86 -3.75 -7.11 -10.48
N SER A 87 -2.43 -7.24 -10.39
CA SER A 87 -1.54 -6.09 -10.57
C SER A 87 -0.88 -6.16 -11.95
N PRO A 88 0.07 -5.26 -12.27
CA PRO A 88 0.72 -5.30 -13.57
C PRO A 88 1.74 -6.43 -13.65
N HIS A 89 1.63 -7.24 -14.72
CA HIS A 89 2.54 -8.38 -14.93
C HIS A 89 1.90 -9.41 -15.87
N SER A 90 1.10 -8.93 -16.81
CA SER A 90 0.44 -9.81 -17.78
C SER A 90 -0.75 -10.55 -17.16
N GLY A 91 -0.46 -11.54 -16.32
CA GLY A 91 -1.53 -12.30 -15.69
C GLY A 91 -2.10 -11.59 -14.47
N SER A 92 -1.53 -10.43 -14.16
CA SER A 92 -1.97 -9.64 -13.02
C SER A 92 -2.32 -10.49 -11.81
N ILE A 93 -1.30 -10.81 -11.06
CA ILE A 93 -1.44 -11.60 -9.85
C ILE A 93 -0.71 -10.94 -8.69
N HIS A 94 -1.39 -10.75 -7.57
CA HIS A 94 -0.77 -10.13 -6.40
C HIS A 94 -1.41 -10.61 -5.10
N SER A 95 -0.76 -10.28 -3.98
CA SER A 95 -1.26 -10.66 -2.67
C SER A 95 -0.90 -9.60 -1.62
N VAL A 96 -1.89 -9.19 -0.84
CA VAL A 96 -1.68 -8.18 0.19
C VAL A 96 -2.05 -8.72 1.57
N SER A 97 -1.31 -8.27 2.59
CA SER A 97 -1.55 -8.72 3.95
C SER A 97 -1.62 -7.53 4.91
N VAL A 98 -2.54 -7.61 5.88
CA VAL A 98 -2.71 -6.56 6.87
C VAL A 98 -1.92 -6.89 8.14
N VAL A 99 -1.23 -5.88 8.68
CA VAL A 99 -0.42 -6.09 9.88
C VAL A 99 -1.05 -5.46 11.12
N GLU A 100 -1.47 -4.21 10.98
CA GLU A 100 -2.07 -3.49 12.11
C GLU A 100 -3.35 -2.77 11.69
N ALA A 101 -3.24 -1.49 11.34
CA ALA A 101 -4.40 -0.69 10.95
C ALA A 101 -5.28 -0.38 12.15
N ASN A 102 -5.57 0.90 12.34
CA ASN A 102 -6.41 1.33 13.47
C ASN A 102 -7.79 1.75 12.99
N TYR A 103 -8.74 1.83 13.92
CA TYR A 103 -10.11 2.23 13.59
C TYR A 103 -10.24 3.74 13.52
N ASP A 104 -10.63 4.24 12.35
CA ASP A 104 -10.81 5.66 12.14
C ASP A 104 -9.52 6.46 12.33
N GLU A 105 -8.41 5.76 12.53
CA GLU A 105 -7.13 6.41 12.75
C GLU A 105 -6.22 6.28 11.52
N TYR A 106 -5.99 5.04 11.09
CA TYR A 106 -5.15 4.79 9.92
C TYR A 106 -5.23 3.33 9.50
N ALA A 107 -4.73 3.04 8.30
CA ALA A 107 -4.75 1.68 7.78
C ALA A 107 -3.36 1.26 7.31
N LEU A 108 -2.91 0.09 7.77
CA LEU A 108 -1.61 -0.43 7.39
C LEU A 108 -1.76 -1.72 6.59
N LEU A 109 -1.27 -1.70 5.35
CA LEU A 109 -1.38 -2.87 4.49
C LEU A 109 -0.06 -3.13 3.76
N PHE A 110 0.27 -4.40 3.59
CA PHE A 110 1.51 -4.78 2.90
C PHE A 110 1.18 -5.57 1.64
N SER A 111 1.77 -5.16 0.53
CA SER A 111 1.55 -5.83 -0.75
C SER A 111 2.75 -6.68 -1.14
N ARG A 112 2.54 -7.98 -1.28
CA ARG A 112 3.62 -8.90 -1.65
C ARG A 112 3.30 -9.61 -2.97
N GLY A 113 4.25 -9.56 -3.90
CA GLY A 113 4.05 -10.20 -5.19
C GLY A 113 4.82 -11.50 -5.31
N THR A 114 4.11 -12.61 -5.17
CA THR A 114 4.73 -13.93 -5.27
C THR A 114 4.12 -14.74 -6.40
N LYS A 115 4.84 -14.82 -7.51
CA LYS A 115 4.36 -15.55 -8.68
C LYS A 115 5.47 -16.45 -9.23
N GLY A 116 5.09 -17.40 -10.08
CA GLY A 116 6.05 -18.33 -10.67
C GLY A 116 7.41 -17.71 -10.94
N PRO A 117 7.46 -16.60 -11.71
CA PRO A 117 8.69 -15.91 -12.04
C PRO A 117 9.65 -15.82 -10.86
N GLY A 118 9.10 -15.73 -9.65
CA GLY A 118 9.92 -15.64 -8.47
C GLY A 118 10.27 -14.21 -8.10
N GLN A 119 9.49 -13.26 -8.59
CA GLN A 119 9.72 -11.85 -8.32
C GLN A 119 9.79 -11.59 -6.81
N ASP A 120 8.78 -12.05 -6.09
CA ASP A 120 8.72 -11.87 -4.64
C ASP A 120 8.90 -10.40 -4.25
N PHE A 121 8.27 -9.51 -5.00
CA PHE A 121 8.36 -8.08 -4.73
C PHE A 121 7.28 -7.64 -3.77
N ARG A 122 7.68 -7.08 -2.63
CA ARG A 122 6.73 -6.62 -1.63
C ARG A 122 6.81 -5.10 -1.47
N MET A 123 5.76 -4.51 -0.89
CA MET A 123 5.72 -3.07 -0.69
C MET A 123 4.89 -2.72 0.54
N ALA A 124 5.24 -1.62 1.18
CA ALA A 124 4.53 -1.16 2.36
C ALA A 124 3.65 0.05 2.03
N THR A 125 2.39 -0.01 2.43
CA THR A 125 1.46 1.07 2.15
C THR A 125 0.95 1.72 3.43
N LEU A 126 0.85 3.05 3.40
CA LEU A 126 0.37 3.83 4.55
C LEU A 126 -0.77 4.74 4.10
N TYR A 127 -1.95 4.54 4.67
CA TYR A 127 -3.11 5.34 4.32
C TYR A 127 -3.46 6.33 5.42
N SER A 128 -3.88 7.53 5.02
CA SER A 128 -4.26 8.57 5.97
C SER A 128 -5.70 9.01 5.72
N ARG A 129 -6.51 8.95 6.78
CA ARG A 129 -7.92 9.34 6.68
C ARG A 129 -8.12 10.69 7.35
N THR A 130 -7.06 11.49 7.40
CA THR A 130 -7.11 12.81 8.01
C THR A 130 -5.86 13.62 7.69
N GLN A 131 -4.74 12.92 7.52
CA GLN A 131 -3.46 13.56 7.22
C GLN A 131 -2.84 14.13 8.48
N THR A 132 -2.85 13.32 9.54
CA THR A 132 -2.28 13.73 10.81
C THR A 132 -0.99 12.98 11.11
N LEU A 133 -0.39 13.28 12.26
CA LEU A 133 0.85 12.63 12.65
C LEU A 133 0.60 11.63 13.78
N LYS A 134 0.96 10.36 13.53
CA LYS A 134 0.77 9.31 14.52
C LYS A 134 2.07 8.58 14.79
N ASP A 135 2.55 8.65 16.01
CA ASP A 135 3.80 7.99 16.39
C ASP A 135 3.64 6.48 16.35
N GLU A 136 2.49 5.99 16.79
CA GLU A 136 2.22 4.56 16.79
C GLU A 136 2.24 4.01 15.38
N LEU A 137 1.50 4.63 14.47
CA LEU A 137 1.46 4.19 13.08
C LEU A 137 2.83 4.35 12.46
N LYS A 138 3.43 5.52 12.66
CA LYS A 138 4.77 5.79 12.12
C LYS A 138 5.76 4.76 12.62
N GLU A 139 5.68 4.45 13.91
CA GLU A 139 6.58 3.48 14.52
C GLU A 139 6.20 2.04 14.14
N LYS A 140 4.90 1.80 14.02
CA LYS A 140 4.40 0.46 13.67
C LYS A 140 4.75 0.08 12.23
N PHE A 141 4.57 1.01 11.30
CA PHE A 141 4.87 0.74 9.90
C PHE A 141 6.38 0.70 9.66
N THR A 142 7.08 1.69 10.19
CA THR A 142 8.53 1.77 10.04
C THR A 142 9.21 0.53 10.61
N THR A 143 8.81 0.14 11.82
CA THR A 143 9.39 -1.01 12.48
C THR A 143 8.99 -2.29 11.76
N PHE A 144 7.69 -2.47 11.52
CA PHE A 144 7.20 -3.65 10.83
C PHE A 144 7.91 -3.81 9.49
N SER A 145 8.38 -2.69 8.96
CA SER A 145 9.10 -2.67 7.69
C SER A 145 10.35 -3.54 7.77
N LYS A 146 10.97 -3.55 8.94
CA LYS A 146 12.19 -4.34 9.15
C LYS A 146 11.93 -5.81 8.85
N ALA A 147 10.77 -6.31 9.28
CA ALA A 147 10.41 -7.70 9.05
C ALA A 147 10.35 -7.99 7.55
N GLN A 148 10.03 -6.97 6.77
CA GLN A 148 9.92 -7.11 5.32
C GLN A 148 11.19 -6.58 4.63
N GLY A 149 12.15 -6.13 5.42
CA GLY A 149 13.38 -5.60 4.87
C GLY A 149 13.14 -4.44 3.93
N LEU A 150 12.31 -3.49 4.37
CA LEU A 150 11.98 -2.33 3.55
C LEU A 150 13.23 -1.66 3.00
N THR A 151 13.02 -0.60 2.23
CA THR A 151 14.12 0.15 1.63
C THR A 151 13.97 1.64 1.90
N GLU A 152 14.87 2.19 2.71
CA GLU A 152 14.83 3.60 3.06
C GLU A 152 14.79 4.47 1.81
N GLU A 153 15.37 3.98 0.71
CA GLU A 153 15.39 4.70 -0.55
C GLU A 153 14.12 4.48 -1.34
N ASP A 154 13.45 3.36 -1.09
CA ASP A 154 12.21 3.03 -1.81
C ASP A 154 10.99 3.37 -0.97
N ILE A 155 11.12 4.37 -0.10
CA ILE A 155 10.03 4.80 0.74
C ILE A 155 9.61 6.24 0.41
N VAL A 156 8.31 6.46 0.25
CA VAL A 156 7.81 7.79 -0.08
C VAL A 156 6.87 8.33 1.01
N PHE A 157 6.95 9.63 1.24
CA PHE A 157 6.11 10.28 2.24
C PHE A 157 5.27 11.38 1.61
N LEU A 158 3.95 11.13 1.52
CA LEU A 158 3.00 12.07 0.93
C LEU A 158 3.62 13.43 0.56
N PRO A 159 4.33 13.47 -0.58
CA PRO A 159 4.99 14.71 -1.06
C PRO A 159 3.97 15.80 -1.38
N GLN A 160 4.46 17.03 -1.48
CA GLN A 160 3.60 18.17 -1.78
C GLN A 160 3.67 18.53 -3.27
N PRO A 161 2.79 19.44 -3.73
CA PRO A 161 2.77 19.86 -5.14
C PRO A 161 3.97 20.75 -5.51
N ASP A 162 3.74 22.05 -5.73
CA ASP A 162 4.81 22.97 -6.10
C ASP A 162 5.70 22.36 -7.20
N LYS A 163 5.06 21.62 -8.09
CA LYS A 163 5.77 20.97 -9.19
C LYS A 163 5.29 21.49 -10.55
N ALA A 164 5.64 22.73 -10.87
CA ALA A 164 5.25 23.33 -12.13
C ALA A 164 6.06 22.77 -13.30
N ILE A 165 5.48 22.85 -14.49
CA ILE A 165 6.13 22.35 -15.70
C ILE A 165 6.21 20.82 -15.71
N GLN A 166 5.41 20.17 -14.87
CA GLN A 166 5.41 18.71 -14.80
C GLN A 166 4.03 18.15 -15.16
N GLU A 167 3.41 18.73 -16.20
CA GLU A 167 2.09 18.30 -16.64
C GLU A 167 1.14 18.08 -15.47
N GLY A 1 15.42 -9.63 -0.79
CA GLY A 1 14.38 -10.01 0.21
C GLY A 1 14.91 -10.89 1.31
N SER A 2 14.39 -12.11 1.41
CA SER A 2 14.83 -13.05 2.43
C SER A 2 14.57 -12.50 3.82
N GLN A 3 14.64 -13.37 4.83
CA GLN A 3 14.42 -12.97 6.22
C GLN A 3 12.99 -12.48 6.41
N GLY A 4 12.42 -12.78 7.57
CA GLY A 4 11.06 -12.35 7.86
C GLY A 4 10.27 -13.41 8.60
N HIS A 5 10.25 -13.31 9.93
CA HIS A 5 9.53 -14.27 10.76
C HIS A 5 8.07 -13.86 10.89
N ASP A 6 7.83 -12.67 11.41
CA ASP A 6 6.48 -12.15 11.59
C ASP A 6 6.25 -10.93 10.72
N THR A 7 4.98 -10.56 10.54
CA THR A 7 4.65 -9.40 9.72
C THR A 7 3.15 -9.08 9.79
N VAL A 8 2.32 -10.10 9.66
CA VAL A 8 0.88 -9.93 9.71
C VAL A 8 0.29 -10.42 11.03
N GLN A 9 -0.85 -9.84 11.41
CA GLN A 9 -1.52 -10.21 12.66
C GLN A 9 -3.00 -10.49 12.44
N PRO A 10 -3.45 -11.74 12.71
CA PRO A 10 -4.85 -12.13 12.54
C PRO A 10 -5.81 -11.24 13.32
N ASN A 11 -7.09 -11.27 12.93
CA ASN A 11 -8.13 -10.47 13.57
C ASN A 11 -8.26 -9.10 12.91
N PHE A 12 -8.53 -9.11 11.61
CA PHE A 12 -8.67 -7.89 10.84
C PHE A 12 -10.14 -7.62 10.52
N GLN A 13 -10.53 -6.35 10.55
CA GLN A 13 -11.92 -5.97 10.27
C GLN A 13 -11.99 -4.89 9.21
N GLN A 14 -12.27 -5.30 7.98
CA GLN A 14 -12.38 -4.37 6.85
C GLN A 14 -13.60 -3.46 7.00
N ASP A 15 -14.55 -3.88 7.82
CA ASP A 15 -15.78 -3.12 8.02
C ASP A 15 -15.49 -1.69 8.49
N LYS A 16 -14.33 -1.51 9.11
CA LYS A 16 -13.93 -0.19 9.60
C LYS A 16 -12.66 0.30 8.91
N PHE A 17 -12.44 -0.18 7.69
CA PHE A 17 -11.26 0.22 6.93
C PHE A 17 -11.63 0.66 5.52
N LEU A 18 -12.48 -0.14 4.86
CA LEU A 18 -12.91 0.18 3.50
C LEU A 18 -13.39 1.63 3.38
N GLY A 19 -13.12 2.25 2.24
CA GLY A 19 -13.53 3.62 2.02
C GLY A 19 -12.43 4.48 1.44
N ARG A 20 -12.64 5.79 1.44
CA ARG A 20 -11.65 6.72 0.90
C ARG A 20 -10.50 6.92 1.89
N TRP A 21 -9.31 7.18 1.37
CA TRP A 21 -8.14 7.38 2.21
C TRP A 21 -7.24 8.46 1.64
N TYR A 22 -6.37 9.01 2.49
CA TYR A 22 -5.44 10.06 2.08
C TYR A 22 -4.02 9.51 1.98
N SER A 23 -3.22 10.09 1.09
CA SER A 23 -1.85 9.65 0.89
C SER A 23 -1.03 9.90 2.16
N ALA A 24 -0.87 8.85 2.97
CA ALA A 24 -0.12 8.94 4.20
C ALA A 24 1.33 8.51 4.00
N GLY A 25 1.52 7.34 3.41
CA GLY A 25 2.85 6.83 3.19
C GLY A 25 2.88 5.60 2.31
N LEU A 26 4.05 5.28 1.76
CA LEU A 26 4.20 4.11 0.90
C LEU A 26 5.65 3.60 0.95
N ALA A 27 5.86 2.40 0.43
CA ALA A 27 7.18 1.79 0.41
C ALA A 27 7.34 0.85 -0.78
N SER A 28 8.56 0.37 -1.00
CA SER A 28 8.84 -0.54 -2.10
C SER A 28 10.09 -1.38 -1.81
N ASN A 29 9.89 -2.68 -1.66
CA ASN A 29 10.99 -3.59 -1.38
C ASN A 29 11.49 -4.24 -2.67
N SER A 30 11.39 -3.53 -3.78
CA SER A 30 11.84 -4.03 -5.07
C SER A 30 12.79 -3.04 -5.74
N SER A 31 13.91 -3.56 -6.24
CA SER A 31 14.91 -2.72 -6.91
C SER A 31 14.34 -2.05 -8.15
N TRP A 32 13.43 -2.74 -8.84
CA TRP A 32 12.82 -2.21 -10.04
C TRP A 32 11.62 -1.32 -9.70
N PHE A 33 10.83 -1.74 -8.72
CA PHE A 33 9.66 -0.99 -8.31
C PHE A 33 10.06 0.27 -7.53
N ARG A 34 11.08 0.15 -6.69
CA ARG A 34 11.55 1.28 -5.89
C ARG A 34 11.87 2.49 -6.77
N GLU A 35 12.35 2.21 -7.98
CA GLU A 35 12.69 3.27 -8.93
C GLU A 35 11.45 4.05 -9.36
N LYS A 36 10.30 3.40 -9.29
CA LYS A 36 9.04 4.04 -9.68
C LYS A 36 8.44 4.82 -8.52
N LYS A 37 8.76 4.42 -7.30
CA LYS A 37 8.25 5.10 -6.11
C LYS A 37 8.77 6.53 -6.02
N ALA A 38 9.99 6.73 -6.50
CA ALA A 38 10.62 8.05 -6.47
C ALA A 38 9.90 9.04 -7.38
N VAL A 39 9.00 8.56 -8.22
CA VAL A 39 8.27 9.43 -9.14
C VAL A 39 6.80 9.56 -8.76
N LEU A 40 6.27 8.57 -8.03
CA LEU A 40 4.87 8.62 -7.63
C LEU A 40 4.73 9.30 -6.26
N TYR A 41 4.32 10.56 -6.29
CA TYR A 41 4.15 11.34 -5.06
C TYR A 41 2.69 11.31 -4.60
N MET A 42 2.28 12.34 -3.85
CA MET A 42 0.92 12.46 -3.32
C MET A 42 -0.12 11.95 -4.34
N CYS A 43 -1.22 11.42 -3.81
CA CYS A 43 -2.30 10.89 -4.66
C CYS A 43 -3.49 10.49 -3.80
N LYS A 44 -4.67 10.45 -4.42
CA LYS A 44 -5.89 10.08 -3.71
C LYS A 44 -6.14 8.58 -3.80
N THR A 45 -6.54 7.97 -2.69
CA THR A 45 -6.79 6.53 -2.65
C THR A 45 -8.19 6.25 -2.11
N VAL A 46 -8.90 5.33 -2.77
CA VAL A 46 -10.25 4.97 -2.37
C VAL A 46 -10.53 3.51 -2.64
N VAL A 47 -10.80 2.75 -1.59
CA VAL A 47 -11.10 1.33 -1.72
C VAL A 47 -12.57 1.05 -1.40
N ALA A 48 -13.37 0.95 -2.46
CA ALA A 48 -14.81 0.69 -2.30
C ALA A 48 -15.13 -0.76 -2.67
N PRO A 49 -16.34 -1.23 -2.29
CA PRO A 49 -16.76 -2.60 -2.58
C PRO A 49 -16.91 -2.86 -4.08
N SER A 50 -16.16 -3.84 -4.57
CA SER A 50 -16.19 -4.17 -5.99
C SER A 50 -17.53 -4.79 -6.37
N THR A 51 -17.97 -4.52 -7.60
CA THR A 51 -19.24 -5.04 -8.10
C THR A 51 -19.27 -6.56 -8.06
N GLU A 52 -18.09 -7.18 -8.01
CA GLU A 52 -18.00 -8.64 -7.98
C GLU A 52 -17.87 -9.14 -6.54
N GLY A 53 -18.31 -8.33 -5.58
CA GLY A 53 -18.23 -8.73 -4.19
C GLY A 53 -16.81 -8.79 -3.67
N GLY A 54 -16.13 -7.65 -3.68
CA GLY A 54 -14.76 -7.60 -3.21
C GLY A 54 -14.33 -6.20 -2.84
N LEU A 55 -13.23 -5.74 -3.44
CA LEU A 55 -12.71 -4.40 -3.17
C LEU A 55 -12.02 -3.82 -4.40
N ASN A 56 -12.22 -2.53 -4.63
CA ASN A 56 -11.62 -1.86 -5.77
C ASN A 56 -10.91 -0.59 -5.33
N LEU A 57 -9.62 -0.70 -5.04
CA LEU A 57 -8.82 0.44 -4.62
C LEU A 57 -8.28 1.19 -5.83
N THR A 58 -8.80 2.40 -6.06
CA THR A 58 -8.37 3.22 -7.19
C THR A 58 -7.55 4.41 -6.74
N SER A 59 -6.30 4.46 -7.20
CA SER A 59 -5.41 5.56 -6.86
C SER A 59 -5.20 6.45 -8.08
N THR A 60 -5.45 7.74 -7.92
CA THR A 60 -5.29 8.68 -9.02
C THR A 60 -5.11 10.11 -8.54
N PHE A 61 -4.10 10.78 -9.10
CA PHE A 61 -3.82 12.17 -8.76
C PHE A 61 -3.56 12.97 -10.03
N LEU A 62 -3.45 14.30 -9.91
CA LEU A 62 -3.20 15.14 -11.06
C LEU A 62 -2.41 16.39 -10.68
N ARG A 63 -1.93 17.10 -11.70
CA ARG A 63 -1.15 18.32 -11.49
C ARG A 63 0.25 18.01 -10.96
N LYS A 64 0.98 19.06 -10.60
CA LYS A 64 2.33 18.92 -10.07
C LYS A 64 3.29 18.41 -11.14
N ASN A 65 3.48 17.10 -11.23
CA ASN A 65 4.38 16.52 -12.22
C ASN A 65 3.94 15.14 -12.67
N GLN A 66 4.08 14.17 -11.79
CA GLN A 66 3.71 12.79 -12.11
C GLN A 66 2.22 12.56 -11.92
N ALA A 67 1.47 12.61 -13.02
CA ALA A 67 0.03 12.38 -12.97
C ALA A 67 -0.26 10.91 -12.69
N GLU A 68 -0.90 10.64 -11.57
CA GLU A 68 -1.23 9.26 -11.19
C GLU A 68 -2.66 8.91 -11.57
N THR A 69 -2.92 7.61 -11.75
CA THR A 69 -4.25 7.13 -12.10
C THR A 69 -4.22 5.63 -12.40
N LYS A 70 -5.03 4.87 -11.67
CA LYS A 70 -5.10 3.43 -11.86
C LYS A 70 -6.18 2.79 -10.99
N ILE A 71 -6.41 1.50 -11.20
CA ILE A 71 -7.42 0.76 -10.44
C ILE A 71 -6.88 -0.58 -9.99
N MET A 72 -7.21 -0.98 -8.76
CA MET A 72 -6.75 -2.24 -8.21
C MET A 72 -7.90 -2.97 -7.50
N VAL A 73 -8.19 -4.19 -7.95
CA VAL A 73 -9.26 -4.99 -7.36
C VAL A 73 -8.71 -6.04 -6.39
N LEU A 74 -9.01 -5.88 -5.11
CA LEU A 74 -8.55 -6.80 -4.08
C LEU A 74 -9.64 -7.80 -3.70
N GLN A 75 -9.29 -9.08 -3.71
CA GLN A 75 -10.22 -10.15 -3.36
C GLN A 75 -9.71 -10.94 -2.15
N PRO A 76 -10.56 -11.13 -1.13
CA PRO A 76 -10.18 -11.88 0.08
C PRO A 76 -9.71 -13.30 -0.23
N ALA A 77 -8.81 -13.80 0.61
CA ALA A 77 -8.28 -15.15 0.43
C ALA A 77 -8.56 -16.02 1.65
N GLY A 78 -9.56 -15.64 2.43
CA GLY A 78 -9.90 -16.40 3.62
C GLY A 78 -9.35 -15.78 4.89
N ALA A 79 -8.04 -15.92 5.10
CA ALA A 79 -7.38 -15.38 6.28
C ALA A 79 -7.63 -13.88 6.41
N PRO A 80 -7.69 -13.38 7.66
CA PRO A 80 -7.93 -11.96 7.91
C PRO A 80 -6.77 -11.08 7.44
N GLY A 81 -7.10 -10.02 6.72
CA GLY A 81 -6.08 -9.10 6.23
C GLY A 81 -5.32 -9.65 5.05
N HIS A 82 -5.69 -10.84 4.58
CA HIS A 82 -5.01 -11.45 3.45
C HIS A 82 -5.90 -11.47 2.21
N TYR A 83 -5.45 -10.81 1.15
CA TYR A 83 -6.20 -10.76 -0.10
C TYR A 83 -5.25 -10.65 -1.28
N THR A 84 -5.82 -10.75 -2.49
CA THR A 84 -5.04 -10.67 -3.72
C THR A 84 -5.69 -9.69 -4.68
N TYR A 85 -4.92 -9.14 -5.62
CA TYR A 85 -5.46 -8.20 -6.58
C TYR A 85 -4.70 -8.28 -7.88
N SER A 86 -5.42 -8.27 -8.99
CA SER A 86 -4.79 -8.34 -10.30
C SER A 86 -3.96 -7.10 -10.54
N SER A 87 -2.64 -7.26 -10.51
CA SER A 87 -1.71 -6.15 -10.74
C SER A 87 -1.14 -6.24 -12.15
N PRO A 88 -0.11 -5.44 -12.49
CA PRO A 88 0.47 -5.51 -13.83
C PRO A 88 1.45 -6.68 -13.95
N HIS A 89 1.26 -7.49 -15.00
CA HIS A 89 2.12 -8.67 -15.26
C HIS A 89 1.39 -9.66 -16.16
N SER A 90 0.62 -9.15 -17.12
CA SER A 90 -0.12 -9.99 -18.06
C SER A 90 -1.29 -10.70 -17.38
N GLY A 91 -0.98 -11.63 -16.48
CA GLY A 91 -2.04 -12.35 -15.79
C GLY A 91 -2.53 -11.63 -14.56
N SER A 92 -1.97 -10.45 -14.30
CA SER A 92 -2.33 -9.63 -13.16
C SER A 92 -2.59 -10.47 -11.92
N ILE A 93 -1.52 -10.70 -11.19
CA ILE A 93 -1.58 -11.45 -9.95
C ILE A 93 -0.86 -10.72 -8.82
N HIS A 94 -1.51 -10.58 -7.68
CA HIS A 94 -0.91 -9.91 -6.54
C HIS A 94 -1.46 -10.44 -5.22
N SER A 95 -0.72 -10.21 -4.14
CA SER A 95 -1.13 -10.66 -2.81
C SER A 95 -0.78 -9.61 -1.76
N VAL A 96 -1.71 -9.35 -0.86
CA VAL A 96 -1.50 -8.37 0.19
C VAL A 96 -1.89 -8.92 1.56
N SER A 97 -1.15 -8.50 2.59
CA SER A 97 -1.41 -8.95 3.95
C SER A 97 -1.36 -7.79 4.94
N VAL A 98 -2.26 -7.80 5.93
CA VAL A 98 -2.31 -6.75 6.93
C VAL A 98 -1.25 -6.95 8.01
N VAL A 99 -0.48 -5.90 8.29
CA VAL A 99 0.57 -5.96 9.29
C VAL A 99 0.09 -5.42 10.64
N GLU A 100 -0.91 -4.54 10.60
CA GLU A 100 -1.44 -3.96 11.82
C GLU A 100 -2.78 -3.25 11.58
N ALA A 101 -2.72 -2.00 11.12
CA ALA A 101 -3.92 -1.23 10.85
C ALA A 101 -4.70 -0.96 12.14
N ASN A 102 -5.11 0.29 12.34
CA ASN A 102 -5.87 0.67 13.52
C ASN A 102 -7.28 1.11 13.16
N TYR A 103 -8.16 1.12 14.15
CA TYR A 103 -9.55 1.51 13.94
C TYR A 103 -9.72 3.02 14.01
N ASP A 104 -10.23 3.61 12.94
CA ASP A 104 -10.47 5.05 12.88
C ASP A 104 -9.16 5.85 13.00
N GLU A 105 -8.03 5.16 13.03
CA GLU A 105 -6.74 5.83 13.16
C GLU A 105 -5.96 5.77 11.84
N TYR A 106 -5.71 4.56 11.35
CA TYR A 106 -4.97 4.38 10.11
C TYR A 106 -5.02 2.93 9.64
N ALA A 107 -4.63 2.70 8.39
CA ALA A 107 -4.63 1.35 7.84
C ALA A 107 -3.26 1.00 7.27
N LEU A 108 -2.76 -0.16 7.67
CA LEU A 108 -1.45 -0.61 7.20
C LEU A 108 -1.60 -1.86 6.35
N LEU A 109 -1.17 -1.77 5.10
CA LEU A 109 -1.27 -2.89 4.18
C LEU A 109 0.04 -3.08 3.40
N PHE A 110 0.35 -4.33 3.09
CA PHE A 110 1.57 -4.64 2.35
C PHE A 110 1.23 -5.42 1.08
N SER A 111 2.00 -5.17 0.03
CA SER A 111 1.79 -5.84 -1.25
C SER A 111 3.00 -6.65 -1.67
N ARG A 112 2.84 -7.96 -1.70
CA ARG A 112 3.92 -8.87 -2.08
C ARG A 112 3.56 -9.63 -3.36
N GLY A 113 4.48 -9.63 -4.32
CA GLY A 113 4.23 -10.32 -5.57
C GLY A 113 5.08 -11.58 -5.72
N THR A 114 4.43 -12.72 -5.69
CA THR A 114 5.12 -14.00 -5.82
C THR A 114 4.57 -14.80 -7.00
N LYS A 115 5.30 -14.79 -8.10
CA LYS A 115 4.89 -15.51 -9.31
C LYS A 115 6.03 -16.37 -9.86
N GLY A 116 5.71 -17.30 -10.74
CA GLY A 116 6.70 -18.19 -11.33
C GLY A 116 8.07 -17.54 -11.49
N PRO A 117 8.16 -16.43 -12.25
CA PRO A 117 9.41 -15.71 -12.47
C PRO A 117 10.29 -15.65 -11.23
N GLY A 118 9.65 -15.59 -10.06
CA GLY A 118 10.39 -15.54 -8.81
C GLY A 118 10.73 -14.12 -8.41
N GLN A 119 9.98 -13.15 -8.92
CA GLN A 119 10.21 -11.75 -8.61
C GLN A 119 10.22 -11.52 -7.10
N ASP A 120 9.18 -11.99 -6.42
CA ASP A 120 9.07 -11.85 -4.97
C ASP A 120 9.27 -10.40 -4.54
N PHE A 121 8.58 -9.48 -5.20
CA PHE A 121 8.69 -8.06 -4.88
C PHE A 121 7.59 -7.64 -3.90
N ARG A 122 7.99 -6.96 -2.83
CA ARG A 122 7.04 -6.52 -1.83
C ARG A 122 7.04 -5.00 -1.70
N MET A 123 5.93 -4.44 -1.21
CA MET A 123 5.82 -3.01 -1.04
C MET A 123 4.88 -2.68 0.12
N ALA A 124 5.07 -1.53 0.73
CA ALA A 124 4.24 -1.12 1.86
C ALA A 124 3.33 0.05 1.48
N THR A 125 2.08 -0.02 1.92
CA THR A 125 1.12 1.03 1.62
C THR A 125 0.51 1.60 2.90
N LEU A 126 0.62 2.90 3.08
CA LEU A 126 0.08 3.57 4.26
C LEU A 126 -1.07 4.49 3.89
N TYR A 127 -2.21 4.31 4.55
CA TYR A 127 -3.38 5.13 4.27
C TYR A 127 -3.72 6.03 5.45
N SER A 128 -4.05 7.29 5.15
CA SER A 128 -4.41 8.25 6.18
C SER A 128 -5.89 8.61 6.09
N ARG A 129 -6.60 8.44 7.20
CA ARG A 129 -8.02 8.75 7.25
C ARG A 129 -8.28 9.97 8.14
N THR A 130 -7.21 10.68 8.47
CA THR A 130 -7.31 11.86 9.31
C THR A 130 -6.61 13.06 8.67
N GLN A 131 -5.65 12.78 7.79
CA GLN A 131 -4.89 13.83 7.11
C GLN A 131 -3.79 14.36 8.01
N THR A 132 -3.17 13.46 8.76
CA THR A 132 -2.08 13.83 9.66
C THR A 132 -1.18 12.63 9.94
N LEU A 133 -0.09 12.88 10.67
CA LEU A 133 0.86 11.84 11.01
C LEU A 133 0.80 11.51 12.50
N LYS A 134 1.13 10.27 12.84
CA LYS A 134 1.11 9.82 14.23
C LYS A 134 2.39 9.06 14.58
N ASP A 135 2.90 9.29 15.78
CA ASP A 135 4.12 8.63 16.24
C ASP A 135 3.92 7.11 16.27
N GLU A 136 2.82 6.68 16.87
CA GLU A 136 2.50 5.27 16.96
C GLU A 136 2.44 4.65 15.57
N LEU A 137 1.66 5.26 14.69
CA LEU A 137 1.52 4.78 13.32
C LEU A 137 2.88 4.85 12.61
N LYS A 138 3.54 5.99 12.74
CA LYS A 138 4.85 6.18 12.12
C LYS A 138 5.83 5.12 12.61
N GLU A 139 5.83 4.88 13.92
CA GLU A 139 6.71 3.89 14.52
C GLU A 139 6.24 2.46 14.22
N LYS A 140 4.93 2.26 14.19
CA LYS A 140 4.37 0.94 13.93
C LYS A 140 4.61 0.47 12.50
N PHE A 141 4.41 1.36 11.54
CA PHE A 141 4.60 1.01 10.13
C PHE A 141 6.08 0.89 9.78
N THR A 142 6.88 1.84 10.25
CA THR A 142 8.31 1.84 9.97
C THR A 142 8.99 0.59 10.52
N THR A 143 8.77 0.33 11.79
CA THR A 143 9.38 -0.83 12.44
C THR A 143 8.83 -2.14 11.87
N PHE A 144 7.52 -2.26 11.80
CA PHE A 144 6.90 -3.48 11.25
C PHE A 144 7.46 -3.76 9.86
N SER A 145 7.91 -2.70 9.21
CA SER A 145 8.47 -2.80 7.86
C SER A 145 9.77 -3.60 7.88
N LYS A 146 10.52 -3.48 8.97
CA LYS A 146 11.80 -4.18 9.08
C LYS A 146 11.59 -5.67 8.91
N ALA A 147 10.50 -6.18 9.48
CA ALA A 147 10.18 -7.61 9.36
C ALA A 147 9.77 -7.94 7.93
N GLN A 148 9.31 -6.92 7.20
CA GLN A 148 8.87 -7.10 5.82
C GLN A 148 10.06 -6.99 4.87
N GLY A 149 10.93 -6.02 5.12
CA GLY A 149 12.09 -5.82 4.28
C GLY A 149 12.01 -4.51 3.51
N LEU A 150 11.15 -3.61 3.96
CA LEU A 150 10.99 -2.32 3.29
C LEU A 150 12.33 -1.60 3.20
N THR A 151 12.34 -0.50 2.45
CA THR A 151 13.55 0.28 2.27
C THR A 151 13.30 1.76 2.56
N GLU A 152 14.01 2.29 3.55
CA GLU A 152 13.86 3.69 3.94
C GLU A 152 13.99 4.61 2.73
N GLU A 153 14.98 4.33 1.88
CA GLU A 153 15.21 5.13 0.69
C GLU A 153 14.12 4.92 -0.36
N ASP A 154 13.27 3.92 -0.14
CA ASP A 154 12.20 3.61 -1.08
C ASP A 154 10.83 3.81 -0.43
N ILE A 155 10.71 4.86 0.38
CA ILE A 155 9.44 5.16 1.06
C ILE A 155 8.83 6.45 0.52
N VAL A 156 7.50 6.46 0.42
CA VAL A 156 6.77 7.62 -0.07
C VAL A 156 5.86 8.18 1.03
N PHE A 157 6.46 8.72 2.08
CA PHE A 157 5.71 9.29 3.19
C PHE A 157 4.98 10.57 2.79
N LEU A 158 3.68 10.43 2.54
CA LEU A 158 2.82 11.56 2.16
C LEU A 158 3.61 12.72 1.54
N PRO A 159 4.22 12.51 0.36
CA PRO A 159 5.01 13.53 -0.33
C PRO A 159 4.24 14.85 -0.47
N GLN A 160 4.96 15.91 -0.77
CA GLN A 160 4.35 17.23 -0.93
C GLN A 160 4.47 17.71 -2.38
N PRO A 161 3.83 18.85 -2.70
CA PRO A 161 3.87 19.41 -4.06
C PRO A 161 5.19 20.09 -4.41
N ASP A 162 6.27 19.31 -4.41
CA ASP A 162 7.58 19.83 -4.75
C ASP A 162 7.87 19.63 -6.23
N LYS A 163 6.82 19.27 -6.97
CA LYS A 163 6.92 19.02 -8.40
C LYS A 163 7.06 20.32 -9.19
N ALA A 164 8.30 20.67 -9.53
CA ALA A 164 8.57 21.88 -10.28
C ALA A 164 9.04 21.55 -11.70
N ILE A 165 8.74 22.45 -12.64
CA ILE A 165 9.12 22.29 -14.05
C ILE A 165 8.10 21.46 -14.81
N GLN A 166 7.29 20.69 -14.09
CA GLN A 166 6.27 19.86 -14.72
C GLN A 166 4.89 20.45 -14.49
N GLU A 167 4.82 21.78 -14.51
CA GLU A 167 3.56 22.49 -14.29
C GLU A 167 2.53 22.10 -15.34
N GLY A 1 9.63 -18.38 1.83
CA GLY A 1 9.75 -18.59 3.29
C GLY A 1 8.41 -18.84 3.95
N SER A 2 8.35 -18.68 5.27
CA SER A 2 7.11 -18.90 6.01
C SER A 2 7.18 -18.25 7.39
N GLN A 3 6.69 -17.02 7.49
CA GLN A 3 6.71 -16.28 8.73
C GLN A 3 8.13 -16.08 9.24
N GLY A 4 8.26 -15.46 10.42
CA GLY A 4 9.56 -15.22 10.99
C GLY A 4 9.50 -14.43 12.28
N HIS A 5 9.85 -13.15 12.22
CA HIS A 5 9.83 -12.29 13.39
C HIS A 5 8.44 -11.70 13.60
N ASP A 6 7.85 -11.20 12.51
CA ASP A 6 6.51 -10.61 12.57
C ASP A 6 6.08 -10.14 11.19
N THR A 7 4.85 -10.49 10.81
CA THR A 7 4.32 -10.11 9.51
C THR A 7 2.91 -9.56 9.62
N VAL A 8 1.92 -10.45 9.68
CA VAL A 8 0.53 -10.04 9.78
C VAL A 8 -0.06 -10.39 11.15
N GLN A 9 -1.07 -9.62 11.56
CA GLN A 9 -1.73 -9.85 12.84
C GLN A 9 -3.19 -10.25 12.63
N PRO A 10 -3.52 -11.55 12.86
CA PRO A 10 -4.89 -12.04 12.70
C PRO A 10 -5.91 -11.20 13.45
N ASN A 11 -7.18 -11.32 13.05
CA ASN A 11 -8.28 -10.56 13.65
C ASN A 11 -8.37 -9.16 13.06
N PHE A 12 -8.59 -9.09 11.76
CA PHE A 12 -8.70 -7.82 11.06
C PHE A 12 -10.16 -7.51 10.73
N GLN A 13 -10.53 -6.23 10.82
CA GLN A 13 -11.89 -5.81 10.54
C GLN A 13 -11.92 -4.74 9.44
N GLN A 14 -12.23 -5.17 8.22
CA GLN A 14 -12.30 -4.26 7.08
C GLN A 14 -13.51 -3.32 7.20
N ASP A 15 -14.48 -3.70 8.02
CA ASP A 15 -15.68 -2.90 8.20
C ASP A 15 -15.35 -1.48 8.63
N LYS A 16 -14.22 -1.31 9.31
CA LYS A 16 -13.81 0.02 9.77
C LYS A 16 -12.56 0.50 9.02
N PHE A 17 -12.32 -0.06 7.84
CA PHE A 17 -11.18 0.32 7.03
C PHE A 17 -11.59 0.62 5.59
N LEU A 18 -12.47 -0.20 5.05
CA LEU A 18 -12.94 -0.02 3.67
C LEU A 18 -13.47 1.41 3.46
N GLY A 19 -13.06 2.03 2.37
CA GLY A 19 -13.51 3.38 2.06
C GLY A 19 -12.42 4.24 1.46
N ARG A 20 -12.64 5.54 1.45
CA ARG A 20 -11.66 6.49 0.90
C ARG A 20 -10.52 6.73 1.89
N TRP A 21 -9.33 7.00 1.36
CA TRP A 21 -8.16 7.24 2.19
C TRP A 21 -7.23 8.25 1.55
N TYR A 22 -6.30 8.78 2.33
CA TYR A 22 -5.34 9.76 1.84
C TYR A 22 -3.92 9.23 1.95
N SER A 23 -3.12 9.45 0.92
CA SER A 23 -1.74 8.99 0.92
C SER A 23 -0.92 9.70 2.00
N ALA A 24 -0.20 8.91 2.80
CA ALA A 24 0.61 9.45 3.86
C ALA A 24 1.99 8.77 3.90
N GLY A 25 2.00 7.45 3.77
CA GLY A 25 3.25 6.73 3.78
C GLY A 25 3.23 5.49 2.90
N LEU A 26 4.34 5.22 2.23
CA LEU A 26 4.43 4.06 1.35
C LEU A 26 5.87 3.57 1.22
N ALA A 27 6.03 2.30 0.87
CA ALA A 27 7.34 1.69 0.70
C ALA A 27 7.29 0.59 -0.35
N SER A 28 8.46 0.10 -0.75
CA SER A 28 8.53 -0.95 -1.77
C SER A 28 9.85 -1.72 -1.67
N ASN A 29 9.75 -3.05 -1.66
CA ASN A 29 10.93 -3.90 -1.57
C ASN A 29 11.25 -4.51 -2.94
N SER A 30 10.91 -3.78 -4.00
CA SER A 30 11.16 -4.26 -5.36
C SER A 30 12.62 -4.02 -5.77
N SER A 31 12.95 -4.40 -6.99
CA SER A 31 14.31 -4.23 -7.50
C SER A 31 14.32 -3.24 -8.67
N TRP A 32 13.46 -3.47 -9.65
CA TRP A 32 13.37 -2.61 -10.81
C TRP A 32 12.29 -1.55 -10.62
N PHE A 33 11.20 -1.94 -9.95
CA PHE A 33 10.10 -1.03 -9.68
C PHE A 33 10.56 0.14 -8.83
N ARG A 34 11.50 -0.13 -7.93
CA ARG A 34 12.03 0.91 -7.05
C ARG A 34 12.55 2.10 -7.85
N GLU A 35 13.08 1.83 -9.03
CA GLU A 35 13.60 2.87 -9.90
C GLU A 35 12.51 3.87 -10.26
N LYS A 36 11.26 3.41 -10.22
CA LYS A 36 10.11 4.26 -10.54
C LYS A 36 9.51 4.85 -9.27
N LYS A 37 9.74 4.20 -8.13
CA LYS A 37 9.23 4.68 -6.86
C LYS A 37 9.57 6.15 -6.64
N ALA A 38 10.71 6.56 -7.19
CA ALA A 38 11.15 7.95 -7.07
C ALA A 38 10.09 8.91 -7.57
N VAL A 39 9.17 8.42 -8.40
CA VAL A 39 8.10 9.25 -8.94
C VAL A 39 6.77 8.98 -8.24
N LEU A 40 6.85 8.47 -7.02
CA LEU A 40 5.65 8.16 -6.25
C LEU A 40 5.35 9.27 -5.26
N TYR A 41 4.38 10.11 -5.58
CA TYR A 41 4.01 11.23 -4.73
C TYR A 41 2.54 11.14 -4.30
N MET A 42 2.01 12.26 -3.79
CA MET A 42 0.63 12.32 -3.33
C MET A 42 -0.34 11.76 -4.37
N CYS A 43 -1.49 11.30 -3.90
CA CYS A 43 -2.52 10.74 -4.77
C CYS A 43 -3.70 10.24 -3.94
N LYS A 44 -4.90 10.34 -4.50
CA LYS A 44 -6.11 9.89 -3.81
C LYS A 44 -6.25 8.38 -3.92
N THR A 45 -6.62 7.74 -2.80
CA THR A 45 -6.79 6.30 -2.78
C THR A 45 -8.08 5.92 -2.05
N VAL A 46 -8.93 5.17 -2.74
CA VAL A 46 -10.21 4.74 -2.16
C VAL A 46 -10.51 3.29 -2.50
N VAL A 47 -10.55 2.44 -1.48
CA VAL A 47 -10.84 1.02 -1.67
C VAL A 47 -12.30 0.71 -1.38
N ALA A 48 -13.13 0.78 -2.41
CA ALA A 48 -14.56 0.50 -2.26
C ALA A 48 -14.89 -0.92 -2.70
N PRO A 49 -16.09 -1.42 -2.37
CA PRO A 49 -16.51 -2.77 -2.73
C PRO A 49 -16.57 -2.98 -4.24
N SER A 50 -15.80 -3.93 -4.74
CA SER A 50 -15.76 -4.23 -6.16
C SER A 50 -17.08 -4.82 -6.64
N THR A 51 -17.43 -4.52 -7.89
CA THR A 51 -18.67 -5.02 -8.49
C THR A 51 -18.71 -6.55 -8.48
N GLU A 52 -17.54 -7.17 -8.36
CA GLU A 52 -17.46 -8.63 -8.35
C GLU A 52 -17.46 -9.17 -6.92
N GLY A 53 -17.96 -8.36 -5.98
CA GLY A 53 -18.01 -8.79 -4.60
C GLY A 53 -16.64 -8.89 -3.96
N GLY A 54 -15.93 -7.76 -3.91
CA GLY A 54 -14.60 -7.75 -3.32
C GLY A 54 -14.16 -6.35 -2.92
N LEU A 55 -13.10 -5.86 -3.55
CA LEU A 55 -12.59 -4.54 -3.25
C LEU A 55 -11.95 -3.90 -4.48
N ASN A 56 -12.05 -2.59 -4.59
CA ASN A 56 -11.49 -1.86 -5.72
C ASN A 56 -10.85 -0.56 -5.25
N LEU A 57 -9.53 -0.51 -5.30
CA LEU A 57 -8.80 0.66 -4.88
C LEU A 57 -8.50 1.58 -6.07
N THR A 58 -9.14 2.74 -6.09
CA THR A 58 -8.96 3.71 -7.17
C THR A 58 -7.88 4.72 -6.83
N SER A 59 -6.88 4.82 -7.69
CA SER A 59 -5.78 5.75 -7.49
C SER A 59 -5.67 6.71 -8.67
N THR A 60 -5.65 8.01 -8.38
CA THR A 60 -5.54 9.02 -9.41
C THR A 60 -4.93 10.31 -8.88
N PHE A 61 -4.07 10.93 -9.68
CA PHE A 61 -3.41 12.17 -9.30
C PHE A 61 -3.16 13.04 -10.52
N LEU A 62 -3.30 14.35 -10.36
CA LEU A 62 -3.08 15.28 -11.46
C LEU A 62 -2.04 16.33 -11.10
N ARG A 63 -1.03 15.92 -10.34
CA ARG A 63 0.03 16.84 -9.92
C ARG A 63 1.37 16.11 -9.80
N LYS A 64 2.42 16.87 -9.50
CA LYS A 64 3.76 16.32 -9.35
C LYS A 64 4.29 15.79 -10.68
N ASN A 65 4.02 16.53 -11.75
CA ASN A 65 4.48 16.16 -13.09
C ASN A 65 3.82 14.88 -13.58
N GLN A 66 4.01 13.80 -12.85
CA GLN A 66 3.44 12.52 -13.22
C GLN A 66 2.00 12.38 -12.72
N ALA A 67 1.05 12.61 -13.61
CA ALA A 67 -0.36 12.50 -13.27
C ALA A 67 -0.81 11.03 -13.22
N GLU A 68 -1.20 10.58 -12.04
CA GLU A 68 -1.63 9.21 -11.85
C GLU A 68 -3.09 9.02 -12.28
N THR A 69 -3.49 7.76 -12.49
CA THR A 69 -4.85 7.44 -12.90
C THR A 69 -4.99 5.94 -13.21
N LYS A 70 -5.36 5.16 -12.20
CA LYS A 70 -5.53 3.73 -12.36
C LYS A 70 -6.59 3.18 -11.41
N ILE A 71 -6.86 1.87 -11.53
CA ILE A 71 -7.86 1.22 -10.68
C ILE A 71 -7.44 -0.21 -10.35
N MET A 72 -7.31 -0.51 -9.07
CA MET A 72 -6.92 -1.84 -8.62
C MET A 72 -8.11 -2.57 -8.02
N VAL A 73 -8.07 -3.91 -8.04
CA VAL A 73 -9.15 -4.72 -7.49
C VAL A 73 -8.60 -5.76 -6.51
N LEU A 74 -8.95 -5.61 -5.24
CA LEU A 74 -8.51 -6.54 -4.20
C LEU A 74 -9.58 -7.57 -3.87
N GLN A 75 -9.19 -8.84 -3.87
CA GLN A 75 -10.12 -9.93 -3.57
C GLN A 75 -9.66 -10.66 -2.31
N PRO A 76 -10.57 -10.84 -1.33
CA PRO A 76 -10.24 -11.54 -0.08
C PRO A 76 -9.71 -12.94 -0.31
N ALA A 77 -8.80 -13.37 0.57
CA ALA A 77 -8.21 -14.71 0.46
C ALA A 77 -8.55 -15.56 1.68
N GLY A 78 -9.67 -15.25 2.31
CA GLY A 78 -10.10 -16.00 3.48
C GLY A 78 -9.51 -15.46 4.77
N ALA A 79 -8.19 -15.56 4.90
CA ALA A 79 -7.50 -15.08 6.09
C ALA A 79 -7.76 -13.59 6.31
N PRO A 80 -7.66 -13.13 7.57
CA PRO A 80 -7.88 -11.72 7.91
C PRO A 80 -6.82 -10.81 7.31
N GLY A 81 -7.24 -9.65 6.82
CA GLY A 81 -6.31 -8.71 6.24
C GLY A 81 -5.52 -9.29 5.09
N HIS A 82 -6.05 -10.35 4.48
CA HIS A 82 -5.38 -11.00 3.36
C HIS A 82 -6.23 -10.94 2.10
N TYR A 83 -5.69 -10.36 1.05
CA TYR A 83 -6.40 -10.24 -0.23
C TYR A 83 -5.43 -10.07 -1.39
N THR A 84 -5.79 -10.62 -2.54
CA THR A 84 -4.95 -10.50 -3.73
C THR A 84 -5.58 -9.50 -4.70
N TYR A 85 -4.77 -8.88 -5.54
CA TYR A 85 -5.28 -7.91 -6.50
C TYR A 85 -4.46 -7.91 -7.77
N SER A 86 -5.14 -8.02 -8.90
CA SER A 86 -4.46 -8.03 -10.17
C SER A 86 -3.70 -6.71 -10.37
N SER A 87 -2.38 -6.78 -10.25
CA SER A 87 -1.54 -5.60 -10.41
C SER A 87 -0.91 -5.59 -11.80
N PRO A 88 0.04 -4.68 -12.09
CA PRO A 88 0.67 -4.64 -13.41
C PRO A 88 1.76 -5.70 -13.53
N HIS A 89 1.69 -6.49 -14.61
CA HIS A 89 2.68 -7.56 -14.87
C HIS A 89 2.09 -8.61 -15.82
N SER A 90 1.24 -8.18 -16.74
CA SER A 90 0.63 -9.08 -17.71
C SER A 90 -0.48 -9.93 -17.09
N GLY A 91 -0.09 -10.84 -16.20
CA GLY A 91 -1.08 -11.70 -15.56
C GLY A 91 -1.70 -11.05 -14.35
N SER A 92 -1.26 -9.84 -14.04
CA SER A 92 -1.76 -9.09 -12.91
C SER A 92 -2.04 -9.97 -11.71
N ILE A 93 -1.01 -10.17 -10.93
CA ILE A 93 -1.10 -10.97 -9.71
C ILE A 93 -0.48 -10.24 -8.53
N HIS A 94 -1.23 -10.14 -7.43
CA HIS A 94 -0.73 -9.47 -6.24
C HIS A 94 -1.35 -10.04 -4.97
N SER A 95 -0.64 -9.95 -3.86
CA SER A 95 -1.12 -10.45 -2.58
C SER A 95 -0.79 -9.46 -1.46
N VAL A 96 -1.83 -8.95 -0.82
CA VAL A 96 -1.65 -7.99 0.26
C VAL A 96 -1.96 -8.59 1.62
N SER A 97 -1.24 -8.16 2.64
CA SER A 97 -1.43 -8.66 4.00
C SER A 97 -1.36 -7.52 5.02
N VAL A 98 -2.22 -7.57 6.02
CA VAL A 98 -2.25 -6.54 7.05
C VAL A 98 -1.27 -6.86 8.19
N VAL A 99 -0.52 -5.86 8.61
CA VAL A 99 0.47 -6.04 9.67
C VAL A 99 0.01 -5.41 10.99
N GLU A 100 -0.98 -4.52 10.92
CA GLU A 100 -1.48 -3.86 12.12
C GLU A 100 -2.79 -3.13 11.84
N ALA A 101 -2.69 -1.90 11.33
CA ALA A 101 -3.87 -1.09 11.03
C ALA A 101 -4.60 -0.67 12.31
N ASN A 102 -5.05 0.58 12.35
CA ASN A 102 -5.76 1.10 13.52
C ASN A 102 -7.20 1.46 13.17
N TYR A 103 -8.07 1.46 14.18
CA TYR A 103 -9.48 1.77 13.98
C TYR A 103 -9.72 3.28 14.05
N ASP A 104 -10.29 3.82 12.98
CA ASP A 104 -10.61 5.25 12.93
C ASP A 104 -9.37 6.13 13.06
N GLU A 105 -8.19 5.51 13.06
CA GLU A 105 -6.95 6.27 13.20
C GLU A 105 -6.10 6.20 11.94
N TYR A 106 -5.83 4.99 11.46
CA TYR A 106 -5.01 4.81 10.28
C TYR A 106 -5.03 3.35 9.81
N ALA A 107 -4.73 3.12 8.55
CA ALA A 107 -4.72 1.77 7.99
C ALA A 107 -3.36 1.43 7.41
N LEU A 108 -2.83 0.27 7.80
CA LEU A 108 -1.53 -0.18 7.31
C LEU A 108 -1.66 -1.54 6.62
N LEU A 109 -1.18 -1.61 5.39
CA LEU A 109 -1.24 -2.85 4.62
C LEU A 109 0.03 -3.05 3.80
N PHE A 110 0.41 -4.31 3.62
CA PHE A 110 1.61 -4.65 2.85
C PHE A 110 1.24 -5.46 1.62
N SER A 111 1.63 -4.98 0.45
CA SER A 111 1.34 -5.67 -0.80
C SER A 111 2.57 -6.38 -1.34
N ARG A 112 2.51 -7.71 -1.36
CA ARG A 112 3.62 -8.52 -1.85
C ARG A 112 3.15 -9.52 -2.91
N GLY A 113 4.02 -9.81 -3.86
CA GLY A 113 3.69 -10.75 -4.91
C GLY A 113 4.70 -11.88 -5.02
N THR A 114 4.27 -13.09 -4.68
CA THR A 114 5.14 -14.26 -4.74
C THR A 114 4.60 -15.29 -5.71
N LYS A 115 5.20 -15.34 -6.89
CA LYS A 115 4.79 -16.29 -7.92
C LYS A 115 5.99 -17.06 -8.46
N GLY A 116 5.71 -18.15 -9.17
CA GLY A 116 6.77 -18.99 -9.74
C GLY A 116 8.00 -18.19 -10.17
N PRO A 117 7.81 -17.17 -11.02
CA PRO A 117 8.91 -16.33 -11.51
C PRO A 117 9.96 -16.05 -10.44
N GLY A 118 9.52 -15.97 -9.18
CA GLY A 118 10.43 -15.70 -8.10
C GLY A 118 10.51 -14.22 -7.77
N GLN A 119 9.49 -13.48 -8.19
CA GLN A 119 9.45 -12.03 -7.94
C GLN A 119 9.72 -11.71 -6.47
N ASP A 120 8.99 -12.36 -5.57
CA ASP A 120 9.16 -12.15 -4.14
C ASP A 120 9.29 -10.66 -3.79
N PHE A 121 8.47 -9.83 -4.41
CA PHE A 121 8.50 -8.40 -4.18
C PHE A 121 7.39 -7.98 -3.21
N ARG A 122 7.72 -7.07 -2.30
CA ARG A 122 6.75 -6.59 -1.32
C ARG A 122 6.61 -5.07 -1.36
N MET A 123 5.57 -4.56 -0.73
CA MET A 123 5.31 -3.13 -0.69
C MET A 123 4.58 -2.72 0.57
N ALA A 124 4.99 -1.59 1.15
CA ALA A 124 4.37 -1.08 2.36
C ALA A 124 3.44 0.09 2.04
N THR A 125 2.20 0.01 2.48
CA THR A 125 1.23 1.06 2.21
C THR A 125 0.65 1.65 3.49
N LEU A 126 0.64 2.97 3.57
CA LEU A 126 0.10 3.67 4.74
C LEU A 126 -1.05 4.58 4.31
N TYR A 127 -2.25 4.31 4.84
CA TYR A 127 -3.43 5.10 4.51
C TYR A 127 -3.86 5.96 5.69
N SER A 128 -4.01 7.26 5.45
CA SER A 128 -4.45 8.19 6.50
C SER A 128 -5.88 8.62 6.25
N ARG A 129 -6.74 8.43 7.25
CA ARG A 129 -8.14 8.82 7.15
C ARG A 129 -8.41 10.10 7.92
N THR A 130 -7.34 10.88 8.14
CA THR A 130 -7.46 12.13 8.86
C THR A 130 -6.44 13.15 8.35
N GLN A 131 -5.30 12.66 7.86
CA GLN A 131 -4.23 13.51 7.34
C GLN A 131 -3.38 14.02 8.49
N THR A 132 -3.08 13.14 9.44
CA THR A 132 -2.26 13.49 10.59
C THR A 132 -1.10 12.53 10.75
N LEU A 133 -0.28 12.78 11.76
CA LEU A 133 0.89 11.94 12.04
C LEU A 133 0.70 11.15 13.32
N LYS A 134 0.70 9.83 13.20
CA LYS A 134 0.53 8.95 14.36
C LYS A 134 1.83 8.25 14.72
N ASP A 135 2.30 8.47 15.94
CA ASP A 135 3.54 7.86 16.41
C ASP A 135 3.44 6.34 16.37
N GLU A 136 2.33 5.82 16.85
CA GLU A 136 2.11 4.38 16.87
C GLU A 136 2.17 3.81 15.45
N LEU A 137 1.40 4.41 14.56
CA LEU A 137 1.37 3.97 13.16
C LEU A 137 2.73 4.19 12.51
N LYS A 138 3.29 5.37 12.70
CA LYS A 138 4.59 5.70 12.15
C LYS A 138 5.66 4.74 12.68
N GLU A 139 5.56 4.43 13.97
CA GLU A 139 6.50 3.52 14.61
C GLU A 139 6.23 2.07 14.21
N LYS A 140 4.95 1.73 14.08
CA LYS A 140 4.57 0.37 13.70
C LYS A 140 4.96 0.08 12.26
N PHE A 141 4.69 1.03 11.37
CA PHE A 141 5.01 0.85 9.95
C PHE A 141 6.52 0.86 9.73
N THR A 142 7.20 1.84 10.32
CA THR A 142 8.64 1.96 10.18
C THR A 142 9.37 0.74 10.75
N THR A 143 8.97 0.34 11.96
CA THR A 143 9.60 -0.80 12.62
C THR A 143 9.26 -2.10 11.90
N PHE A 144 7.97 -2.33 11.67
CA PHE A 144 7.54 -3.54 10.99
C PHE A 144 8.23 -3.66 9.63
N SER A 145 8.64 -2.52 9.10
CA SER A 145 9.33 -2.47 7.83
C SER A 145 10.60 -3.32 7.87
N LYS A 146 11.25 -3.35 9.04
CA LYS A 146 12.46 -4.12 9.22
C LYS A 146 12.22 -5.59 8.89
N ALA A 147 11.17 -6.15 9.48
CA ALA A 147 10.83 -7.55 9.24
C ALA A 147 10.60 -7.81 7.76
N GLN A 148 10.25 -6.77 7.02
CA GLN A 148 10.01 -6.89 5.59
C GLN A 148 11.23 -6.44 4.79
N GLY A 149 12.19 -5.81 5.46
CA GLY A 149 13.39 -5.34 4.78
C GLY A 149 13.10 -4.20 3.84
N LEU A 150 12.27 -3.25 4.29
CA LEU A 150 11.91 -2.10 3.48
C LEU A 150 13.14 -1.42 2.88
N THR A 151 12.90 -0.37 2.12
CA THR A 151 13.97 0.40 1.49
C THR A 151 13.79 1.88 1.76
N GLU A 152 14.69 2.45 2.57
CA GLU A 152 14.63 3.86 2.91
C GLU A 152 14.54 4.74 1.67
N GLU A 153 15.11 4.26 0.57
CA GLU A 153 15.09 5.00 -0.69
C GLU A 153 13.82 4.71 -1.50
N ASP A 154 13.12 3.64 -1.13
CA ASP A 154 11.90 3.26 -1.83
C ASP A 154 10.66 3.62 -1.02
N ILE A 155 10.75 4.69 -0.24
CA ILE A 155 9.63 5.14 0.57
C ILE A 155 8.93 6.33 -0.07
N VAL A 156 7.62 6.44 0.16
CA VAL A 156 6.83 7.53 -0.40
C VAL A 156 6.24 8.40 0.70
N PHE A 157 6.88 9.54 0.97
CA PHE A 157 6.39 10.45 1.99
C PHE A 157 5.59 11.58 1.35
N LEU A 158 4.26 11.46 1.43
CA LEU A 158 3.33 12.45 0.88
C LEU A 158 4.01 13.75 0.44
N PRO A 159 4.66 13.74 -0.74
CA PRO A 159 5.36 14.91 -1.28
C PRO A 159 4.40 15.98 -1.79
N GLN A 160 4.92 17.19 -2.00
CA GLN A 160 4.11 18.29 -2.49
C GLN A 160 4.28 18.48 -3.99
N PRO A 161 3.26 19.02 -4.68
CA PRO A 161 3.30 19.26 -6.13
C PRO A 161 4.18 20.44 -6.52
N ASP A 162 5.48 20.26 -6.40
CA ASP A 162 6.44 21.31 -6.76
C ASP A 162 6.91 21.12 -8.20
N LYS A 163 6.14 20.35 -8.97
CA LYS A 163 6.47 20.06 -10.36
C LYS A 163 5.93 21.14 -11.29
N ALA A 164 6.82 22.07 -11.66
CA ALA A 164 6.46 23.17 -12.54
C ALA A 164 6.24 22.67 -13.97
N ILE A 165 5.93 23.61 -14.86
CA ILE A 165 5.68 23.30 -16.27
C ILE A 165 4.65 22.18 -16.44
N GLN A 166 3.97 21.82 -15.35
CA GLN A 166 2.96 20.78 -15.40
C GLN A 166 1.60 21.33 -15.00
N GLU A 167 1.29 22.54 -15.46
CA GLU A 167 0.02 23.17 -15.16
C GLU A 167 -0.56 23.85 -16.40
N GLY A 1 12.38 -10.40 23.45
CA GLY A 1 11.44 -11.52 23.15
C GLY A 1 11.03 -11.58 21.69
N SER A 2 10.16 -12.52 21.34
CA SER A 2 9.70 -12.67 19.97
C SER A 2 8.65 -13.75 19.86
N GLN A 3 7.39 -13.35 19.71
CA GLN A 3 6.28 -14.30 19.60
C GLN A 3 5.70 -14.28 18.19
N GLY A 4 4.82 -15.24 17.90
CA GLY A 4 4.19 -15.31 16.60
C GLY A 4 5.22 -15.43 15.49
N HIS A 5 4.77 -15.25 14.24
CA HIS A 5 5.67 -15.34 13.11
C HIS A 5 6.40 -14.01 12.89
N ASP A 6 5.61 -12.95 12.67
CA ASP A 6 6.12 -11.59 12.44
C ASP A 6 5.50 -10.98 11.19
N THR A 7 5.95 -9.77 10.85
CA THR A 7 5.46 -9.07 9.66
C THR A 7 3.97 -8.74 9.78
N VAL A 8 3.11 -9.69 9.44
CA VAL A 8 1.67 -9.48 9.50
C VAL A 8 1.04 -10.19 10.70
N GLN A 9 -0.10 -9.66 11.17
CA GLN A 9 -0.80 -10.23 12.31
C GLN A 9 -2.30 -10.33 12.04
N PRO A 10 -2.88 -11.54 12.12
CA PRO A 10 -4.31 -11.76 11.89
C PRO A 10 -5.19 -10.89 12.81
N ASN A 11 -6.45 -10.71 12.41
CA ASN A 11 -7.43 -9.92 13.16
C ASN A 11 -7.70 -8.59 12.47
N PHE A 12 -8.09 -8.68 11.20
CA PHE A 12 -8.38 -7.48 10.41
C PHE A 12 -9.88 -7.29 10.23
N GLN A 13 -10.33 -6.04 10.26
CA GLN A 13 -11.75 -5.73 10.10
C GLN A 13 -11.95 -4.63 9.07
N GLN A 14 -12.32 -5.02 7.86
CA GLN A 14 -12.55 -4.07 6.77
C GLN A 14 -13.77 -3.20 7.05
N ASP A 15 -14.64 -3.65 7.95
CA ASP A 15 -15.84 -2.91 8.29
C ASP A 15 -15.52 -1.50 8.76
N LYS A 16 -14.30 -1.28 9.22
CA LYS A 16 -13.87 0.04 9.70
C LYS A 16 -12.63 0.51 8.96
N PHE A 17 -12.46 0.08 7.72
CA PHE A 17 -11.30 0.47 6.93
C PHE A 17 -11.70 0.93 5.54
N LEU A 18 -12.63 0.19 4.91
CA LEU A 18 -13.08 0.53 3.57
C LEU A 18 -13.50 2.00 3.46
N GLY A 19 -13.43 2.55 2.25
CA GLY A 19 -13.79 3.94 2.03
C GLY A 19 -12.61 4.78 1.59
N ARG A 20 -12.88 6.04 1.25
CA ARG A 20 -11.83 6.96 0.80
C ARG A 20 -10.68 6.99 1.79
N TRP A 21 -9.47 7.22 1.29
CA TRP A 21 -8.30 7.26 2.15
C TRP A 21 -7.34 8.39 1.76
N TYR A 22 -6.53 8.82 2.72
CA TYR A 22 -5.57 9.88 2.48
C TYR A 22 -4.14 9.33 2.48
N SER A 23 -3.28 9.97 1.70
CA SER A 23 -1.88 9.55 1.60
C SER A 23 -1.16 9.69 2.94
N ALA A 24 -0.67 8.57 3.46
CA ALA A 24 0.05 8.57 4.73
C ALA A 24 1.50 8.17 4.54
N GLY A 25 1.73 7.27 3.59
CA GLY A 25 3.08 6.81 3.32
C GLY A 25 3.10 5.51 2.52
N LEU A 26 4.22 5.22 1.89
CA LEU A 26 4.36 4.00 1.10
C LEU A 26 5.81 3.54 1.02
N ALA A 27 5.99 2.23 0.82
CA ALA A 27 7.33 1.66 0.72
C ALA A 27 7.33 0.45 -0.23
N SER A 28 8.51 0.05 -0.70
CA SER A 28 8.60 -1.09 -1.61
C SER A 28 9.83 -1.94 -1.31
N ASN A 29 9.75 -3.20 -1.70
CA ASN A 29 10.86 -4.13 -1.50
C ASN A 29 11.38 -4.65 -2.84
N SER A 30 11.22 -3.84 -3.88
CA SER A 30 11.66 -4.20 -5.22
C SER A 30 13.02 -3.59 -5.54
N SER A 31 13.63 -4.06 -6.62
CA SER A 31 14.93 -3.57 -7.04
C SER A 31 14.80 -2.66 -8.26
N TRP A 32 13.80 -2.93 -9.09
CA TRP A 32 13.56 -2.14 -10.29
C TRP A 32 12.50 -1.07 -10.03
N PHE A 33 11.46 -1.46 -9.29
CA PHE A 33 10.37 -0.54 -8.98
C PHE A 33 10.88 0.65 -8.18
N ARG A 34 11.89 0.41 -7.35
CA ARG A 34 12.47 1.46 -6.52
C ARG A 34 12.98 2.62 -7.38
N GLU A 35 13.45 2.29 -8.58
CA GLU A 35 13.97 3.29 -9.50
C GLU A 35 12.94 4.38 -9.78
N LYS A 36 11.66 4.02 -9.68
CA LYS A 36 10.58 4.98 -9.92
C LYS A 36 9.92 5.40 -8.61
N LYS A 37 10.09 4.60 -7.57
CA LYS A 37 9.50 4.90 -6.26
C LYS A 37 9.81 6.32 -5.82
N ALA A 38 10.95 6.85 -6.28
CA ALA A 38 11.36 8.19 -5.91
C ALA A 38 10.39 9.26 -6.43
N VAL A 39 9.48 8.86 -7.32
CA VAL A 39 8.50 9.80 -7.87
C VAL A 39 7.17 9.75 -7.13
N LEU A 40 7.15 9.11 -5.97
CA LEU A 40 5.93 9.00 -5.18
C LEU A 40 5.75 10.25 -4.33
N TYR A 41 4.87 11.15 -4.77
CA TYR A 41 4.61 12.38 -4.05
C TYR A 41 3.29 12.29 -3.27
N MET A 42 2.22 12.85 -3.83
CA MET A 42 0.92 12.83 -3.16
C MET A 42 -0.20 12.50 -4.15
N CYS A 43 -1.31 11.99 -3.64
CA CYS A 43 -2.46 11.63 -4.47
C CYS A 43 -3.67 11.29 -3.62
N LYS A 44 -4.70 10.73 -4.25
CA LYS A 44 -5.92 10.35 -3.56
C LYS A 44 -6.19 8.85 -3.73
N THR A 45 -6.60 8.20 -2.65
CA THR A 45 -6.88 6.78 -2.68
C THR A 45 -8.29 6.49 -2.20
N VAL A 46 -9.00 5.61 -2.92
CA VAL A 46 -10.37 5.25 -2.57
C VAL A 46 -10.60 3.76 -2.73
N VAL A 47 -10.86 3.08 -1.62
CA VAL A 47 -11.11 1.64 -1.64
C VAL A 47 -12.59 1.33 -1.41
N ALA A 48 -13.28 0.94 -2.47
CA ALA A 48 -14.69 0.61 -2.39
C ALA A 48 -14.95 -0.85 -2.78
N PRO A 49 -16.14 -1.38 -2.48
CA PRO A 49 -16.50 -2.76 -2.81
C PRO A 49 -16.47 -3.02 -4.30
N SER A 50 -15.69 -4.02 -4.70
CA SER A 50 -15.57 -4.37 -6.12
C SER A 50 -16.87 -4.96 -6.64
N THR A 51 -17.16 -4.70 -7.92
CA THR A 51 -18.37 -5.19 -8.56
C THR A 51 -18.45 -6.71 -8.48
N GLU A 52 -17.31 -7.37 -8.30
CA GLU A 52 -17.26 -8.82 -8.22
C GLU A 52 -17.29 -9.29 -6.77
N GLY A 53 -17.80 -8.44 -5.88
CA GLY A 53 -17.87 -8.79 -4.48
C GLY A 53 -16.50 -8.92 -3.83
N GLY A 54 -15.76 -7.82 -3.79
CA GLY A 54 -14.44 -7.83 -3.20
C GLY A 54 -13.99 -6.46 -2.76
N LEU A 55 -12.85 -6.00 -3.29
CA LEU A 55 -12.32 -4.69 -2.95
C LEU A 55 -11.69 -4.03 -4.17
N ASN A 56 -11.89 -2.72 -4.29
CA ASN A 56 -11.35 -1.97 -5.42
C ASN A 56 -10.76 -0.64 -4.94
N LEU A 57 -9.44 -0.50 -5.06
CA LEU A 57 -8.77 0.72 -4.65
C LEU A 57 -8.41 1.57 -5.85
N THR A 58 -9.06 2.71 -5.98
CA THR A 58 -8.82 3.63 -7.09
C THR A 58 -7.79 4.70 -6.71
N SER A 59 -6.81 4.90 -7.58
CA SER A 59 -5.79 5.89 -7.35
C SER A 59 -5.69 6.85 -8.53
N THR A 60 -5.39 8.12 -8.26
CA THR A 60 -5.28 9.10 -9.32
C THR A 60 -4.62 10.39 -8.82
N PHE A 61 -3.68 10.91 -9.61
CA PHE A 61 -2.98 12.14 -9.25
C PHE A 61 -2.68 12.96 -10.49
N LEU A 62 -3.34 14.11 -10.64
CA LEU A 62 -3.14 14.97 -11.79
C LEU A 62 -2.99 16.42 -11.36
N ARG A 63 -1.77 16.80 -10.99
CA ARG A 63 -1.48 18.17 -10.56
C ARG A 63 0.00 18.35 -10.25
N LYS A 64 0.46 19.60 -10.29
CA LYS A 64 1.86 19.91 -10.00
C LYS A 64 2.77 19.46 -11.14
N ASN A 65 2.83 18.16 -11.38
CA ASN A 65 3.68 17.61 -12.43
C ASN A 65 3.59 16.09 -12.50
N GLN A 66 3.30 15.46 -11.36
CA GLN A 66 3.19 14.00 -11.31
C GLN A 66 1.81 13.54 -11.75
N ALA A 67 1.79 12.65 -12.75
CA ALA A 67 0.54 12.13 -13.27
C ALA A 67 0.34 10.66 -12.91
N GLU A 68 -0.74 10.37 -12.19
CA GLU A 68 -1.05 9.00 -11.79
C GLU A 68 -2.53 8.70 -11.98
N THR A 69 -2.85 7.44 -12.22
CA THR A 69 -4.23 7.01 -12.41
C THR A 69 -4.32 5.52 -12.66
N LYS A 70 -4.98 4.80 -11.75
CA LYS A 70 -5.13 3.35 -11.87
C LYS A 70 -6.19 2.83 -10.92
N ILE A 71 -6.48 1.53 -11.00
CA ILE A 71 -7.48 0.91 -10.14
C ILE A 71 -7.17 -0.56 -9.90
N MET A 72 -6.86 -0.90 -8.66
CA MET A 72 -6.55 -2.27 -8.29
C MET A 72 -7.76 -2.94 -7.64
N VAL A 73 -7.82 -4.27 -7.73
CA VAL A 73 -8.93 -5.01 -7.15
C VAL A 73 -8.41 -6.11 -6.23
N LEU A 74 -8.68 -5.95 -4.92
CA LEU A 74 -8.25 -6.92 -3.93
C LEU A 74 -9.34 -7.92 -3.60
N GLN A 75 -9.01 -9.21 -3.65
CA GLN A 75 -9.97 -10.26 -3.34
C GLN A 75 -9.53 -11.04 -2.11
N PRO A 76 -10.44 -11.23 -1.13
CA PRO A 76 -10.13 -11.96 0.10
C PRO A 76 -9.64 -13.38 -0.16
N ALA A 77 -8.76 -13.88 0.70
CA ALA A 77 -8.22 -15.21 0.55
C ALA A 77 -8.58 -16.09 1.75
N GLY A 78 -9.71 -15.79 2.38
CA GLY A 78 -10.15 -16.56 3.54
C GLY A 78 -9.80 -15.88 4.85
N ALA A 79 -8.69 -16.28 5.46
CA ALA A 79 -8.26 -15.70 6.72
C ALA A 79 -8.08 -14.18 6.60
N PRO A 80 -7.93 -13.49 7.74
CA PRO A 80 -7.75 -12.03 7.75
C PRO A 80 -6.38 -11.60 7.24
N GLY A 81 -6.24 -10.32 6.94
CA GLY A 81 -4.99 -9.80 6.44
C GLY A 81 -4.42 -10.62 5.30
N HIS A 82 -5.29 -11.04 4.38
CA HIS A 82 -4.87 -11.83 3.24
C HIS A 82 -5.85 -11.68 2.08
N TYR A 83 -5.35 -11.16 0.96
CA TYR A 83 -6.19 -10.96 -0.22
C TYR A 83 -5.34 -10.92 -1.49
N THR A 84 -5.88 -11.43 -2.59
CA THR A 84 -5.17 -11.44 -3.86
C THR A 84 -5.74 -10.38 -4.79
N TYR A 85 -4.87 -9.55 -5.34
CA TYR A 85 -5.31 -8.48 -6.25
C TYR A 85 -4.61 -8.62 -7.60
N SER A 86 -5.38 -8.44 -8.66
CA SER A 86 -4.84 -8.54 -10.01
C SER A 86 -3.94 -7.33 -10.32
N SER A 87 -2.64 -7.51 -10.10
CA SER A 87 -1.67 -6.44 -10.36
C SER A 87 -0.95 -6.67 -11.68
N PRO A 88 -1.05 -5.72 -12.64
CA PRO A 88 -0.41 -5.85 -13.95
C PRO A 88 1.05 -6.28 -13.85
N HIS A 89 1.63 -6.64 -15.00
CA HIS A 89 3.02 -7.08 -15.07
C HIS A 89 3.15 -8.56 -14.72
N SER A 90 2.06 -9.31 -14.89
CA SER A 90 2.06 -10.74 -14.60
C SER A 90 0.65 -11.31 -14.64
N GLY A 91 -0.03 -11.10 -15.76
CA GLY A 91 -1.39 -11.59 -15.90
C GLY A 91 -2.28 -11.07 -14.79
N SER A 92 -1.83 -9.99 -14.16
CA SER A 92 -2.53 -9.38 -13.06
C SER A 92 -2.73 -10.36 -11.91
N ILE A 93 -1.64 -10.64 -11.27
CA ILE A 93 -1.60 -11.55 -10.14
C ILE A 93 -0.84 -10.94 -8.97
N HIS A 94 -1.50 -10.76 -7.82
CA HIS A 94 -0.83 -10.20 -6.65
C HIS A 94 -1.45 -10.70 -5.35
N SER A 95 -0.77 -10.41 -4.24
CA SER A 95 -1.22 -10.82 -2.92
C SER A 95 -0.93 -9.72 -1.90
N VAL A 96 -1.88 -9.47 -1.00
CA VAL A 96 -1.71 -8.43 0.00
C VAL A 96 -2.16 -8.91 1.38
N SER A 97 -1.50 -8.43 2.42
CA SER A 97 -1.83 -8.82 3.79
C SER A 97 -1.80 -7.62 4.74
N VAL A 98 -2.44 -7.76 5.89
CA VAL A 98 -2.50 -6.70 6.89
C VAL A 98 -1.59 -7.03 8.08
N VAL A 99 -0.84 -6.04 8.55
CA VAL A 99 0.06 -6.25 9.68
C VAL A 99 -0.46 -5.61 10.96
N GLU A 100 -0.92 -4.37 10.86
CA GLU A 100 -1.44 -3.66 12.03
C GLU A 100 -2.80 -3.05 11.75
N ALA A 101 -2.83 -1.84 11.22
CA ALA A 101 -4.08 -1.15 10.92
C ALA A 101 -4.88 -0.88 12.20
N ASN A 102 -5.21 0.38 12.43
CA ASN A 102 -5.96 0.77 13.61
C ASN A 102 -7.37 1.24 13.25
N TYR A 103 -8.26 1.27 14.24
CA TYR A 103 -9.64 1.69 14.02
C TYR A 103 -9.77 3.21 14.11
N ASP A 104 -10.26 3.82 13.03
CA ASP A 104 -10.46 5.27 13.00
C ASP A 104 -9.14 6.02 13.07
N GLU A 105 -8.02 5.30 13.06
CA GLU A 105 -6.71 5.93 13.14
C GLU A 105 -5.96 5.83 11.81
N TYR A 106 -5.73 4.60 11.34
CA TYR A 106 -5.02 4.40 10.09
C TYR A 106 -5.09 2.93 9.67
N ALA A 107 -4.70 2.65 8.43
CA ALA A 107 -4.70 1.29 7.92
C ALA A 107 -3.33 0.92 7.36
N LEU A 108 -2.83 -0.24 7.78
CA LEU A 108 -1.53 -0.72 7.32
C LEU A 108 -1.69 -2.02 6.54
N LEU A 109 -1.29 -1.99 5.28
CA LEU A 109 -1.40 -3.16 4.42
C LEU A 109 -0.14 -3.37 3.59
N PHE A 110 0.18 -4.63 3.32
CA PHE A 110 1.36 -4.98 2.53
C PHE A 110 0.94 -5.73 1.26
N SER A 111 1.69 -5.54 0.20
CA SER A 111 1.39 -6.20 -1.06
C SER A 111 2.63 -6.84 -1.68
N ARG A 112 2.61 -8.17 -1.78
CA ARG A 112 3.73 -8.92 -2.34
C ARG A 112 3.28 -9.75 -3.54
N GLY A 113 4.14 -9.82 -4.55
CA GLY A 113 3.81 -10.59 -5.74
C GLY A 113 4.93 -11.55 -6.14
N THR A 114 4.82 -12.80 -5.70
CA THR A 114 5.82 -13.80 -6.01
C THR A 114 5.19 -15.03 -6.66
N LYS A 115 5.33 -15.14 -7.98
CA LYS A 115 4.79 -16.26 -8.72
C LYS A 115 5.37 -16.31 -10.13
N GLY A 116 5.21 -17.45 -10.79
CA GLY A 116 5.73 -17.62 -12.15
C GLY A 116 7.14 -17.08 -12.30
N PRO A 117 7.30 -15.90 -12.92
CA PRO A 117 8.62 -15.28 -13.11
C PRO A 117 9.51 -15.37 -11.87
N GLY A 118 8.89 -15.21 -10.71
CA GLY A 118 9.63 -15.27 -9.46
C GLY A 118 10.16 -13.90 -9.06
N GLN A 119 9.49 -12.85 -9.51
CA GLN A 119 9.91 -11.48 -9.18
C GLN A 119 10.03 -11.29 -7.68
N ASP A 120 8.98 -11.65 -6.96
CA ASP A 120 8.96 -11.53 -5.50
C ASP A 120 9.07 -10.05 -5.08
N PHE A 121 8.17 -9.23 -5.60
CA PHE A 121 8.16 -7.81 -5.27
C PHE A 121 7.13 -7.51 -4.19
N ARG A 122 7.55 -6.77 -3.17
CA ARG A 122 6.67 -6.42 -2.06
C ARG A 122 6.53 -4.91 -1.93
N MET A 123 5.42 -4.46 -1.33
CA MET A 123 5.18 -3.04 -1.14
C MET A 123 4.39 -2.78 0.13
N ALA A 124 4.73 -1.68 0.81
CA ALA A 124 4.05 -1.30 2.03
C ALA A 124 3.27 -0.01 1.83
N THR A 125 1.97 -0.06 2.10
CA THR A 125 1.11 1.11 1.95
C THR A 125 0.64 1.63 3.30
N LEU A 126 0.60 2.95 3.43
CA LEU A 126 0.16 3.59 4.66
C LEU A 126 -1.11 4.39 4.42
N TYR A 127 -2.19 4.01 5.11
CA TYR A 127 -3.47 4.67 4.97
C TYR A 127 -3.66 5.74 6.05
N SER A 128 -3.95 6.97 5.63
CA SER A 128 -4.15 8.07 6.57
C SER A 128 -5.64 8.37 6.72
N ARG A 129 -6.13 8.35 7.95
CA ARG A 129 -7.53 8.63 8.22
C ARG A 129 -7.69 10.04 8.77
N THR A 130 -6.73 10.90 8.45
CA THR A 130 -6.75 12.29 8.91
C THR A 130 -5.93 13.19 8.00
N GLN A 131 -4.88 12.63 7.40
CA GLN A 131 -4.00 13.39 6.50
C GLN A 131 -2.95 14.15 7.29
N THR A 132 -2.40 13.50 8.30
CA THR A 132 -1.39 14.10 9.16
C THR A 132 -0.31 13.09 9.55
N LEU A 133 0.64 13.54 10.36
CA LEU A 133 1.72 12.66 10.80
C LEU A 133 1.39 12.05 12.16
N LYS A 134 1.61 10.74 12.28
CA LYS A 134 1.34 10.03 13.53
C LYS A 134 2.57 9.24 13.98
N ASP A 135 3.03 9.52 15.19
CA ASP A 135 4.19 8.84 15.75
C ASP A 135 3.92 7.34 15.87
N GLU A 136 2.75 6.98 16.37
CA GLU A 136 2.37 5.59 16.51
C GLU A 136 2.40 4.88 15.15
N LEU A 137 1.71 5.47 14.18
CA LEU A 137 1.67 4.92 12.84
C LEU A 137 3.06 4.89 12.24
N LYS A 138 3.76 6.03 12.34
CA LYS A 138 5.11 6.15 11.83
C LYS A 138 6.02 5.10 12.46
N GLU A 139 5.88 4.93 13.77
CA GLU A 139 6.70 3.96 14.50
C GLU A 139 6.24 2.52 14.23
N LYS A 140 4.94 2.32 14.13
CA LYS A 140 4.39 0.98 13.89
C LYS A 140 4.72 0.48 12.48
N PHE A 141 4.57 1.34 11.49
CA PHE A 141 4.85 0.97 10.11
C PHE A 141 6.35 0.92 9.84
N THR A 142 7.06 1.97 10.26
CA THR A 142 8.50 2.04 10.06
C THR A 142 9.21 0.84 10.66
N THR A 143 8.81 0.47 11.87
CA THR A 143 9.41 -0.67 12.56
C THR A 143 9.00 -1.97 11.87
N PHE A 144 7.70 -2.15 11.68
CA PHE A 144 7.20 -3.36 11.02
C PHE A 144 7.85 -3.53 9.66
N SER A 145 8.25 -2.41 9.07
CA SER A 145 8.91 -2.39 7.78
C SER A 145 10.11 -3.34 7.76
N LYS A 146 10.79 -3.44 8.90
CA LYS A 146 11.96 -4.30 9.03
C LYS A 146 11.59 -5.74 8.69
N ALA A 147 10.36 -6.13 9.01
CA ALA A 147 9.90 -7.48 8.73
C ALA A 147 9.93 -7.76 7.23
N GLN A 148 9.73 -6.71 6.43
CA GLN A 148 9.75 -6.83 4.98
C GLN A 148 11.03 -6.24 4.40
N GLY A 149 11.95 -5.81 5.26
CA GLY A 149 13.19 -5.23 4.80
C GLY A 149 12.96 -4.05 3.90
N LEU A 150 12.09 -3.14 4.32
CA LEU A 150 11.77 -1.94 3.54
C LEU A 150 13.03 -1.23 3.05
N THR A 151 12.84 -0.18 2.29
CA THR A 151 13.95 0.60 1.75
C THR A 151 13.75 2.09 2.05
N GLU A 152 14.67 2.67 2.81
CA GLU A 152 14.61 4.07 3.17
C GLU A 152 14.52 4.95 1.93
N GLU A 153 15.12 4.49 0.84
CA GLU A 153 15.10 5.23 -0.42
C GLU A 153 13.87 4.88 -1.25
N ASP A 154 13.22 3.77 -0.90
CA ASP A 154 12.03 3.33 -1.62
C ASP A 154 10.79 3.51 -0.76
N ILE A 155 10.78 4.59 0.04
CA ILE A 155 9.64 4.86 0.90
C ILE A 155 9.23 6.33 0.83
N VAL A 156 7.92 6.56 0.73
CA VAL A 156 7.39 7.92 0.66
C VAL A 156 6.50 8.22 1.87
N PHE A 157 6.60 9.44 2.39
CA PHE A 157 5.80 9.83 3.55
C PHE A 157 5.20 11.22 3.35
N LEU A 158 3.91 11.25 3.00
CA LEU A 158 3.16 12.49 2.78
C LEU A 158 4.06 13.66 2.37
N PRO A 159 4.72 13.56 1.21
CA PRO A 159 5.60 14.61 0.71
C PRO A 159 4.83 15.79 0.14
N GLN A 160 5.52 16.92 -0.02
CA GLN A 160 4.88 18.12 -0.56
C GLN A 160 5.18 18.28 -2.05
N PRO A 161 4.51 19.23 -2.73
CA PRO A 161 4.70 19.47 -4.17
C PRO A 161 6.12 19.91 -4.51
N ASP A 162 7.07 19.00 -4.31
CA ASP A 162 8.47 19.28 -4.62
C ASP A 162 8.79 18.80 -6.03
N LYS A 163 7.73 18.55 -6.81
CA LYS A 163 7.85 18.08 -8.17
C LYS A 163 8.88 18.89 -8.97
N ALA A 164 10.13 18.43 -8.93
CA ALA A 164 11.20 19.10 -9.64
C ALA A 164 11.52 18.39 -10.96
N ILE A 165 11.62 19.17 -12.04
CA ILE A 165 11.91 18.61 -13.36
C ILE A 165 11.05 17.38 -13.64
N GLN A 166 9.86 17.36 -13.06
CA GLN A 166 8.94 16.23 -13.25
C GLN A 166 7.98 16.51 -14.41
N GLU A 167 8.53 16.88 -15.57
CA GLU A 167 7.72 17.18 -16.74
C GLU A 167 8.22 16.39 -17.96
N GLY A 1 1.63 -24.19 5.45
CA GLY A 1 2.50 -23.03 5.15
C GLY A 1 2.29 -21.87 6.10
N SER A 2 3.09 -21.82 7.17
CA SER A 2 2.98 -20.75 8.15
C SER A 2 4.32 -20.47 8.80
N GLN A 3 4.69 -19.19 8.87
CA GLN A 3 5.95 -18.79 9.48
C GLN A 3 5.72 -18.04 10.79
N GLY A 4 4.77 -17.10 10.76
CA GLY A 4 4.45 -16.32 11.95
C GLY A 4 5.69 -15.79 12.65
N HIS A 5 6.76 -15.56 11.89
CA HIS A 5 8.00 -15.04 12.45
C HIS A 5 7.79 -13.64 13.02
N ASP A 6 7.37 -12.72 12.17
CA ASP A 6 7.12 -11.34 12.58
C ASP A 6 6.97 -10.43 11.36
N THR A 7 5.75 -9.94 11.15
CA THR A 7 5.47 -9.06 10.02
C THR A 7 4.00 -8.65 9.97
N VAL A 8 3.11 -9.64 9.82
CA VAL A 8 1.69 -9.38 9.76
C VAL A 8 0.99 -9.81 11.05
N GLN A 9 -0.14 -9.18 11.37
CA GLN A 9 -0.88 -9.51 12.58
C GLN A 9 -2.38 -9.65 12.30
N PRO A 10 -2.91 -10.88 12.35
CA PRO A 10 -4.34 -11.13 12.11
C PRO A 10 -5.24 -10.25 12.97
N ASN A 11 -6.50 -10.12 12.54
CA ASN A 11 -7.51 -9.32 13.23
C ASN A 11 -7.76 -8.01 12.48
N PHE A 12 -8.33 -8.12 11.29
CA PHE A 12 -8.61 -6.96 10.46
C PHE A 12 -10.12 -6.65 10.48
N GLN A 13 -10.46 -5.37 10.48
CA GLN A 13 -11.86 -4.96 10.51
C GLN A 13 -12.18 -4.05 9.33
N GLN A 14 -12.66 -4.64 8.24
CA GLN A 14 -13.03 -3.88 7.05
C GLN A 14 -14.18 -2.93 7.33
N ASP A 15 -14.92 -3.19 8.41
CA ASP A 15 -16.07 -2.38 8.77
C ASP A 15 -15.67 -0.91 8.94
N LYS A 16 -14.42 -0.67 9.33
CA LYS A 16 -13.92 0.68 9.53
C LYS A 16 -12.62 0.92 8.78
N PHE A 17 -12.47 0.27 7.63
CA PHE A 17 -11.26 0.42 6.82
C PHE A 17 -11.61 0.72 5.37
N LEU A 18 -12.59 -0.01 4.83
CA LEU A 18 -13.01 0.18 3.44
C LEU A 18 -13.53 1.61 3.24
N GLY A 19 -13.06 2.26 2.18
CA GLY A 19 -13.49 3.61 1.90
C GLY A 19 -12.36 4.49 1.38
N ARG A 20 -12.59 5.81 1.37
CA ARG A 20 -11.59 6.75 0.90
C ARG A 20 -10.47 6.92 1.92
N TRP A 21 -9.26 7.21 1.43
CA TRP A 21 -8.12 7.39 2.31
C TRP A 21 -7.17 8.44 1.75
N TYR A 22 -6.36 9.04 2.63
CA TYR A 22 -5.41 10.06 2.22
C TYR A 22 -3.98 9.52 2.28
N SER A 23 -3.23 9.76 1.22
CA SER A 23 -1.85 9.30 1.15
C SER A 23 -0.98 9.97 2.20
N ALA A 24 -0.34 9.16 3.04
CA ALA A 24 0.52 9.68 4.09
C ALA A 24 1.91 9.07 4.03
N GLY A 25 1.97 7.77 3.75
CA GLY A 25 3.25 7.09 3.68
C GLY A 25 3.22 5.87 2.78
N LEU A 26 4.32 5.61 2.09
CA LEU A 26 4.41 4.46 1.21
C LEU A 26 5.85 3.99 1.05
N ALA A 27 6.02 2.70 0.76
CA ALA A 27 7.34 2.12 0.58
C ALA A 27 7.29 1.00 -0.44
N SER A 28 8.46 0.53 -0.88
CA SER A 28 8.54 -0.54 -1.87
C SER A 28 9.76 -1.42 -1.64
N ASN A 29 9.59 -2.72 -1.80
CA ASN A 29 10.67 -3.68 -1.61
C ASN A 29 11.11 -4.25 -2.96
N SER A 30 10.99 -3.45 -4.01
CA SER A 30 11.38 -3.88 -5.35
C SER A 30 12.84 -3.55 -5.63
N SER A 31 13.35 -4.07 -6.74
CA SER A 31 14.74 -3.84 -7.13
C SER A 31 14.82 -2.86 -8.30
N TRP A 32 14.02 -3.11 -9.32
CA TRP A 32 13.99 -2.25 -10.50
C TRP A 32 12.85 -1.24 -10.41
N PHE A 33 11.68 -1.72 -9.97
CA PHE A 33 10.51 -0.87 -9.84
C PHE A 33 10.77 0.28 -8.87
N ARG A 34 11.57 0.01 -7.85
CA ARG A 34 11.90 1.03 -6.85
C ARG A 34 12.46 2.29 -7.50
N GLU A 35 13.17 2.10 -8.62
CA GLU A 35 13.77 3.22 -9.34
C GLU A 35 12.71 4.25 -9.73
N LYS A 36 11.46 3.81 -9.80
CA LYS A 36 10.36 4.70 -10.16
C LYS A 36 9.55 5.09 -8.93
N LYS A 37 9.53 4.23 -7.92
CA LYS A 37 8.80 4.49 -6.70
C LYS A 37 9.28 5.78 -6.03
N ALA A 38 10.55 6.10 -6.23
CA ALA A 38 11.14 7.29 -5.66
C ALA A 38 10.35 8.55 -6.04
N VAL A 39 9.58 8.45 -7.12
CA VAL A 39 8.79 9.58 -7.58
C VAL A 39 7.32 9.46 -7.14
N LEU A 40 7.10 8.72 -6.05
CA LEU A 40 5.76 8.53 -5.51
C LEU A 40 5.35 9.73 -4.65
N TYR A 41 4.58 10.64 -5.22
CA TYR A 41 4.12 11.82 -4.50
C TYR A 41 2.67 11.68 -4.07
N MET A 42 2.08 12.78 -3.62
CA MET A 42 0.70 12.78 -3.16
C MET A 42 -0.24 12.14 -4.19
N CYS A 43 -1.39 11.66 -3.72
CA CYS A 43 -2.36 11.01 -4.58
C CYS A 43 -3.59 10.57 -3.79
N LYS A 44 -4.73 10.48 -4.46
CA LYS A 44 -5.96 10.08 -3.81
C LYS A 44 -6.11 8.56 -3.82
N THR A 45 -6.54 7.99 -2.69
CA THR A 45 -6.72 6.55 -2.58
C THR A 45 -8.08 6.21 -2.00
N VAL A 46 -8.82 5.33 -2.67
CA VAL A 46 -10.14 4.93 -2.20
C VAL A 46 -10.43 3.47 -2.54
N VAL A 47 -10.58 2.64 -1.51
CA VAL A 47 -10.85 1.23 -1.70
C VAL A 47 -12.33 0.91 -1.39
N ALA A 48 -13.16 0.97 -2.43
CA ALA A 48 -14.59 0.69 -2.27
C ALA A 48 -14.91 -0.74 -2.69
N PRO A 49 -16.10 -1.24 -2.32
CA PRO A 49 -16.53 -2.60 -2.66
C PRO A 49 -16.60 -2.82 -4.16
N SER A 50 -15.82 -3.77 -4.66
CA SER A 50 -15.78 -4.08 -6.08
C SER A 50 -17.09 -4.69 -6.55
N THR A 51 -17.39 -4.54 -7.83
CA THR A 51 -18.61 -5.07 -8.41
C THR A 51 -18.64 -6.60 -8.34
N GLU A 52 -17.48 -7.21 -8.15
CA GLU A 52 -17.38 -8.66 -8.07
C GLU A 52 -17.43 -9.14 -6.62
N GLY A 53 -17.92 -8.28 -5.72
CA GLY A 53 -18.02 -8.65 -4.32
C GLY A 53 -16.66 -8.72 -3.65
N GLY A 54 -15.94 -7.60 -3.64
CA GLY A 54 -14.64 -7.56 -3.03
C GLY A 54 -14.21 -6.14 -2.69
N LEU A 55 -13.12 -5.71 -3.30
CA LEU A 55 -12.59 -4.36 -3.07
C LEU A 55 -11.99 -3.78 -4.34
N ASN A 56 -12.07 -2.46 -4.48
CA ASN A 56 -11.54 -1.79 -5.66
C ASN A 56 -10.85 -0.49 -5.26
N LEU A 57 -9.52 -0.50 -5.28
CA LEU A 57 -8.73 0.68 -4.93
C LEU A 57 -8.37 1.47 -6.18
N THR A 58 -8.71 2.76 -6.19
CA THR A 58 -8.42 3.61 -7.32
C THR A 58 -7.49 4.76 -6.93
N SER A 59 -6.30 4.76 -7.51
CA SER A 59 -5.32 5.79 -7.23
C SER A 59 -5.27 6.80 -8.38
N THR A 60 -5.70 8.03 -8.10
CA THR A 60 -5.72 9.07 -9.12
C THR A 60 -4.87 10.26 -8.70
N PHE A 61 -4.13 10.81 -9.66
CA PHE A 61 -3.27 11.96 -9.41
C PHE A 61 -3.04 12.74 -10.70
N LEU A 62 -3.71 13.89 -10.82
CA LEU A 62 -3.59 14.72 -12.02
C LEU A 62 -2.43 15.69 -11.90
N ARG A 63 -2.49 16.56 -10.89
CA ARG A 63 -1.44 17.55 -10.67
C ARG A 63 -0.07 16.89 -10.54
N LYS A 64 0.93 17.68 -10.17
CA LYS A 64 2.30 17.19 -10.01
C LYS A 64 2.86 16.71 -11.33
N ASN A 65 4.09 16.18 -11.28
CA ASN A 65 4.76 15.71 -12.48
C ASN A 65 4.26 14.31 -12.88
N GLN A 66 4.19 13.41 -11.91
CA GLN A 66 3.74 12.05 -12.17
C GLN A 66 2.21 11.95 -12.09
N ALA A 67 1.57 11.97 -13.25
CA ALA A 67 0.11 11.88 -13.31
C ALA A 67 -0.34 10.41 -13.27
N GLU A 68 -1.06 10.06 -12.22
CA GLU A 68 -1.55 8.69 -12.05
C GLU A 68 -3.05 8.59 -12.34
N THR A 69 -3.52 7.36 -12.57
CA THR A 69 -4.93 7.11 -12.86
C THR A 69 -5.16 5.64 -13.15
N LYS A 70 -5.41 4.85 -12.10
CA LYS A 70 -5.65 3.42 -12.25
C LYS A 70 -6.61 2.90 -11.18
N ILE A 71 -6.84 1.60 -11.19
CA ILE A 71 -7.73 0.98 -10.22
C ILE A 71 -7.45 -0.52 -10.07
N MET A 72 -7.21 -0.94 -8.84
CA MET A 72 -6.92 -2.35 -8.54
C MET A 72 -8.06 -2.97 -7.73
N VAL A 73 -8.21 -4.29 -7.85
CA VAL A 73 -9.25 -5.00 -7.11
C VAL A 73 -8.66 -5.98 -6.11
N LEU A 74 -8.86 -5.72 -4.82
CA LEU A 74 -8.34 -6.58 -3.77
C LEU A 74 -9.39 -7.58 -3.31
N GLN A 75 -9.00 -8.85 -3.25
CA GLN A 75 -9.92 -9.91 -2.82
C GLN A 75 -9.31 -10.71 -1.67
N PRO A 76 -9.99 -10.76 -0.51
CA PRO A 76 -9.51 -11.51 0.65
C PRO A 76 -9.15 -12.95 0.31
N ALA A 77 -8.21 -13.52 1.06
CA ALA A 77 -7.78 -14.89 0.84
C ALA A 77 -7.68 -15.66 2.15
N GLY A 78 -8.81 -16.17 2.63
CA GLY A 78 -8.83 -16.91 3.87
C GLY A 78 -8.64 -16.03 5.09
N ALA A 79 -7.40 -15.93 5.55
CA ALA A 79 -7.07 -15.12 6.71
C ALA A 79 -7.52 -13.67 6.52
N PRO A 80 -7.61 -12.90 7.62
CA PRO A 80 -8.03 -11.49 7.56
C PRO A 80 -6.97 -10.60 6.93
N GLY A 81 -5.73 -10.80 7.33
CA GLY A 81 -4.64 -10.03 6.78
C GLY A 81 -4.08 -10.66 5.52
N HIS A 82 -4.97 -11.19 4.68
CA HIS A 82 -4.54 -11.83 3.44
C HIS A 82 -5.53 -11.60 2.31
N TYR A 83 -5.02 -11.07 1.21
CA TYR A 83 -5.85 -10.80 0.03
C TYR A 83 -4.99 -10.78 -1.22
N THR A 84 -5.62 -10.57 -2.36
CA THR A 84 -4.92 -10.52 -3.64
C THR A 84 -5.60 -9.52 -4.57
N TYR A 85 -4.82 -8.87 -5.43
CA TYR A 85 -5.37 -7.90 -6.35
C TYR A 85 -4.61 -7.92 -7.67
N SER A 86 -5.35 -8.11 -8.76
CA SER A 86 -4.73 -8.14 -10.08
C SER A 86 -3.95 -6.85 -10.35
N SER A 87 -2.63 -6.96 -10.30
CA SER A 87 -1.75 -5.81 -10.53
C SER A 87 -1.15 -5.88 -11.94
N PRO A 88 -0.21 -4.99 -12.29
CA PRO A 88 0.40 -5.01 -13.63
C PRO A 88 1.02 -6.37 -13.94
N HIS A 89 1.60 -6.49 -15.15
CA HIS A 89 2.24 -7.74 -15.62
C HIS A 89 1.34 -8.50 -16.57
N SER A 90 0.30 -7.85 -17.08
CA SER A 90 -0.63 -8.49 -18.03
C SER A 90 -1.52 -9.53 -17.36
N GLY A 91 -0.91 -10.47 -16.65
CA GLY A 91 -1.69 -11.51 -15.98
C GLY A 91 -2.33 -10.98 -14.71
N SER A 92 -1.85 -9.82 -14.27
CA SER A 92 -2.33 -9.17 -13.07
C SER A 92 -2.60 -10.13 -11.94
N ILE A 93 -1.53 -10.47 -11.28
CA ILE A 93 -1.57 -11.36 -10.12
C ILE A 93 -0.76 -10.77 -8.97
N HIS A 94 -1.39 -10.58 -7.82
CA HIS A 94 -0.68 -10.02 -6.66
C HIS A 94 -1.30 -10.50 -5.36
N SER A 95 -0.58 -10.28 -4.26
CA SER A 95 -1.03 -10.68 -2.93
C SER A 95 -0.78 -9.55 -1.92
N VAL A 96 -1.73 -9.35 -1.03
CA VAL A 96 -1.61 -8.30 -0.02
C VAL A 96 -1.98 -8.83 1.36
N SER A 97 -1.30 -8.31 2.39
CA SER A 97 -1.57 -8.75 3.76
C SER A 97 -1.56 -7.58 4.73
N VAL A 98 -2.33 -7.70 5.80
CA VAL A 98 -2.42 -6.66 6.81
C VAL A 98 -1.44 -6.93 7.96
N VAL A 99 -0.73 -5.89 8.39
CA VAL A 99 0.24 -6.05 9.46
C VAL A 99 -0.16 -5.25 10.70
N GLU A 100 -0.75 -4.09 10.48
CA GLU A 100 -1.17 -3.23 11.58
C GLU A 100 -2.63 -2.80 11.43
N ALA A 101 -2.86 -1.60 10.91
CA ALA A 101 -4.22 -1.09 10.74
C ALA A 101 -4.90 -0.92 12.09
N ASN A 102 -5.37 0.29 12.37
CA ASN A 102 -6.03 0.58 13.64
C ASN A 102 -7.26 1.47 13.45
N TYR A 103 -8.40 0.83 13.17
CA TYR A 103 -9.67 1.54 12.99
C TYR A 103 -9.48 2.85 12.22
N ASP A 104 -10.46 3.75 12.35
CA ASP A 104 -10.41 5.05 11.67
C ASP A 104 -9.04 5.70 11.80
N GLU A 105 -8.36 5.39 12.90
CA GLU A 105 -7.03 5.96 13.17
C GLU A 105 -6.14 5.93 11.92
N TYR A 106 -5.89 4.74 11.40
CA TYR A 106 -5.04 4.58 10.23
C TYR A 106 -5.12 3.15 9.69
N ALA A 107 -4.73 2.98 8.42
CA ALA A 107 -4.75 1.67 7.80
C ALA A 107 -3.38 1.33 7.21
N LEU A 108 -2.88 0.13 7.52
CA LEU A 108 -1.59 -0.32 7.04
C LEU A 108 -1.71 -1.68 6.36
N LEU A 109 -1.22 -1.77 5.14
CA LEU A 109 -1.28 -3.02 4.39
C LEU A 109 0.00 -3.21 3.57
N PHE A 110 0.41 -4.47 3.42
CA PHE A 110 1.60 -4.79 2.65
C PHE A 110 1.26 -5.63 1.43
N SER A 111 1.69 -5.18 0.25
CA SER A 111 1.43 -5.89 -0.98
C SER A 111 2.67 -6.61 -1.47
N ARG A 112 2.59 -7.93 -1.59
CA ARG A 112 3.71 -8.74 -2.05
C ARG A 112 3.32 -9.56 -3.27
N GLY A 113 4.14 -9.50 -4.31
CA GLY A 113 3.86 -10.24 -5.53
C GLY A 113 4.80 -11.41 -5.72
N THR A 114 4.25 -12.63 -5.61
CA THR A 114 5.06 -13.83 -5.77
C THR A 114 4.52 -14.68 -6.92
N LYS A 115 5.21 -14.61 -8.05
CA LYS A 115 4.81 -15.37 -9.24
C LYS A 115 5.97 -16.23 -9.73
N GLY A 116 5.65 -17.20 -10.60
CA GLY A 116 6.67 -18.09 -11.14
C GLY A 116 7.97 -17.38 -11.46
N PRO A 117 7.93 -16.28 -12.24
CA PRO A 117 9.13 -15.51 -12.59
C PRO A 117 10.09 -15.34 -11.42
N GLY A 118 9.54 -15.28 -10.21
CA GLY A 118 10.35 -15.11 -9.03
C GLY A 118 10.57 -13.66 -8.67
N GLN A 119 9.73 -12.78 -9.19
CA GLN A 119 9.84 -11.35 -8.92
C GLN A 119 9.89 -11.08 -7.41
N ASP A 120 8.92 -11.63 -6.68
CA ASP A 120 8.86 -11.46 -5.23
C ASP A 120 9.02 -9.99 -4.83
N PHE A 121 8.16 -9.14 -5.38
CA PHE A 121 8.21 -7.71 -5.06
C PHE A 121 7.17 -7.34 -4.02
N ARG A 122 7.59 -6.63 -2.98
CA ARG A 122 6.69 -6.22 -1.91
C ARG A 122 6.55 -4.70 -1.86
N MET A 123 5.52 -4.24 -1.16
CA MET A 123 5.28 -2.81 -1.04
C MET A 123 4.59 -2.48 0.29
N ALA A 124 4.80 -1.26 0.76
CA ALA A 124 4.21 -0.82 2.02
C ALA A 124 3.36 0.44 1.80
N THR A 125 2.07 0.34 2.07
CA THR A 125 1.17 1.47 1.88
C THR A 125 0.62 1.98 3.21
N LEU A 126 0.64 3.30 3.38
CA LEU A 126 0.14 3.94 4.59
C LEU A 126 -1.05 4.84 4.25
N TYR A 127 -2.20 4.53 4.82
CA TYR A 127 -3.41 5.30 4.57
C TYR A 127 -3.87 6.04 5.81
N SER A 128 -4.07 7.35 5.67
CA SER A 128 -4.54 8.18 6.77
C SER A 128 -5.96 8.64 6.51
N ARG A 129 -6.85 8.36 7.46
CA ARG A 129 -8.25 8.75 7.33
C ARG A 129 -8.55 9.98 8.18
N THR A 130 -7.50 10.69 8.58
CA THR A 130 -7.65 11.89 9.40
C THR A 130 -6.80 13.03 8.85
N GLN A 131 -5.76 12.69 8.09
CA GLN A 131 -4.87 13.69 7.51
C GLN A 131 -3.84 14.16 8.55
N THR A 132 -3.39 13.21 9.36
CA THR A 132 -2.41 13.52 10.40
C THR A 132 -1.43 12.37 10.58
N LEU A 133 -0.47 12.57 11.49
CA LEU A 133 0.54 11.55 11.78
C LEU A 133 0.30 10.91 13.14
N LYS A 134 0.67 9.65 13.27
CA LYS A 134 0.50 8.92 14.53
C LYS A 134 1.79 8.20 14.92
N ASP A 135 2.17 8.33 16.19
CA ASP A 135 3.38 7.69 16.69
C ASP A 135 3.26 6.18 16.59
N GLU A 136 2.13 5.64 17.01
CA GLU A 136 1.90 4.21 16.96
C GLU A 136 1.99 3.71 15.53
N LEU A 137 1.24 4.35 14.64
CA LEU A 137 1.25 3.99 13.23
C LEU A 137 2.65 4.20 12.65
N LYS A 138 3.22 5.37 12.92
CA LYS A 138 4.54 5.70 12.45
C LYS A 138 5.56 4.67 12.91
N GLU A 139 5.47 4.30 14.19
CA GLU A 139 6.37 3.31 14.77
C GLU A 139 6.02 1.89 14.31
N LYS A 140 4.73 1.63 14.14
CA LYS A 140 4.27 0.31 13.73
C LYS A 140 4.66 -0.01 12.29
N PHE A 141 4.49 0.97 11.39
CA PHE A 141 4.82 0.76 9.99
C PHE A 141 6.34 0.76 9.77
N THR A 142 7.03 1.68 10.43
CA THR A 142 8.47 1.78 10.32
C THR A 142 9.15 0.50 10.79
N THR A 143 8.82 0.07 12.01
CA THR A 143 9.40 -1.13 12.58
C THR A 143 8.99 -2.37 11.80
N PHE A 144 7.69 -2.52 11.56
CA PHE A 144 7.17 -3.67 10.81
C PHE A 144 7.88 -3.76 9.46
N SER A 145 8.35 -2.62 8.98
CA SER A 145 9.05 -2.54 7.71
C SER A 145 10.33 -3.38 7.76
N LYS A 146 10.98 -3.39 8.92
CA LYS A 146 12.22 -4.14 9.10
C LYS A 146 11.99 -5.62 8.80
N ALA A 147 10.94 -6.18 9.38
CA ALA A 147 10.61 -7.58 9.16
C ALA A 147 10.32 -7.83 7.68
N GLN A 148 9.80 -6.80 7.02
CA GLN A 148 9.49 -6.88 5.59
C GLN A 148 10.71 -6.54 4.75
N GLY A 149 11.72 -5.94 5.38
CA GLY A 149 12.92 -5.57 4.66
C GLY A 149 12.69 -4.39 3.73
N LEU A 150 11.93 -3.42 4.19
CA LEU A 150 11.62 -2.24 3.39
C LEU A 150 12.88 -1.60 2.83
N THR A 151 12.69 -0.52 2.08
CA THR A 151 13.81 0.20 1.49
C THR A 151 13.69 1.70 1.77
N GLU A 152 14.56 2.20 2.63
CA GLU A 152 14.54 3.62 3.01
C GLU A 152 14.54 4.52 1.77
N GLU A 153 15.14 4.03 0.68
CA GLU A 153 15.20 4.80 -0.56
C GLU A 153 13.91 4.65 -1.37
N ASP A 154 13.04 3.74 -0.95
CA ASP A 154 11.77 3.53 -1.63
C ASP A 154 10.60 4.16 -0.88
N ILE A 155 10.81 4.47 0.40
CA ILE A 155 9.76 5.07 1.21
C ILE A 155 9.47 6.49 0.75
N VAL A 156 8.20 6.81 0.54
CA VAL A 156 7.81 8.14 0.09
C VAL A 156 6.76 8.75 1.01
N PHE A 157 7.09 9.88 1.62
CA PHE A 157 6.17 10.56 2.52
C PHE A 157 5.34 11.61 1.76
N LEU A 158 4.04 11.63 2.03
CA LEU A 158 3.13 12.57 1.38
C LEU A 158 3.77 13.94 1.14
N PRO A 159 4.32 14.15 -0.05
CA PRO A 159 4.98 15.41 -0.41
C PRO A 159 4.01 16.39 -1.07
N GLN A 160 4.41 17.66 -1.13
CA GLN A 160 3.58 18.69 -1.74
C GLN A 160 3.75 18.70 -3.26
N PRO A 161 2.72 19.13 -4.00
CA PRO A 161 2.76 19.16 -5.46
C PRO A 161 3.52 20.37 -6.01
N ASP A 162 4.78 20.49 -5.65
CA ASP A 162 5.61 21.60 -6.12
C ASP A 162 5.94 21.42 -7.61
N LYS A 163 5.71 20.21 -8.11
CA LYS A 163 5.97 19.90 -9.51
C LYS A 163 5.20 20.83 -10.44
N ALA A 164 5.87 21.88 -10.91
CA ALA A 164 5.25 22.84 -11.81
C ALA A 164 5.77 22.66 -13.24
N ILE A 165 4.96 23.10 -14.21
CA ILE A 165 5.31 22.99 -15.62
C ILE A 165 5.02 21.60 -16.19
N GLN A 166 4.78 20.63 -15.31
CA GLN A 166 4.48 19.27 -15.74
C GLN A 166 3.00 18.96 -15.58
N GLU A 167 2.16 19.96 -15.85
CA GLU A 167 0.73 19.81 -15.73
C GLU A 167 0.00 20.51 -16.87
N GLY A 1 15.95 -4.11 14.19
CA GLY A 1 16.10 -5.35 15.01
C GLY A 1 16.80 -6.46 14.25
N SER A 2 16.31 -7.68 14.42
CA SER A 2 16.90 -8.84 13.75
C SER A 2 15.92 -10.01 13.73
N GLN A 3 15.94 -10.76 12.63
CA GLN A 3 15.05 -11.91 12.47
C GLN A 3 13.59 -11.48 12.47
N GLY A 4 12.84 -11.96 11.48
CA GLY A 4 11.44 -11.61 11.38
C GLY A 4 10.64 -12.04 12.59
N HIS A 5 10.28 -11.09 13.44
CA HIS A 5 9.50 -11.38 14.64
C HIS A 5 8.02 -11.43 14.33
N ASP A 6 7.49 -10.33 13.80
CA ASP A 6 6.06 -10.26 13.45
C ASP A 6 5.85 -9.27 12.31
N THR A 7 4.80 -9.50 11.52
CA THR A 7 4.49 -8.63 10.39
C THR A 7 2.99 -8.46 10.24
N VAL A 8 2.26 -9.59 10.15
CA VAL A 8 0.81 -9.54 9.98
C VAL A 8 0.11 -9.94 11.28
N GLN A 9 -1.03 -9.30 11.55
CA GLN A 9 -1.79 -9.58 12.75
C GLN A 9 -3.29 -9.71 12.45
N PRO A 10 -3.85 -10.93 12.63
CA PRO A 10 -5.27 -11.18 12.37
C PRO A 10 -6.18 -10.22 13.13
N ASN A 11 -7.43 -10.12 12.67
CA ASN A 11 -8.45 -9.24 13.28
C ASN A 11 -8.60 -7.95 12.47
N PHE A 12 -9.01 -8.09 11.22
CA PHE A 12 -9.19 -6.95 10.34
C PHE A 12 -10.68 -6.65 10.16
N GLN A 13 -11.02 -5.37 10.08
CA GLN A 13 -12.41 -4.95 9.92
C GLN A 13 -12.56 -3.97 8.76
N GLN A 14 -12.97 -4.49 7.61
CA GLN A 14 -13.15 -3.68 6.42
C GLN A 14 -14.29 -2.67 6.61
N ASP A 15 -15.17 -2.94 7.58
CA ASP A 15 -16.31 -2.06 7.84
C ASP A 15 -15.87 -0.64 8.12
N LYS A 16 -14.76 -0.47 8.85
CA LYS A 16 -14.26 0.85 9.18
C LYS A 16 -12.93 1.13 8.47
N PHE A 17 -12.76 0.53 7.30
CA PHE A 17 -11.54 0.72 6.52
C PHE A 17 -11.86 1.09 5.07
N LEU A 18 -12.75 0.31 4.45
CA LEU A 18 -13.15 0.56 3.07
C LEU A 18 -13.66 1.98 2.90
N GLY A 19 -13.26 2.61 1.78
CA GLY A 19 -13.68 3.98 1.51
C GLY A 19 -12.57 4.82 0.93
N ARG A 20 -12.74 6.13 0.99
CA ARG A 20 -11.73 7.06 0.47
C ARG A 20 -10.64 7.30 1.51
N TRP A 21 -9.42 7.56 1.04
CA TRP A 21 -8.30 7.81 1.93
C TRP A 21 -7.32 8.80 1.30
N TYR A 22 -6.31 9.19 2.06
CA TYR A 22 -5.30 10.12 1.58
C TYR A 22 -3.90 9.52 1.67
N SER A 23 -3.03 9.90 0.74
CA SER A 23 -1.67 9.38 0.72
C SER A 23 -0.91 9.83 1.98
N ALA A 24 -0.76 8.91 2.93
CA ALA A 24 -0.06 9.20 4.16
C ALA A 24 1.38 8.69 4.11
N GLY A 25 1.53 7.45 3.69
CA GLY A 25 2.85 6.85 3.61
C GLY A 25 2.87 5.60 2.76
N LEU A 26 3.97 5.38 2.04
CA LEU A 26 4.10 4.20 1.19
C LEU A 26 5.55 3.84 0.99
N ALA A 27 5.82 2.55 0.75
CA ALA A 27 7.18 2.09 0.55
C ALA A 27 7.20 0.82 -0.30
N SER A 28 8.32 0.58 -0.99
CA SER A 28 8.46 -0.59 -1.83
C SER A 28 9.82 -1.24 -1.61
N ASN A 29 9.82 -2.49 -1.17
CA ASN A 29 11.06 -3.21 -0.91
C ASN A 29 12.06 -3.03 -2.05
N SER A 30 11.54 -2.91 -3.27
CA SER A 30 12.39 -2.74 -4.45
C SER A 30 11.59 -2.90 -5.75
N SER A 31 12.28 -3.28 -6.83
CA SER A 31 11.65 -3.48 -8.13
C SER A 31 11.41 -2.15 -8.82
N TRP A 32 10.72 -2.19 -9.96
CA TRP A 32 10.42 -0.98 -10.70
C TRP A 32 9.84 0.09 -9.78
N PHE A 33 9.25 -0.36 -8.67
CA PHE A 33 8.65 0.54 -7.70
C PHE A 33 9.72 1.42 -7.04
N ARG A 34 10.82 0.82 -6.60
CA ARG A 34 11.88 1.60 -5.95
C ARG A 34 12.47 2.61 -6.92
N GLU A 35 12.51 2.25 -8.20
CA GLU A 35 13.06 3.12 -9.23
C GLU A 35 12.07 4.24 -9.60
N LYS A 36 10.78 3.96 -9.44
CA LYS A 36 9.74 4.93 -9.76
C LYS A 36 9.12 5.54 -8.50
N LYS A 37 9.63 5.14 -7.33
CA LYS A 37 9.12 5.66 -6.07
C LYS A 37 9.39 7.15 -5.94
N ALA A 38 10.59 7.55 -6.35
CA ALA A 38 10.99 8.96 -6.27
C ALA A 38 10.14 9.84 -7.17
N VAL A 39 9.38 9.24 -8.07
CA VAL A 39 8.54 10.01 -8.99
C VAL A 39 7.05 9.90 -8.64
N LEU A 40 6.74 9.26 -7.51
CA LEU A 40 5.35 9.14 -7.09
C LEU A 40 5.14 9.84 -5.75
N TYR A 41 4.60 11.05 -5.82
CA TYR A 41 4.33 11.85 -4.64
C TYR A 41 2.88 11.71 -4.19
N MET A 42 2.39 12.67 -3.40
CA MET A 42 1.02 12.65 -2.91
C MET A 42 0.03 12.24 -3.99
N CYS A 43 -1.02 11.53 -3.59
CA CYS A 43 -2.04 11.06 -4.52
C CYS A 43 -3.31 10.65 -3.78
N LYS A 44 -4.43 10.66 -4.49
CA LYS A 44 -5.72 10.28 -3.89
C LYS A 44 -5.93 8.78 -3.99
N THR A 45 -6.43 8.17 -2.91
CA THR A 45 -6.67 6.74 -2.87
C THR A 45 -8.07 6.43 -2.34
N VAL A 46 -8.71 5.43 -2.91
CA VAL A 46 -10.05 5.03 -2.48
C VAL A 46 -10.24 3.52 -2.62
N VAL A 47 -10.33 2.84 -1.49
CA VAL A 47 -10.52 1.39 -1.48
C VAL A 47 -11.93 1.02 -1.00
N ALA A 48 -12.85 0.88 -1.95
CA ALA A 48 -14.22 0.53 -1.62
C ALA A 48 -14.56 -0.88 -2.12
N PRO A 49 -15.67 -1.45 -1.64
CA PRO A 49 -16.09 -2.80 -2.06
C PRO A 49 -16.45 -2.87 -3.54
N SER A 50 -15.84 -3.80 -4.24
CA SER A 50 -16.08 -3.96 -5.67
C SER A 50 -17.50 -4.47 -5.93
N THR A 51 -18.00 -4.20 -7.13
CA THR A 51 -19.35 -4.64 -7.51
C THR A 51 -19.43 -6.16 -7.59
N GLU A 52 -18.28 -6.83 -7.63
CA GLU A 52 -18.25 -8.28 -7.70
C GLU A 52 -18.10 -8.89 -6.31
N GLY A 53 -18.38 -8.10 -5.28
CA GLY A 53 -18.27 -8.59 -3.91
C GLY A 53 -16.84 -8.75 -3.47
N GLY A 54 -16.08 -7.66 -3.53
CA GLY A 54 -14.69 -7.70 -3.12
C GLY A 54 -14.19 -6.32 -2.70
N LEU A 55 -13.14 -5.86 -3.36
CA LEU A 55 -12.57 -4.54 -3.06
C LEU A 55 -12.00 -3.91 -4.31
N ASN A 56 -12.02 -2.58 -4.35
CA ASN A 56 -11.50 -1.84 -5.50
C ASN A 56 -10.76 -0.60 -5.04
N LEU A 57 -9.43 -0.63 -5.14
CA LEU A 57 -8.61 0.49 -4.75
C LEU A 57 -8.28 1.37 -5.95
N THR A 58 -8.84 2.57 -5.97
CA THR A 58 -8.61 3.50 -7.07
C THR A 58 -7.55 4.53 -6.71
N SER A 59 -6.60 4.73 -7.63
CA SER A 59 -5.53 5.69 -7.43
C SER A 59 -5.46 6.66 -8.60
N THR A 60 -5.24 7.93 -8.31
CA THR A 60 -5.16 8.96 -9.35
C THR A 60 -4.50 10.23 -8.83
N PHE A 61 -3.64 10.81 -9.65
CA PHE A 61 -2.94 12.04 -9.28
C PHE A 61 -2.80 12.96 -10.49
N LEU A 62 -3.56 14.04 -10.51
CA LEU A 62 -3.53 14.99 -11.61
C LEU A 62 -3.98 16.38 -11.16
N ARG A 63 -3.01 17.24 -10.82
CA ARG A 63 -3.31 18.59 -10.37
C ARG A 63 -2.03 19.35 -10.06
N LYS A 64 -1.05 18.66 -9.49
CA LYS A 64 0.23 19.27 -9.14
C LYS A 64 1.20 19.23 -10.32
N ASN A 65 1.65 18.03 -10.66
CA ASN A 65 2.60 17.86 -11.76
C ASN A 65 2.72 16.40 -12.17
N GLN A 66 2.64 15.50 -11.19
CA GLN A 66 2.76 14.07 -11.47
C GLN A 66 1.41 13.50 -11.91
N ALA A 67 1.40 12.83 -13.05
CA ALA A 67 0.18 12.24 -13.57
C ALA A 67 0.06 10.77 -13.18
N GLU A 68 -1.02 10.44 -12.46
CA GLU A 68 -1.26 9.07 -12.02
C GLU A 68 -2.74 8.73 -12.15
N THR A 69 -3.02 7.45 -12.37
CA THR A 69 -4.39 6.99 -12.51
C THR A 69 -4.44 5.47 -12.73
N LYS A 70 -5.07 4.75 -11.80
CA LYS A 70 -5.18 3.31 -11.90
C LYS A 70 -6.34 2.78 -11.05
N ILE A 71 -6.58 1.47 -11.15
CA ILE A 71 -7.65 0.84 -10.39
C ILE A 71 -7.31 -0.61 -10.06
N MET A 72 -7.14 -0.90 -8.78
CA MET A 72 -6.80 -2.24 -8.32
C MET A 72 -8.02 -2.90 -7.64
N VAL A 73 -8.06 -4.22 -7.65
CA VAL A 73 -9.16 -4.95 -7.01
C VAL A 73 -8.64 -5.97 -6.00
N LEU A 74 -8.93 -5.73 -4.72
CA LEU A 74 -8.49 -6.62 -3.64
C LEU A 74 -9.58 -7.60 -3.24
N GLN A 75 -9.22 -8.88 -3.19
CA GLN A 75 -10.17 -9.93 -2.82
C GLN A 75 -9.64 -10.71 -1.61
N PRO A 76 -10.53 -11.07 -0.67
CA PRO A 76 -10.14 -11.82 0.53
C PRO A 76 -9.53 -13.18 0.19
N ALA A 77 -8.63 -13.63 1.06
CA ALA A 77 -7.96 -14.92 0.86
C ALA A 77 -7.94 -15.74 2.14
N GLY A 78 -9.13 -16.04 2.65
CA GLY A 78 -9.23 -16.82 3.88
C GLY A 78 -9.08 -15.97 5.12
N ALA A 79 -7.84 -15.79 5.57
CA ALA A 79 -7.57 -15.00 6.75
C ALA A 79 -8.02 -13.55 6.56
N PRO A 80 -8.18 -12.80 7.67
CA PRO A 80 -8.62 -11.40 7.61
C PRO A 80 -7.54 -10.49 7.05
N GLY A 81 -6.32 -10.69 7.51
CA GLY A 81 -5.20 -9.89 7.03
C GLY A 81 -4.55 -10.52 5.82
N HIS A 82 -5.35 -11.20 5.01
CA HIS A 82 -4.82 -11.85 3.81
C HIS A 82 -5.76 -11.66 2.62
N TYR A 83 -5.24 -11.02 1.58
CA TYR A 83 -6.01 -10.79 0.36
C TYR A 83 -5.08 -10.73 -0.85
N THR A 84 -5.67 -10.67 -2.04
CA THR A 84 -4.88 -10.61 -3.27
C THR A 84 -5.59 -9.73 -4.30
N TYR A 85 -4.82 -8.93 -5.04
CA TYR A 85 -5.40 -8.07 -6.06
C TYR A 85 -4.66 -8.20 -7.37
N SER A 86 -5.42 -8.29 -8.46
CA SER A 86 -4.85 -8.43 -9.79
C SER A 86 -3.98 -7.22 -10.13
N SER A 87 -2.67 -7.37 -9.96
CA SER A 87 -1.73 -6.29 -10.25
C SER A 87 -1.00 -6.55 -11.56
N PRO A 88 -1.15 -5.67 -12.56
CA PRO A 88 -0.49 -5.82 -13.86
C PRO A 88 1.00 -6.15 -13.73
N HIS A 89 1.61 -6.48 -14.88
CA HIS A 89 3.03 -6.83 -14.92
C HIS A 89 3.28 -8.26 -14.47
N SER A 90 2.24 -9.10 -14.58
CA SER A 90 2.35 -10.51 -14.19
C SER A 90 0.98 -11.17 -14.19
N GLY A 91 0.35 -11.23 -15.35
CA GLY A 91 -0.97 -11.84 -15.46
C GLY A 91 -1.94 -11.29 -14.44
N SER A 92 -1.62 -10.11 -13.91
CA SER A 92 -2.46 -9.46 -12.91
C SER A 92 -2.68 -10.36 -11.70
N ILE A 93 -1.59 -10.68 -11.07
CA ILE A 93 -1.59 -11.52 -9.88
C ILE A 93 -0.76 -10.88 -8.77
N HIS A 94 -1.37 -10.67 -7.60
CA HIS A 94 -0.66 -10.07 -6.47
C HIS A 94 -1.23 -10.54 -5.14
N SER A 95 -0.42 -10.43 -4.09
CA SER A 95 -0.83 -10.84 -2.76
C SER A 95 -0.61 -9.72 -1.75
N VAL A 96 -1.58 -9.50 -0.88
CA VAL A 96 -1.48 -8.45 0.13
C VAL A 96 -1.94 -8.94 1.50
N SER A 97 -1.31 -8.42 2.55
CA SER A 97 -1.66 -8.81 3.92
C SER A 97 -1.69 -7.58 4.83
N VAL A 98 -2.40 -7.72 5.95
CA VAL A 98 -2.51 -6.64 6.93
C VAL A 98 -1.45 -6.76 8.01
N VAL A 99 -0.82 -5.63 8.36
CA VAL A 99 0.22 -5.63 9.38
C VAL A 99 -0.25 -4.98 10.67
N GLU A 100 -1.34 -4.22 10.61
CA GLU A 100 -1.86 -3.57 11.81
C GLU A 100 -3.29 -3.08 11.59
N ALA A 101 -3.44 -1.87 11.05
CA ALA A 101 -4.76 -1.28 10.81
C ALA A 101 -5.49 -1.02 12.13
N ASN A 102 -5.99 0.21 12.28
CA ASN A 102 -6.70 0.58 13.49
C ASN A 102 -8.06 1.21 13.16
N TYR A 103 -8.97 1.19 14.13
CA TYR A 103 -10.31 1.76 13.94
C TYR A 103 -10.29 3.27 14.08
N ASP A 104 -10.81 3.95 13.08
CA ASP A 104 -10.90 5.42 13.08
C ASP A 104 -9.51 6.07 13.14
N GLU A 105 -8.46 5.27 13.09
CA GLU A 105 -7.10 5.79 13.16
C GLU A 105 -6.44 5.78 11.79
N TYR A 106 -6.16 4.58 11.29
CA TYR A 106 -5.53 4.42 9.98
C TYR A 106 -5.54 2.97 9.54
N ALA A 107 -5.18 2.74 8.28
CA ALA A 107 -5.14 1.39 7.73
C ALA A 107 -3.75 1.06 7.20
N LEU A 108 -3.23 -0.09 7.62
CA LEU A 108 -1.90 -0.51 7.18
C LEU A 108 -1.98 -1.83 6.43
N LEU A 109 -1.56 -1.81 5.17
CA LEU A 109 -1.58 -3.00 4.34
C LEU A 109 -0.25 -3.17 3.60
N PHE A 110 0.14 -4.42 3.38
CA PHE A 110 1.39 -4.71 2.68
C PHE A 110 1.11 -5.45 1.37
N SER A 111 1.76 -4.98 0.30
CA SER A 111 1.59 -5.59 -1.00
C SER A 111 2.83 -6.39 -1.40
N ARG A 112 2.65 -7.70 -1.60
CA ARG A 112 3.76 -8.57 -1.97
C ARG A 112 3.45 -9.33 -3.26
N GLY A 113 4.43 -9.37 -4.16
CA GLY A 113 4.24 -10.06 -5.42
C GLY A 113 5.18 -11.24 -5.56
N THR A 114 4.65 -12.45 -5.38
CA THR A 114 5.45 -13.66 -5.50
C THR A 114 4.95 -14.53 -6.64
N LYS A 115 5.66 -14.49 -7.76
CA LYS A 115 5.29 -15.28 -8.93
C LYS A 115 6.48 -16.11 -9.41
N GLY A 116 6.19 -17.10 -10.26
CA GLY A 116 7.23 -17.99 -10.77
C GLY A 116 8.54 -17.26 -11.05
N PRO A 117 8.51 -16.18 -11.86
CA PRO A 117 9.70 -15.41 -12.21
C PRO A 117 10.65 -15.23 -11.01
N GLY A 118 10.08 -15.13 -9.83
CA GLY A 118 10.89 -14.96 -8.63
C GLY A 118 11.01 -13.51 -8.21
N GLN A 119 10.11 -12.67 -8.72
CA GLN A 119 10.13 -11.25 -8.39
C GLN A 119 10.18 -11.03 -6.87
N ASP A 120 9.25 -11.66 -6.17
CA ASP A 120 9.19 -11.55 -4.71
C ASP A 120 9.34 -10.10 -4.24
N PHE A 121 8.62 -9.19 -4.90
CA PHE A 121 8.68 -7.79 -4.55
C PHE A 121 7.55 -7.40 -3.60
N ARG A 122 7.91 -6.71 -2.52
CA ARG A 122 6.92 -6.29 -1.53
C ARG A 122 6.92 -4.78 -1.37
N MET A 123 5.80 -4.26 -0.87
CA MET A 123 5.65 -2.81 -0.66
C MET A 123 4.70 -2.53 0.49
N ALA A 124 4.98 -1.48 1.24
CA ALA A 124 4.13 -1.09 2.36
C ALA A 124 3.24 0.09 2.00
N THR A 125 1.98 0.03 2.41
CA THR A 125 1.03 1.09 2.11
C THR A 125 0.45 1.68 3.40
N LEU A 126 0.39 3.00 3.44
CA LEU A 126 -0.13 3.74 4.58
C LEU A 126 -1.23 4.71 4.13
N TYR A 127 -2.44 4.51 4.62
CA TYR A 127 -3.56 5.35 4.25
C TYR A 127 -3.90 6.37 5.33
N SER A 128 -4.30 7.56 4.89
CA SER A 128 -4.67 8.63 5.80
C SER A 128 -6.15 8.94 5.69
N ARG A 129 -6.86 8.90 6.81
CA ARG A 129 -8.28 9.17 6.84
C ARG A 129 -8.57 10.53 7.46
N THR A 130 -7.57 11.40 7.44
CA THR A 130 -7.71 12.74 8.00
C THR A 130 -6.85 13.73 7.22
N GLN A 131 -5.57 13.83 7.58
CA GLN A 131 -4.65 14.74 6.92
C GLN A 131 -3.39 14.95 7.75
N THR A 132 -2.90 13.87 8.36
CA THR A 132 -1.71 13.95 9.20
C THR A 132 -1.08 12.57 9.38
N LEU A 133 -0.06 12.51 10.23
CA LEU A 133 0.64 11.26 10.51
C LEU A 133 0.23 10.70 11.87
N LYS A 134 0.60 9.45 12.12
CA LYS A 134 0.27 8.79 13.38
C LYS A 134 1.49 8.09 13.96
N ASP A 135 1.69 8.24 15.27
CA ASP A 135 2.81 7.61 15.95
C ASP A 135 2.74 6.10 15.83
N GLU A 136 1.55 5.54 16.02
CA GLU A 136 1.36 4.11 15.91
C GLU A 136 1.69 3.62 14.51
N LEU A 137 1.09 4.26 13.51
CA LEU A 137 1.33 3.90 12.12
C LEU A 137 2.79 4.15 11.77
N LYS A 138 3.28 5.32 12.14
CA LYS A 138 4.67 5.68 11.88
C LYS A 138 5.60 4.65 12.50
N GLU A 139 5.31 4.27 13.74
CA GLU A 139 6.11 3.30 14.46
C GLU A 139 5.87 1.88 13.94
N LYS A 140 4.63 1.60 13.55
CA LYS A 140 4.26 0.27 13.05
C LYS A 140 4.91 -0.02 11.70
N PHE A 141 4.89 0.95 10.79
CA PHE A 141 5.46 0.74 9.47
C PHE A 141 6.99 0.73 9.55
N THR A 142 7.55 1.66 10.33
CA THR A 142 8.99 1.75 10.49
C THR A 142 9.56 0.46 11.07
N THR A 143 9.01 0.04 12.21
CA THR A 143 9.45 -1.18 12.87
C THR A 143 9.26 -2.40 11.98
N PHE A 144 8.05 -2.56 11.47
CA PHE A 144 7.73 -3.69 10.60
C PHE A 144 8.64 -3.72 9.38
N SER A 145 9.24 -2.58 9.06
CA SER A 145 10.14 -2.46 7.91
C SER A 145 11.11 -3.64 7.83
N LYS A 146 11.76 -3.93 8.96
CA LYS A 146 12.72 -5.03 9.01
C LYS A 146 12.01 -6.37 8.81
N ALA A 147 10.77 -6.46 9.31
CA ALA A 147 10.00 -7.68 9.18
C ALA A 147 9.56 -7.92 7.74
N GLN A 148 9.44 -6.83 6.97
CA GLN A 148 9.04 -6.93 5.57
C GLN A 148 10.17 -6.52 4.63
N GLY A 149 11.40 -6.51 5.15
CA GLY A 149 12.54 -6.13 4.34
C GLY A 149 12.33 -4.82 3.60
N LEU A 150 11.49 -3.96 4.16
CA LEU A 150 11.19 -2.68 3.55
C LEU A 150 12.43 -1.78 3.55
N THR A 151 12.41 -0.75 2.72
CA THR A 151 13.53 0.18 2.61
C THR A 151 13.09 1.62 2.85
N GLU A 152 13.77 2.29 3.76
CA GLU A 152 13.45 3.69 4.09
C GLU A 152 13.75 4.61 2.91
N GLU A 153 14.76 4.24 2.12
CA GLU A 153 15.14 5.04 0.97
C GLU A 153 14.12 4.92 -0.16
N ASP A 154 13.18 3.98 -0.02
CA ASP A 154 12.14 3.77 -1.02
C ASP A 154 10.76 3.96 -0.41
N ILE A 155 10.62 4.98 0.42
CA ILE A 155 9.35 5.27 1.08
C ILE A 155 8.87 6.69 0.79
N VAL A 156 7.58 6.83 0.49
CA VAL A 156 7.01 8.14 0.20
C VAL A 156 5.95 8.50 1.24
N PHE A 157 6.19 9.56 1.99
CA PHE A 157 5.27 9.99 3.04
C PHE A 157 4.64 11.34 2.71
N LEU A 158 3.39 11.30 2.23
CA LEU A 158 2.63 12.50 1.88
C LEU A 158 3.52 13.67 1.49
N PRO A 159 4.32 13.52 0.42
CA PRO A 159 5.22 14.59 -0.05
C PRO A 159 4.47 15.85 -0.44
N GLN A 160 5.21 16.96 -0.54
CA GLN A 160 4.61 18.23 -0.91
C GLN A 160 4.80 18.51 -2.40
N PRO A 161 4.16 19.57 -2.92
CA PRO A 161 4.27 19.93 -4.35
C PRO A 161 5.66 20.42 -4.73
N ASP A 162 6.65 19.55 -4.55
CA ASP A 162 8.02 19.89 -4.89
C ASP A 162 8.36 19.39 -6.29
N LYS A 163 7.31 18.99 -7.03
CA LYS A 163 7.47 18.49 -8.39
C LYS A 163 8.23 19.48 -9.26
N ALA A 164 9.55 19.30 -9.35
CA ALA A 164 10.39 20.17 -10.15
C ALA A 164 10.50 19.65 -11.58
N ILE A 165 10.30 20.54 -12.55
CA ILE A 165 10.37 20.18 -13.97
C ILE A 165 9.63 18.88 -14.24
N GLN A 166 8.58 18.63 -13.46
CA GLN A 166 7.78 17.42 -13.62
C GLN A 166 6.49 17.71 -14.39
N GLU A 167 6.61 18.55 -15.42
CA GLU A 167 5.45 18.91 -16.24
C GLU A 167 4.39 19.61 -15.39
#